data_6V93
#
_entry.id   6V93
#
_cell.length_a   1.00
_cell.length_b   1.00
_cell.length_c   1.00
_cell.angle_alpha   90.00
_cell.angle_beta   90.00
_cell.angle_gamma   90.00
#
_symmetry.space_group_name_H-M   'P 1'
#
loop_
_entity.id
_entity.type
_entity.pdbx_description
1 polymer 'DNA polymerase zeta catalytic subunit'
2 polymer 'DNA polymerase zeta processivity subunit'
3 polymer 'DNA polymerase delta small subunit'
4 polymer 'DNA polymerase delta subunit 3'
5 polymer DNA
6 non-polymer 'IRON/SULFUR CLUSTER'
7 non-polymer 'CALCIUM ION'
8 non-polymer "2'-DEOXYCYTIDINE-5'-TRIPHOSPHATE"
9 water water
#
loop_
_entity_poly.entity_id
_entity_poly.type
_entity_poly.pdbx_seq_one_letter_code
_entity_poly.pdbx_strand_id
1 'polypeptide(L)'
;MDYKDDDDKGDHNHRHKHGDPLEVLFQGPGGDPHMSRESNDTIQSDTVRSSSKSDYFRIQLNNQDYYMSKPTFLDPSHGE
SLPLNQFSQVPNIRVFGALPTGHQVLCHVHGILPYMFIKYDGQITDTSTLRHQRCAQVHKTLEVKIRASFKRKKDDKHDL
AGDKLGNLNFVADVSVVKGIPFYGYHVGWNLFYKISLLNPSCLSRISELIRDGKIFGKKFEIYESHIPYLLQWTADFNLF
GCSWINVDRCYFRSPVLNSILDIDKLTINDDLQLLLDRFCDFKCNVLSRRDFPRVGNGLIEIDILPQFIKNREKLQHRDI
HHDFLEKLGDISDIPVKPYVSSARDMINELTMQREELSLKEYKEPPETKRHVSGHQWQSSGEFEAFYKKAQHKTSTFDGQ
IPNFENFIDKNQKFSAINTPYEALPQLWPRLPQIEINNNSMQDKKNDDQVNASFTEYEICGVDNENEGVKGSNIKSRSYS
WLPESIASPKDSTILLDHQTKYHNTINFSMDCAMTQNMASKRKLRSSVSANKTSLLSRKRKKVMAAGLRYGKRAFVYGEP
PFGYQDILNKLEDEGFPKIDYKDPFFSNPVDLENKPYAYAGKRFEISSTHVSTRIPVQFGGETVSVYNKPTFDMFSSWKY
ALKPPTYDAVQKWYNKVPSMGNKKTESQISMHTPHSKFLYKFASDVSGKQKRKKSSVHDSLTHLTLEIHANTRSDKIPDP
AIDEVSMIIWCLEEETFPLDLDIAYEGIMIVHKASEDSTFPTKIQHCINEIPVMFYESEFEMFEALTDLVLLLDPDILSG
FEIHNFSWGYIIERCQKIHQFDIVRELARVKCQIKTKLSDTWGYAHSSGIMITGRHMINIWRALRSDVNLTQYTIESAAF
NILHKRLPHFSFESLTNMWNAKKSTTELKTVLNYWLSRAQINIQLLRKQDYIARNIEQARLIGIDFHSVYYRGSQFKVES
FLIRICKSESFILLSPGKKDVRKQKALECVPLVMEPESAFYKSPLIVLDFQSLYPSIMIGYNYCYSTMIGRVREINLTEN
NLGVSKFSLPRNILALLKNDVTIAPNGVVYAKTSVRKSTLSKMLTDILDVRVMIKKTMNEIGDDNTTLKRLLNNKQLALK
LLANVTYGYTSASFSGRMPCSDLADSIVQTGRETLEKAIDIIEKDETWNAKVVYGDTDSLFVYLPGKTAIEAFSIGHAMA
ERVTQNNPKPIFLKFEKVYHPSILISKKRYVGFSYESPSQTLPIFDAKGIETVRRDGIPAQQKIIEKCIRLLFQTKDLSK
IKKYLQNEFFKIQIGKVSAQDFCFAKEVKLGAYKSEKTAPAGAVVVKRRINEDHRAEPQYKERIPYLVVKGKQGQLLRER
CVSPEEFLEGENLELDSEYYINKILIPPLDRLFNLIGINVGNWAQEIVKSKRASTTTTKVENITRVGTSATCCNCGEELT
KICSLQLCDDCLEKRSTTTLSFLIKKLKRQKEYQTLKTVCRTCSYRYTSDAGIENDHIASKCNSYDCPVFYSRVKAERYL
RDNQSVQREEALISLNDW
;
A
2 'polypeptide(L)'
;MNRWVEKWLRVYLKCYINLILFYRNVYPPQSFDYTTYQSFNLPQFVPINRHPALIDYIEELILDVLSKLTHVYRFSICII
NKKNDLCIEKYVLDFSELQHVDKDDQIITETEVFDEFRSSLNSLIMHLEKLPKVNDDTITFEAVINAIELELGHKLDRNR
RVDSLEEKAEIERDSNWVKCQEDENLPDNNGFQPPKIKLTSLVGSDVGPLIIHQFSEKLISGDDKILNGVYSQYEEGESI
FGSLF
;
D,E
3 'polypeptide(L)'
;GPGGDLHMDALLTKFNEDRSLQDENLSQPRTRVRIVDDNLYNKSNPFQLCYKKRDYGSQYYHIYQYRLKTFRERVLKECD
KRWDAGFTLNGQLVLKKDKVLDIQGNQPCWCVGSIYCEMKYKPNVLDEVINDTYGAPDLTKSYTDKEGGSDEIMLEDESG
RVLLVGDFIRSTPFITGVVVGILGMEAEAGTFQVLDICYPTPLPQNPFPAPIATCPTRGKIALVSGLNLNNTSPDRLLRL
EILREFLMGRINNKIDDISLIGRLLICGNSVDFDIKSVNKDELMISLTEFSKFLHNILPSISVDIMPGTNDPSDKSLPQQ
PFHKSLFDKSLESYFNGSNKEILNLVTNPYEFSYNGVDVLAVSGKNINDICKYVIPSNDNGESENKVEEGESNDFKDDIE
HRLDLMECTMKWQNIAPTAPDTLWCYPYTDKDPFVLDKWPHVYIVANQPYFGTRVVEIGGKNIKIISVPEFSSTGMIILL
DLETLEAETVKIDI
;
F
4 'polypeptide(L)'
;MDQKASYFINEKLFTEVKPVLFTDLIHHLKIGPSMAKKLMFDYYKQTTNAKYNCVVICCYKDQTIKIIHDLSNIPQQDSI
IDCFIYAFNPMDSFIPYYDIIDQKDCLTIKNSYELKVSESSKIIERTKTLEEKSKPLVRPTARSKTTPEETTGRKSKSKD
MGLRSTALLAKMKKDRDDKETSRQNELRKRKEENLQKINKQNPEREAQMKELNNLFVEDDLDTEEVNGGSKPNSPKETDS
NDKDKNNDDLEDLLETTAEDSLMDVPKIQQTKPSETEHSKEPKSEEEPSSFIDEDGYIVTKRPATSTPPRKPSPVVKRAL
SSSKKQETPSSNKRLKKQGTLESFFKRKAK
;
G
5 'polydeoxyribonucleotide'
;(DT)(DA)(DA)(DT)(DG)(DG)(DT)(DA)(DG)(DG)(DG)(DG)(DA)(DG)(DG)(DG)(DA)(DA)(DT)(DC)
(DC)(DC)(DT)(DC)(DC)(DC)(DC)(DT)(DA)(DC)
;
P,T
#
# COMPACT_ATOMS: atom_id res chain seq x y z
N SER A 54 -47.83 17.70 5.21
CA SER A 54 -48.72 18.36 4.26
C SER A 54 -50.17 17.95 4.51
N ASP A 55 -51.05 18.37 3.60
CA ASP A 55 -52.47 18.05 3.68
C ASP A 55 -52.83 16.79 2.90
N TYR A 56 -51.83 16.02 2.45
CA TYR A 56 -52.07 14.83 1.66
C TYR A 56 -51.53 13.60 2.38
N PHE A 57 -52.12 12.45 2.09
CA PHE A 57 -51.61 11.17 2.55
C PHE A 57 -50.46 10.75 1.62
N ARG A 58 -49.25 10.70 2.14
CA ARG A 58 -48.06 10.46 1.33
C ARG A 58 -47.60 9.01 1.48
N ILE A 59 -47.44 8.32 0.35
CA ILE A 59 -46.97 6.95 0.30
C ILE A 59 -45.80 6.88 -0.66
N GLN A 60 -44.71 6.25 -0.24
CA GLN A 60 -43.53 6.10 -1.07
C GLN A 60 -43.60 4.78 -1.85
N LEU A 61 -42.94 4.75 -3.01
CA LEU A 61 -42.88 3.53 -3.82
C LEU A 61 -41.64 2.75 -3.44
N ASN A 62 -41.79 1.76 -2.57
CA ASN A 62 -40.71 0.84 -2.26
C ASN A 62 -40.76 -0.42 -3.10
N ASN A 63 -41.95 -0.93 -3.37
CA ASN A 63 -42.13 -2.12 -4.20
C ASN A 63 -43.57 -2.16 -4.67
N GLN A 64 -43.78 -2.74 -5.85
CA GLN A 64 -45.11 -2.80 -6.44
C GLN A 64 -45.30 -4.13 -7.15
N ASP A 65 -46.55 -4.59 -7.19
CA ASP A 65 -46.91 -5.83 -7.86
C ASP A 65 -48.40 -5.81 -8.13
N TYR A 66 -48.82 -6.64 -9.09
CA TYR A 66 -50.21 -6.70 -9.49
C TYR A 66 -50.75 -8.13 -9.33
N TYR A 67 -52.06 -8.23 -9.18
CA TYR A 67 -52.73 -9.52 -9.06
C TYR A 67 -54.14 -9.38 -9.62
N MET A 68 -54.83 -10.51 -9.72
CA MET A 68 -56.19 -10.55 -10.26
C MET A 68 -57.17 -10.84 -9.14
N SER A 69 -58.37 -10.26 -9.24
CA SER A 69 -59.40 -10.43 -8.23
C SER A 69 -60.76 -10.17 -8.86
N LYS A 70 -61.80 -10.55 -8.13
CA LYS A 70 -63.16 -10.34 -8.61
C LYS A 70 -63.54 -8.86 -8.50
N PRO A 71 -64.39 -8.37 -9.40
CA PRO A 71 -64.77 -6.96 -9.36
C PRO A 71 -65.70 -6.64 -8.20
N THR A 72 -65.21 -5.86 -7.24
CA THR A 72 -66.02 -5.40 -6.12
C THR A 72 -66.66 -4.06 -6.49
N PHE A 73 -67.26 -3.38 -5.51
CA PHE A 73 -67.85 -2.08 -5.79
C PHE A 73 -66.83 -0.97 -5.89
N LEU A 74 -65.56 -1.24 -5.60
CA LEU A 74 -64.47 -0.30 -5.81
C LEU A 74 -63.75 -0.51 -7.13
N ASP A 75 -64.19 -1.49 -7.93
CA ASP A 75 -63.59 -1.81 -9.21
C ASP A 75 -64.61 -1.59 -10.33
N PRO A 76 -64.15 -1.22 -11.53
CA PRO A 76 -65.09 -1.08 -12.65
C PRO A 76 -65.57 -2.44 -13.12
N SER A 77 -66.88 -2.52 -13.39
CA SER A 77 -67.49 -3.76 -13.84
C SER A 77 -68.15 -3.64 -15.20
N HIS A 78 -68.17 -2.45 -15.80
CA HIS A 78 -68.80 -2.27 -17.10
C HIS A 78 -67.86 -1.57 -18.08
N GLY A 79 -68.40 -1.17 -19.23
CA GLY A 79 -67.64 -0.44 -20.20
C GLY A 79 -68.55 0.42 -21.06
N GLU A 80 -68.00 0.91 -22.16
CA GLU A 80 -68.75 1.72 -23.10
C GLU A 80 -69.06 1.02 -24.40
N SER A 81 -68.20 0.08 -24.84
CA SER A 81 -68.48 -0.68 -26.05
C SER A 81 -69.50 -1.77 -25.80
N LEU A 82 -69.25 -2.63 -24.81
CA LEU A 82 -70.17 -3.70 -24.41
C LEU A 82 -70.52 -3.48 -22.95
N PRO A 83 -71.48 -2.59 -22.66
CA PRO A 83 -71.81 -2.29 -21.26
C PRO A 83 -72.60 -3.39 -20.59
N LEU A 84 -73.35 -4.17 -21.37
CA LEU A 84 -74.20 -5.22 -20.83
C LEU A 84 -73.43 -6.47 -20.43
N ASN A 85 -72.13 -6.53 -20.71
CA ASN A 85 -71.29 -7.66 -20.36
C ASN A 85 -70.34 -7.24 -19.25
N GLN A 86 -70.49 -7.83 -18.07
CA GLN A 86 -69.66 -7.47 -16.93
C GLN A 86 -68.29 -8.13 -17.04
N PHE A 87 -67.42 -7.82 -16.09
CA PHE A 87 -66.07 -8.36 -16.06
C PHE A 87 -66.00 -9.58 -15.15
N SER A 88 -65.14 -10.52 -15.51
CA SER A 88 -64.91 -11.71 -14.68
C SER A 88 -63.76 -11.52 -13.71
N GLN A 89 -62.75 -10.74 -14.08
CA GLN A 89 -61.61 -10.49 -13.22
C GLN A 89 -60.98 -9.17 -13.65
N VAL A 90 -60.63 -8.34 -12.66
CA VAL A 90 -60.01 -7.05 -12.93
C VAL A 90 -58.65 -7.00 -12.25
N PRO A 91 -57.68 -6.26 -12.77
CA PRO A 91 -56.37 -6.20 -12.14
C PRO A 91 -56.33 -5.18 -11.01
N ASN A 92 -55.57 -5.51 -9.97
CA ASN A 92 -55.37 -4.64 -8.83
C ASN A 92 -53.88 -4.53 -8.53
N ILE A 93 -53.39 -3.32 -8.35
CA ILE A 93 -51.99 -3.08 -8.07
C ILE A 93 -51.79 -2.95 -6.57
N ARG A 94 -50.79 -3.65 -6.05
CA ARG A 94 -50.41 -3.57 -4.64
C ARG A 94 -49.13 -2.75 -4.53
N VAL A 95 -49.19 -1.68 -3.74
CA VAL A 95 -48.07 -0.77 -3.56
C VAL A 95 -47.62 -0.88 -2.12
N PHE A 96 -46.46 -1.48 -1.89
CA PHE A 96 -45.87 -1.59 -0.56
C PHE A 96 -45.05 -0.34 -0.30
N GLY A 97 -45.58 0.56 0.54
CA GLY A 97 -44.94 1.82 0.81
C GLY A 97 -44.84 2.08 2.30
N ALA A 98 -44.15 3.18 2.62
CA ALA A 98 -43.93 3.59 3.99
C ALA A 98 -44.42 5.02 4.17
N LEU A 99 -45.19 5.25 5.24
CA LEU A 99 -45.66 6.58 5.56
C LEU A 99 -44.48 7.49 5.92
N PRO A 100 -44.67 8.81 5.84
CA PRO A 100 -43.59 9.73 6.23
C PRO A 100 -43.16 9.59 7.69
N THR A 101 -43.94 8.92 8.52
CA THR A 101 -43.56 8.69 9.91
C THR A 101 -42.67 7.46 10.08
N GLY A 102 -42.68 6.54 9.13
CA GLY A 102 -41.88 5.33 9.19
C GLY A 102 -42.67 4.04 9.24
N HIS A 103 -44.00 4.08 9.17
CA HIS A 103 -44.82 2.88 9.24
C HIS A 103 -45.15 2.40 7.83
N GLN A 104 -44.95 1.11 7.59
CA GLN A 104 -45.25 0.54 6.29
C GLN A 104 -46.76 0.45 6.07
N VAL A 105 -47.16 0.56 4.80
CA VAL A 105 -48.57 0.59 4.43
C VAL A 105 -48.73 -0.16 3.11
N LEU A 106 -49.81 -0.92 3.01
CA LEU A 106 -50.18 -1.64 1.79
C LEU A 106 -51.35 -0.93 1.14
N CYS A 107 -51.21 -0.63 -0.16
CA CYS A 107 -52.21 0.12 -0.90
C CYS A 107 -52.70 -0.71 -2.07
N HIS A 108 -54.03 -0.85 -2.18
CA HIS A 108 -54.66 -1.57 -3.28
C HIS A 108 -55.22 -0.53 -4.25
N VAL A 109 -54.54 -0.35 -5.37
CA VAL A 109 -54.95 0.60 -6.39
C VAL A 109 -55.91 -0.08 -7.35
N HIS A 110 -57.11 0.48 -7.49
CA HIS A 110 -58.16 -0.10 -8.33
C HIS A 110 -58.32 0.72 -9.59
N GLY A 111 -59.01 0.13 -10.57
CA GLY A 111 -59.39 0.82 -11.79
C GLY A 111 -58.29 1.01 -12.82
N ILE A 112 -57.06 0.61 -12.53
CA ILE A 112 -55.96 0.76 -13.47
C ILE A 112 -55.97 -0.44 -14.42
N LEU A 113 -56.30 -0.20 -15.68
CA LEU A 113 -56.41 -1.25 -16.68
C LEU A 113 -55.37 -1.02 -17.77
N PRO A 114 -54.63 -2.05 -18.18
CA PRO A 114 -53.67 -1.88 -19.26
C PRO A 114 -54.37 -1.68 -20.60
N TYR A 115 -53.63 -1.13 -21.56
CA TYR A 115 -54.21 -0.81 -22.85
C TYR A 115 -53.12 -0.81 -23.91
N MET A 116 -53.55 -0.72 -25.16
CA MET A 116 -52.66 -0.65 -26.31
C MET A 116 -53.45 -0.09 -27.48
N PHE A 117 -52.75 0.56 -28.40
CA PHE A 117 -53.38 1.29 -29.50
C PHE A 117 -53.14 0.56 -30.82
N ILE A 118 -54.15 0.62 -31.69
CA ILE A 118 -54.05 0.17 -33.06
C ILE A 118 -54.67 1.23 -33.96
N LYS A 119 -54.33 1.17 -35.24
CA LYS A 119 -54.78 2.17 -36.19
C LYS A 119 -56.28 2.05 -36.43
N TYR A 120 -56.96 3.19 -36.45
CA TYR A 120 -58.39 3.23 -36.73
C TYR A 120 -58.65 2.78 -38.16
N ASP A 121 -59.77 2.08 -38.35
CA ASP A 121 -60.11 1.53 -39.66
C ASP A 121 -61.08 2.38 -40.45
N GLY A 122 -61.99 3.09 -39.78
CA GLY A 122 -62.96 3.92 -40.45
C GLY A 122 -62.37 5.26 -40.87
N GLN A 123 -63.25 6.18 -41.22
CA GLN A 123 -62.87 7.51 -41.65
C GLN A 123 -63.18 8.53 -40.56
N ILE A 124 -62.54 9.69 -40.67
CA ILE A 124 -62.73 10.76 -39.69
C ILE A 124 -64.06 11.48 -39.84
N THR A 125 -64.89 11.06 -40.80
CA THR A 125 -66.19 11.69 -41.05
C THR A 125 -67.34 10.93 -40.38
N ASP A 126 -67.08 10.23 -39.29
CA ASP A 126 -68.14 9.52 -38.59
C ASP A 126 -69.01 10.49 -37.81
N THR A 127 -70.21 10.04 -37.47
CA THR A 127 -71.20 10.86 -36.79
C THR A 127 -71.32 10.55 -35.30
N SER A 128 -70.26 10.02 -34.70
CA SER A 128 -70.16 9.67 -33.28
C SER A 128 -71.06 8.51 -32.89
N THR A 129 -71.88 8.00 -33.81
CA THR A 129 -72.68 6.81 -33.58
C THR A 129 -72.10 5.57 -34.25
N LEU A 130 -71.47 5.74 -35.42
CA LEU A 130 -70.77 4.63 -36.05
C LEU A 130 -69.52 4.25 -35.26
N ARG A 131 -68.96 5.20 -34.49
CA ARG A 131 -67.80 4.90 -33.67
C ARG A 131 -68.11 3.82 -32.64
N HIS A 132 -69.24 3.96 -31.95
CA HIS A 132 -69.61 2.96 -30.94
C HIS A 132 -69.89 1.61 -31.59
N GLN A 133 -70.50 1.61 -32.77
CA GLN A 133 -70.76 0.35 -33.47
C GLN A 133 -69.45 -0.34 -33.84
N ARG A 134 -68.49 0.42 -34.37
CA ARG A 134 -67.20 -0.16 -34.73
C ARG A 134 -66.46 -0.66 -33.49
N CYS A 135 -66.54 0.08 -32.39
CA CYS A 135 -65.88 -0.35 -31.15
C CYS A 135 -66.50 -1.64 -30.63
N ALA A 136 -67.83 -1.73 -30.63
CA ALA A 136 -68.49 -2.97 -30.21
C ALA A 136 -68.11 -4.14 -31.11
N GLN A 137 -68.04 -3.89 -32.42
CA GLN A 137 -67.69 -4.96 -33.35
C GLN A 137 -66.27 -5.45 -33.12
N VAL A 138 -65.30 -4.54 -32.96
CA VAL A 138 -63.93 -4.98 -32.76
C VAL A 138 -63.78 -5.63 -31.38
N HIS A 139 -64.54 -5.18 -30.38
CA HIS A 139 -64.51 -5.82 -29.07
C HIS A 139 -65.00 -7.26 -29.17
N LYS A 140 -66.14 -7.47 -29.85
CA LYS A 140 -66.66 -8.82 -30.02
C LYS A 140 -65.69 -9.70 -30.78
N THR A 141 -65.10 -9.18 -31.86
CA THR A 141 -64.16 -9.96 -32.65
C THR A 141 -62.94 -10.34 -31.82
N LEU A 142 -62.36 -9.38 -31.11
CA LEU A 142 -61.21 -9.65 -30.27
C LEU A 142 -61.52 -10.70 -29.21
N GLU A 143 -62.66 -10.56 -28.52
CA GLU A 143 -63.01 -11.49 -27.47
C GLU A 143 -63.21 -12.90 -28.02
N VAL A 144 -63.93 -13.02 -29.14
CA VAL A 144 -64.17 -14.34 -29.72
C VAL A 144 -62.87 -14.99 -30.15
N LYS A 145 -62.00 -14.22 -30.84
CA LYS A 145 -60.76 -14.79 -31.33
C LYS A 145 -59.82 -15.17 -30.20
N ILE A 146 -59.78 -14.36 -29.13
CA ILE A 146 -58.91 -14.70 -28.00
C ILE A 146 -59.42 -15.92 -27.26
N ARG A 147 -60.74 -16.02 -27.07
CA ARG A 147 -61.30 -17.22 -26.45
C ARG A 147 -61.07 -18.45 -27.30
N ALA A 148 -61.09 -18.30 -28.62
CA ALA A 148 -60.82 -19.45 -29.48
C ALA A 148 -59.35 -19.85 -29.44
N SER A 149 -58.46 -18.87 -29.35
CA SER A 149 -57.02 -19.16 -29.34
C SER A 149 -56.61 -19.80 -28.01
N PHE A 150 -56.92 -19.14 -26.90
CA PHE A 150 -56.53 -19.64 -25.58
C PHE A 150 -57.45 -20.74 -25.07
N LYS A 151 -58.43 -21.17 -25.85
CA LYS A 151 -59.36 -22.23 -25.47
C LYS A 151 -60.07 -21.93 -24.15
N LYS A 164 -73.44 -16.31 -25.53
CA LYS A 164 -73.87 -14.99 -25.97
C LYS A 164 -72.82 -13.94 -25.63
N LEU A 165 -71.58 -14.40 -25.44
CA LEU A 165 -70.44 -13.53 -25.14
C LEU A 165 -70.71 -12.69 -23.89
N GLY A 166 -70.85 -13.41 -22.78
CA GLY A 166 -71.06 -12.76 -21.49
C GLY A 166 -69.88 -12.93 -20.56
N ASN A 167 -69.75 -12.04 -19.57
CA ASN A 167 -68.66 -12.06 -18.60
C ASN A 167 -67.30 -11.99 -19.30
N LEU A 168 -67.07 -10.82 -19.90
CA LEU A 168 -65.80 -10.52 -20.55
C LEU A 168 -64.61 -10.90 -19.66
N ASN A 169 -63.66 -11.62 -20.25
CA ASN A 169 -62.51 -12.13 -19.51
C ASN A 169 -61.17 -11.59 -19.98
N PHE A 170 -61.06 -11.12 -21.22
CA PHE A 170 -59.78 -10.66 -21.76
C PHE A 170 -59.80 -9.19 -22.15
N VAL A 171 -60.82 -8.76 -22.89
CA VAL A 171 -60.92 -7.38 -23.36
C VAL A 171 -61.98 -6.66 -22.54
N ALA A 172 -61.65 -5.46 -22.06
CA ALA A 172 -62.55 -4.68 -21.23
C ALA A 172 -63.39 -3.71 -22.06
N ASP A 173 -62.75 -2.83 -22.82
CA ASP A 173 -63.46 -1.85 -23.62
C ASP A 173 -62.57 -1.37 -24.74
N VAL A 174 -63.20 -0.85 -25.79
CA VAL A 174 -62.51 -0.26 -26.93
C VAL A 174 -63.09 1.12 -27.18
N SER A 175 -62.23 2.13 -27.23
CA SER A 175 -62.64 3.51 -27.45
C SER A 175 -61.91 4.06 -28.68
N VAL A 176 -62.19 5.33 -28.98
CA VAL A 176 -61.60 6.02 -30.12
C VAL A 176 -60.86 7.24 -29.59
N VAL A 177 -59.55 7.27 -29.76
CA VAL A 177 -58.73 8.37 -29.30
C VAL A 177 -57.95 8.94 -30.49
N LYS A 178 -57.62 10.22 -30.41
CA LYS A 178 -56.79 10.88 -31.38
C LYS A 178 -55.34 10.83 -30.93
N GLY A 179 -54.42 10.80 -31.89
CA GLY A 179 -53.02 10.67 -31.52
C GLY A 179 -52.11 11.19 -32.61
N ILE A 180 -50.81 11.21 -32.29
CA ILE A 180 -49.78 11.65 -33.21
C ILE A 180 -48.66 10.62 -33.17
N PRO A 181 -48.37 9.92 -34.27
CA PRO A 181 -47.34 8.88 -34.23
C PRO A 181 -45.97 9.44 -33.89
N PHE A 182 -45.17 8.61 -33.23
CA PHE A 182 -43.84 9.02 -32.79
C PHE A 182 -42.73 8.47 -33.67
N TYR A 183 -42.94 7.32 -34.31
CA TYR A 183 -41.94 6.72 -35.19
C TYR A 183 -42.07 7.35 -36.58
N GLY A 184 -41.50 8.54 -36.71
CA GLY A 184 -41.57 9.31 -37.93
C GLY A 184 -42.09 10.70 -37.68
N TYR A 185 -42.01 11.52 -38.74
CA TYR A 185 -42.46 12.90 -38.67
C TYR A 185 -43.91 12.96 -39.14
N HIS A 186 -44.83 13.04 -38.18
CA HIS A 186 -46.25 13.27 -38.44
C HIS A 186 -46.67 14.56 -37.77
N VAL A 187 -47.44 15.38 -38.47
CA VAL A 187 -47.77 16.72 -37.99
C VAL A 187 -49.28 16.85 -37.89
N GLY A 188 -50.00 15.74 -38.04
CA GLY A 188 -51.45 15.77 -38.03
C GLY A 188 -52.02 14.76 -37.06
N TRP A 189 -53.26 15.02 -36.67
CA TRP A 189 -53.98 14.10 -35.78
C TRP A 189 -54.26 12.78 -36.49
N ASN A 190 -54.03 11.69 -35.78
CA ASN A 190 -54.37 10.35 -36.27
C ASN A 190 -55.30 9.69 -35.27
N LEU A 191 -56.31 8.99 -35.78
CA LEU A 191 -57.27 8.30 -34.94
C LEU A 191 -56.76 6.90 -34.60
N PHE A 192 -56.90 6.54 -33.33
CA PHE A 192 -56.47 5.23 -32.85
C PHE A 192 -57.57 4.58 -32.05
N TYR A 193 -57.41 3.29 -31.81
CA TYR A 193 -58.22 2.55 -30.86
C TYR A 193 -57.52 2.49 -29.51
N LYS A 194 -58.29 2.18 -28.47
CA LYS A 194 -57.73 1.97 -27.13
C LYS A 194 -58.31 0.66 -26.60
N ILE A 195 -57.54 -0.42 -26.76
CA ILE A 195 -57.99 -1.75 -26.36
C ILE A 195 -57.61 -1.93 -24.90
N SER A 196 -58.50 -1.52 -24.00
CA SER A 196 -58.29 -1.71 -22.58
C SER A 196 -58.46 -3.19 -22.24
N LEU A 197 -57.41 -3.81 -21.72
CA LEU A 197 -57.43 -5.23 -21.40
C LEU A 197 -57.68 -5.43 -19.90
N LEU A 198 -57.89 -6.68 -19.53
CA LEU A 198 -58.14 -7.05 -18.14
C LEU A 198 -56.94 -7.70 -17.47
N ASN A 199 -56.38 -8.75 -18.08
CA ASN A 199 -55.21 -9.41 -17.53
C ASN A 199 -53.97 -8.92 -18.25
N PRO A 200 -53.10 -8.14 -17.60
CA PRO A 200 -51.91 -7.62 -18.29
C PRO A 200 -50.89 -8.69 -18.65
N SER A 201 -50.84 -9.81 -17.90
CA SER A 201 -49.83 -10.82 -18.15
C SER A 201 -49.92 -11.38 -19.57
N CYS A 202 -51.14 -11.57 -20.07
CA CYS A 202 -51.33 -12.06 -21.42
C CYS A 202 -51.33 -10.95 -22.47
N LEU A 203 -51.20 -9.69 -22.05
CA LEU A 203 -51.27 -8.56 -22.97
C LEU A 203 -50.35 -8.76 -24.17
N SER A 204 -49.05 -8.94 -23.91
CA SER A 204 -48.10 -9.17 -24.98
C SER A 204 -48.55 -10.31 -25.89
N ARG A 205 -48.99 -11.41 -25.29
CA ARG A 205 -49.47 -12.54 -26.09
C ARG A 205 -50.58 -12.10 -27.03
N ILE A 206 -51.55 -11.34 -26.51
CA ILE A 206 -52.62 -10.83 -27.36
C ILE A 206 -52.06 -10.05 -28.52
N SER A 207 -51.07 -9.19 -28.26
CA SER A 207 -50.43 -8.44 -29.35
C SER A 207 -49.83 -9.40 -30.38
N GLU A 208 -49.15 -10.45 -29.90
CA GLU A 208 -48.57 -11.42 -30.81
C GLU A 208 -49.60 -12.05 -31.73
N LEU A 209 -50.88 -12.00 -31.36
CA LEU A 209 -51.92 -12.44 -32.27
C LEU A 209 -52.30 -11.34 -33.25
N ILE A 210 -52.57 -10.13 -32.74
CA ILE A 210 -53.06 -9.05 -33.59
C ILE A 210 -51.99 -8.67 -34.61
N ARG A 211 -50.72 -8.65 -34.19
CA ARG A 211 -49.64 -8.33 -35.09
C ARG A 211 -49.37 -9.44 -36.11
N ASP A 212 -49.90 -10.64 -35.87
CA ASP A 212 -49.70 -11.76 -36.78
C ASP A 212 -50.85 -11.93 -37.77
N GLY A 213 -51.92 -11.17 -37.63
CA GLY A 213 -53.06 -11.33 -38.52
C GLY A 213 -53.98 -12.47 -38.16
N LYS A 214 -53.89 -12.99 -36.93
CA LYS A 214 -54.73 -14.11 -36.53
C LYS A 214 -56.12 -13.66 -36.10
N ILE A 215 -56.24 -12.45 -35.58
CA ILE A 215 -57.55 -11.95 -35.15
C ILE A 215 -58.35 -11.46 -36.35
N PHE A 216 -57.84 -10.46 -37.05
CA PHE A 216 -58.50 -9.92 -38.22
C PHE A 216 -57.97 -10.61 -39.48
N GLY A 217 -58.30 -10.07 -40.65
CA GLY A 217 -57.79 -10.60 -41.89
C GLY A 217 -56.48 -9.98 -42.30
N LYS A 218 -56.29 -8.70 -41.95
CA LYS A 218 -55.09 -7.96 -42.28
C LYS A 218 -54.23 -7.78 -41.03
N LYS A 219 -52.92 -7.63 -41.25
CA LYS A 219 -51.99 -7.42 -40.15
C LYS A 219 -52.10 -5.99 -39.64
N PHE A 220 -52.07 -5.85 -38.31
CA PHE A 220 -52.20 -4.55 -37.66
C PHE A 220 -50.97 -4.30 -36.80
N GLU A 221 -50.36 -3.13 -36.98
CA GLU A 221 -49.24 -2.74 -36.12
C GLU A 221 -49.74 -2.38 -34.73
N ILE A 222 -48.96 -2.75 -33.72
CA ILE A 222 -49.34 -2.54 -32.33
C ILE A 222 -48.58 -1.33 -31.79
N TYR A 223 -49.28 -0.47 -31.07
CA TYR A 223 -48.72 0.75 -30.52
C TYR A 223 -48.79 0.70 -29.00
N GLU A 224 -47.66 1.00 -28.35
CA GLU A 224 -47.56 1.06 -26.89
C GLU A 224 -47.95 -0.29 -26.26
N SER A 225 -47.18 -1.32 -26.60
CA SER A 225 -47.31 -2.62 -25.98
C SER A 225 -46.01 -3.13 -25.36
N HIS A 226 -44.85 -2.61 -25.76
CA HIS A 226 -43.59 -2.95 -25.13
C HIS A 226 -43.40 -2.27 -23.79
N ILE A 227 -44.31 -1.36 -23.42
CA ILE A 227 -44.27 -0.70 -22.12
C ILE A 227 -45.07 -1.56 -21.13
N PRO A 228 -44.46 -2.06 -20.07
CA PRO A 228 -45.18 -2.93 -19.13
C PRO A 228 -46.30 -2.20 -18.42
N TYR A 229 -47.11 -2.98 -17.70
CA TYR A 229 -48.29 -2.45 -17.04
C TYR A 229 -47.92 -1.48 -15.92
N LEU A 230 -46.93 -1.84 -15.10
CA LEU A 230 -46.53 -0.98 -14.01
C LEU A 230 -45.93 0.33 -14.51
N LEU A 231 -45.16 0.25 -15.61
CA LEU A 231 -44.58 1.48 -16.17
C LEU A 231 -45.65 2.38 -16.74
N GLN A 232 -46.66 1.81 -17.43
CA GLN A 232 -47.78 2.62 -17.88
C GLN A 232 -48.49 3.28 -16.71
N TRP A 233 -48.72 2.53 -15.63
CA TRP A 233 -49.41 3.10 -14.48
C TRP A 233 -48.61 4.25 -13.88
N THR A 234 -47.30 4.07 -13.72
CA THR A 234 -46.48 5.12 -13.13
C THR A 234 -46.36 6.34 -14.05
N ALA A 235 -46.37 6.13 -15.37
CA ALA A 235 -46.23 7.26 -16.29
C ALA A 235 -47.54 8.03 -16.42
N ASP A 236 -48.67 7.33 -16.35
CA ASP A 236 -49.96 8.00 -16.51
C ASP A 236 -50.33 8.88 -15.32
N PHE A 237 -49.73 8.64 -14.16
CA PHE A 237 -50.10 9.37 -12.95
C PHE A 237 -48.94 10.16 -12.35
N ASN A 238 -47.86 10.37 -13.10
CA ASN A 238 -46.72 11.17 -12.66
C ASN A 238 -46.12 10.60 -11.37
N LEU A 239 -45.97 9.28 -11.31
CA LEU A 239 -45.42 8.60 -10.15
C LEU A 239 -43.97 8.19 -10.43
N PHE A 240 -43.14 8.29 -9.41
CA PHE A 240 -41.73 7.94 -9.52
C PHE A 240 -41.35 6.94 -8.43
N GLY A 241 -40.39 6.08 -8.75
CA GLY A 241 -39.92 5.13 -7.75
C GLY A 241 -39.25 5.83 -6.59
N CYS A 242 -39.50 5.32 -5.39
CA CYS A 242 -38.97 5.89 -4.14
C CYS A 242 -39.40 7.34 -3.95
N SER A 243 -40.56 7.71 -4.52
CA SER A 243 -41.13 9.03 -4.36
C SER A 243 -42.53 8.91 -3.77
N TRP A 244 -43.06 10.04 -3.31
CA TRP A 244 -44.31 10.03 -2.58
C TRP A 244 -45.52 10.00 -3.51
N ILE A 245 -46.58 9.33 -3.06
CA ILE A 245 -47.86 9.31 -3.74
C ILE A 245 -48.78 10.25 -2.97
N ASN A 246 -48.90 11.48 -3.45
CA ASN A 246 -49.76 12.48 -2.80
C ASN A 246 -51.21 12.15 -3.13
N VAL A 247 -51.94 11.63 -2.15
CA VAL A 247 -53.34 11.27 -2.31
C VAL A 247 -54.12 11.88 -1.15
N ASP A 248 -55.31 12.41 -1.45
CA ASP A 248 -56.09 13.14 -0.46
C ASP A 248 -57.19 12.32 0.19
N ARG A 249 -57.56 11.17 -0.38
CA ARG A 249 -58.60 10.33 0.20
C ARG A 249 -58.15 8.88 0.15
N CYS A 250 -58.63 8.09 1.11
CA CYS A 250 -58.26 6.69 1.22
C CYS A 250 -59.50 5.89 1.63
N TYR A 251 -59.32 4.57 1.71
CA TYR A 251 -60.36 3.66 2.21
C TYR A 251 -59.67 2.63 3.08
N PHE A 252 -59.96 2.65 4.37
CA PHE A 252 -59.33 1.72 5.30
C PHE A 252 -60.08 0.40 5.34
N ARG A 253 -59.40 -0.62 5.85
CA ARG A 253 -59.84 -2.00 5.81
C ARG A 253 -60.01 -2.52 7.24
N SER A 254 -60.15 -3.84 7.36
CA SER A 254 -60.22 -4.59 8.62
C SER A 254 -59.13 -4.09 9.56
N PRO A 255 -59.26 -4.30 10.90
CA PRO A 255 -58.75 -3.32 11.87
C PRO A 255 -57.50 -2.55 11.48
N VAL A 256 -57.60 -1.22 11.55
CA VAL A 256 -56.58 -0.34 10.99
C VAL A 256 -55.21 -0.68 11.55
N LEU A 257 -55.11 -0.76 12.87
CA LEU A 257 -53.89 -1.18 13.54
C LEU A 257 -53.83 -2.69 13.54
N ASN A 258 -52.93 -3.26 12.76
CA ASN A 258 -52.84 -4.71 12.63
C ASN A 258 -52.31 -5.34 13.91
N SER A 259 -52.86 -6.51 14.23
CA SER A 259 -52.50 -7.23 15.44
C SER A 259 -51.93 -8.60 15.10
N ILE A 260 -51.00 -8.64 14.15
CA ILE A 260 -50.43 -9.92 13.73
C ILE A 260 -49.86 -10.68 14.92
N LEU A 261 -48.85 -10.11 15.57
CA LEU A 261 -48.41 -10.62 16.86
C LEU A 261 -48.56 -9.61 17.98
N ASP A 262 -47.90 -8.44 17.90
CA ASP A 262 -48.15 -7.38 18.85
C ASP A 262 -48.03 -5.97 18.28
N ILE A 263 -47.78 -5.82 16.97
CA ILE A 263 -47.31 -4.55 16.43
C ILE A 263 -48.31 -3.41 16.52
N ASP A 264 -49.52 -3.66 17.00
CA ASP A 264 -50.50 -2.58 17.14
C ASP A 264 -50.20 -1.67 18.32
N LYS A 265 -49.18 -1.96 19.12
CA LYS A 265 -48.89 -1.18 20.32
C LYS A 265 -47.48 -0.60 20.33
N LEU A 266 -46.48 -1.35 19.85
CA LEU A 266 -45.10 -0.89 19.94
C LEU A 266 -44.77 0.14 18.86
N THR A 267 -45.39 0.05 17.69
CA THR A 267 -45.02 0.91 16.57
C THR A 267 -45.83 2.20 16.51
N ILE A 268 -47.02 2.24 17.11
CA ILE A 268 -47.83 3.45 17.07
C ILE A 268 -47.20 4.54 17.92
N ASN A 269 -47.28 5.79 17.44
CA ASN A 269 -46.78 6.94 18.17
C ASN A 269 -47.81 8.06 18.00
N ASP A 270 -47.42 9.28 18.40
CA ASP A 270 -48.34 10.41 18.32
C ASP A 270 -48.53 10.88 16.88
N ASP A 271 -47.48 10.82 16.06
CA ASP A 271 -47.61 11.28 14.67
C ASP A 271 -48.53 10.37 13.87
N LEU A 272 -48.34 9.05 14.00
CA LEU A 272 -49.23 8.11 13.31
C LEU A 272 -50.67 8.27 13.78
N GLN A 273 -50.87 8.54 15.07
CA GLN A 273 -52.22 8.74 15.57
C GLN A 273 -52.85 9.99 14.97
N LEU A 274 -52.07 11.04 14.79
CA LEU A 274 -52.59 12.23 14.12
C LEU A 274 -52.94 11.95 12.67
N LEU A 275 -52.07 11.23 11.96
CA LEU A 275 -52.37 10.86 10.57
C LEU A 275 -53.64 10.04 10.48
N LEU A 276 -53.84 9.13 11.43
CA LEU A 276 -55.06 8.31 11.43
C LEU A 276 -56.29 9.16 11.72
N ASP A 277 -56.21 10.01 12.74
CA ASP A 277 -57.35 10.86 13.09
C ASP A 277 -57.68 11.86 11.98
N ARG A 278 -56.73 12.18 11.11
CA ARG A 278 -57.00 13.14 10.04
C ARG A 278 -57.69 12.47 8.86
N PHE A 279 -57.34 11.22 8.55
CA PHE A 279 -57.83 10.56 7.35
C PHE A 279 -58.77 9.39 7.62
N CYS A 280 -58.85 8.90 8.85
CA CYS A 280 -59.73 7.78 9.19
C CYS A 280 -60.90 8.31 10.03
N ASP A 281 -62.12 8.02 9.58
CA ASP A 281 -63.32 8.49 10.27
C ASP A 281 -64.03 7.39 11.05
N PHE A 282 -63.82 6.13 10.71
CA PHE A 282 -64.38 4.95 11.37
C PHE A 282 -65.89 4.86 11.23
N LYS A 283 -66.54 5.78 10.52
CA LYS A 283 -67.98 5.76 10.32
C LYS A 283 -68.36 5.44 8.87
N CYS A 284 -67.73 6.12 7.91
CA CYS A 284 -68.01 5.89 6.49
C CYS A 284 -66.73 5.79 5.68
N ASN A 285 -65.59 5.55 6.34
CA ASN A 285 -64.30 5.47 5.66
C ASN A 285 -63.68 4.08 5.72
N VAL A 286 -64.04 3.27 6.70
CA VAL A 286 -63.46 1.94 6.87
C VAL A 286 -64.32 0.92 6.15
N LEU A 287 -63.70 0.10 5.31
CA LEU A 287 -64.41 -0.95 4.59
C LEU A 287 -64.76 -2.09 5.55
N SER A 288 -65.78 -2.84 5.17
CA SER A 288 -66.24 -3.96 5.99
C SER A 288 -65.19 -5.06 6.02
N ARG A 289 -65.18 -5.82 7.12
CA ARG A 289 -64.24 -6.92 7.28
C ARG A 289 -64.65 -8.15 6.51
N ARG A 290 -65.94 -8.32 6.22
CA ARG A 290 -66.42 -9.50 5.51
C ARG A 290 -66.19 -9.43 4.01
N ASP A 291 -66.24 -8.23 3.42
CA ASP A 291 -66.04 -8.08 1.98
C ASP A 291 -64.61 -7.74 1.62
N PHE A 292 -63.89 -7.03 2.50
CA PHE A 292 -62.51 -6.61 2.24
C PHE A 292 -61.65 -6.99 3.44
N PRO A 293 -61.26 -8.26 3.55
CA PRO A 293 -60.34 -8.65 4.61
C PRO A 293 -58.90 -8.28 4.28
N ARG A 294 -58.09 -8.21 5.33
CA ARG A 294 -56.68 -7.85 5.18
C ARG A 294 -55.88 -9.02 4.61
N VAL A 295 -54.95 -8.71 3.71
CA VAL A 295 -54.07 -9.72 3.13
C VAL A 295 -52.63 -9.24 3.26
N GLY A 296 -52.37 -8.36 4.22
CA GLY A 296 -51.04 -7.82 4.41
C GLY A 296 -50.44 -8.13 5.76
N ASN A 297 -49.21 -8.65 5.77
CA ASN A 297 -48.51 -8.97 7.02
C ASN A 297 -47.72 -7.75 7.50
N GLY A 298 -48.45 -6.67 7.73
CA GLY A 298 -47.82 -5.45 8.19
C GLY A 298 -48.85 -4.51 8.79
N LEU A 299 -48.48 -3.23 8.83
CA LEU A 299 -49.32 -2.20 9.43
C LEU A 299 -50.44 -1.77 8.47
N ILE A 300 -51.03 -0.61 8.75
CA ILE A 300 -52.27 -0.13 8.15
C ILE A 300 -52.34 -0.41 6.66
N GLU A 301 -53.52 -0.85 6.21
CA GLU A 301 -53.77 -1.20 4.81
C GLU A 301 -54.89 -0.32 4.28
N ILE A 302 -54.69 0.24 3.09
CA ILE A 302 -55.61 1.21 2.51
C ILE A 302 -55.97 0.79 1.09
N ASP A 303 -57.05 1.38 0.58
CA ASP A 303 -57.48 1.20 -0.80
C ASP A 303 -57.77 2.58 -1.39
N ILE A 304 -57.22 2.85 -2.57
CA ILE A 304 -57.40 4.13 -3.22
C ILE A 304 -57.98 3.91 -4.61
N LEU A 305 -58.76 4.87 -5.06
CA LEU A 305 -59.31 4.93 -6.40
C LEU A 305 -58.41 5.77 -7.30
N PRO A 306 -58.51 5.60 -8.62
CA PRO A 306 -57.69 6.44 -9.51
C PRO A 306 -58.03 7.92 -9.43
N GLN A 307 -59.25 8.27 -9.04
CA GLN A 307 -59.61 9.66 -8.86
C GLN A 307 -58.90 10.31 -7.69
N PHE A 308 -58.45 9.50 -6.72
CA PHE A 308 -57.89 10.05 -5.49
C PHE A 308 -56.43 10.46 -5.66
N ILE A 309 -55.68 9.79 -6.54
CA ILE A 309 -54.27 10.09 -6.74
C ILE A 309 -54.15 11.49 -7.34
N LYS A 310 -53.57 12.41 -6.58
CA LYS A 310 -53.42 13.80 -7.00
C LYS A 310 -52.01 14.14 -7.46
N ASN A 311 -51.16 13.12 -7.67
CA ASN A 311 -49.86 13.37 -8.29
C ASN A 311 -50.03 13.82 -9.74
N ARG A 312 -51.06 13.33 -10.41
CA ARG A 312 -51.42 13.87 -11.72
C ARG A 312 -52.04 15.26 -11.54
N GLU A 313 -52.45 15.86 -12.66
CA GLU A 313 -52.88 17.25 -12.77
C GLU A 313 -51.72 18.22 -12.53
N LYS A 314 -50.53 17.73 -12.20
CA LYS A 314 -49.32 18.52 -12.20
C LYS A 314 -48.53 18.37 -13.48
N LEU A 315 -48.99 17.52 -14.40
CA LEU A 315 -48.35 17.35 -15.69
C LEU A 315 -48.76 18.46 -16.64
N GLN A 316 -47.82 18.90 -17.47
CA GLN A 316 -48.06 19.96 -18.44
C GLN A 316 -48.30 19.29 -19.79
N HIS A 317 -49.57 19.12 -20.15
CA HIS A 317 -49.92 18.50 -21.41
C HIS A 317 -49.91 19.53 -22.52
N ARG A 318 -49.14 19.28 -23.57
CA ARG A 318 -49.00 20.19 -24.70
C ARG A 318 -49.46 19.51 -25.97
N ASP A 319 -50.00 20.31 -26.89
CA ASP A 319 -50.49 19.85 -28.18
C ASP A 319 -49.84 20.64 -29.31
N ILE A 320 -48.52 20.79 -29.25
CA ILE A 320 -47.79 21.62 -30.20
C ILE A 320 -47.43 20.80 -31.43
N HIS A 321 -47.96 19.59 -31.54
CA HIS A 321 -47.65 18.71 -32.66
C HIS A 321 -48.84 18.46 -33.57
N HIS A 322 -50.00 19.08 -33.30
CA HIS A 322 -51.17 18.92 -34.15
C HIS A 322 -51.20 19.91 -35.30
N ASP A 323 -50.25 20.84 -35.34
CA ASP A 323 -50.17 21.86 -36.39
C ASP A 323 -48.78 22.47 -36.31
N PHE A 324 -48.45 23.28 -37.31
CA PHE A 324 -47.18 23.99 -37.33
C PHE A 324 -47.28 25.17 -36.36
N LEU A 325 -47.26 24.85 -35.07
CA LEU A 325 -47.38 25.86 -34.03
C LEU A 325 -46.02 26.42 -33.62
N GLU A 326 -44.98 25.58 -33.59
CA GLU A 326 -43.64 26.08 -33.30
C GLU A 326 -43.10 26.94 -34.44
N LYS A 327 -43.60 26.73 -35.65
CA LYS A 327 -43.23 27.56 -36.80
C LYS A 327 -44.04 28.84 -36.87
N LEU A 328 -45.11 28.96 -36.09
CA LEU A 328 -45.97 30.14 -36.08
C LEU A 328 -46.54 30.42 -37.47
N VAL A 336 -38.52 26.63 -19.45
CA VAL A 336 -39.04 25.73 -20.48
C VAL A 336 -38.10 24.54 -20.62
N LYS A 337 -36.84 24.73 -20.20
CA LYS A 337 -35.81 23.71 -20.31
C LYS A 337 -36.03 22.51 -19.38
N PRO A 338 -36.51 22.69 -18.13
CA PRO A 338 -36.72 21.53 -17.26
C PRO A 338 -37.89 20.66 -17.70
N TYR A 339 -37.66 19.81 -18.70
CA TYR A 339 -38.69 18.88 -19.13
C TYR A 339 -38.77 17.67 -18.21
N VAL A 340 -37.62 17.12 -17.81
CA VAL A 340 -37.57 16.01 -16.87
C VAL A 340 -37.76 16.59 -15.48
N SER A 341 -38.94 16.39 -14.89
CA SER A 341 -39.23 16.99 -13.59
C SER A 341 -38.41 16.36 -12.47
N SER A 342 -37.97 15.12 -12.64
CA SER A 342 -37.20 14.44 -11.60
C SER A 342 -35.76 14.92 -11.51
N ALA A 343 -35.30 15.75 -12.45
CA ALA A 343 -33.95 16.29 -12.42
C ALA A 343 -33.84 17.56 -11.59
N ARG A 344 -34.95 18.29 -11.43
CA ARG A 344 -34.91 19.51 -10.64
C ARG A 344 -34.59 19.22 -9.18
N ASP A 345 -35.10 18.11 -8.64
CA ASP A 345 -34.80 17.75 -7.26
C ASP A 345 -33.33 17.40 -7.09
N MET A 346 -32.76 16.68 -8.06
CA MET A 346 -31.32 16.37 -7.99
C MET A 346 -30.50 17.65 -8.10
N ILE A 347 -30.91 18.58 -8.96
CA ILE A 347 -30.21 19.85 -9.07
C ILE A 347 -30.28 20.60 -7.75
N ASN A 348 -31.45 20.61 -7.11
CA ASN A 348 -31.58 21.32 -5.83
C ASN A 348 -30.71 20.67 -4.75
N GLU A 349 -30.68 19.33 -4.71
CA GLU A 349 -29.81 18.66 -3.75
C GLU A 349 -28.35 18.98 -4.00
N LEU A 350 -27.96 19.09 -5.27
CA LEU A 350 -26.58 19.44 -5.59
C LEU A 350 -26.25 20.87 -5.16
N THR A 351 -27.16 21.81 -5.41
CA THR A 351 -26.94 23.18 -4.94
C THR A 351 -26.84 23.23 -3.42
N MET A 352 -27.67 22.46 -2.73
CA MET A 352 -27.61 22.45 -1.27
C MET A 352 -26.27 21.91 -0.78
N GLN A 353 -25.84 20.75 -1.31
CA GLN A 353 -24.61 20.14 -0.84
C GLN A 353 -23.37 20.88 -1.32
N ARG A 354 -23.49 21.76 -2.31
CA ARG A 354 -22.35 22.60 -2.68
C ARG A 354 -22.36 23.94 -1.95
N GLU A 355 -23.53 24.41 -1.52
CA GLU A 355 -23.58 25.59 -0.67
C GLU A 355 -23.11 25.27 0.74
N GLU A 356 -23.34 24.04 1.19
CA GLU A 356 -22.78 23.61 2.47
C GLU A 356 -21.25 23.61 2.45
N LEU A 357 -20.64 23.61 1.26
CA LEU A 357 -19.19 23.64 1.10
C LEU A 357 -18.69 25.04 0.75
N SER A 358 -19.49 26.08 1.00
CA SER A 358 -19.11 27.47 0.81
C SER A 358 -18.80 27.82 -0.65
N LEU A 359 -19.33 27.04 -1.60
CA LEU A 359 -19.18 27.39 -3.00
C LEU A 359 -20.15 28.52 -3.36
N LYS A 360 -19.68 29.44 -4.20
CA LYS A 360 -20.44 30.67 -4.48
C LYS A 360 -21.76 30.41 -5.16
N GLU A 361 -21.73 29.91 -6.40
CA GLU A 361 -22.93 29.75 -7.21
C GLU A 361 -22.52 29.03 -8.49
N TYR A 362 -23.52 28.56 -9.24
CA TYR A 362 -23.30 27.86 -10.50
C TYR A 362 -23.75 28.72 -11.67
N LYS A 363 -22.98 28.67 -12.75
CA LYS A 363 -23.26 29.45 -13.95
C LYS A 363 -22.45 28.88 -15.10
N GLU A 364 -22.95 29.07 -16.32
CA GLU A 364 -22.28 28.57 -17.52
C GLU A 364 -22.32 29.63 -18.61
N PRO A 365 -21.18 30.02 -19.16
CA PRO A 365 -21.15 31.03 -20.22
C PRO A 365 -21.30 30.40 -21.58
N PRO A 366 -22.08 31.00 -22.47
CA PRO A 366 -22.23 30.47 -23.83
C PRO A 366 -21.15 30.96 -24.77
N GLU A 367 -20.61 30.03 -25.55
CA GLU A 367 -19.55 30.34 -26.51
C GLU A 367 -20.17 30.66 -27.87
N THR A 368 -19.78 31.79 -28.44
CA THR A 368 -20.29 32.20 -29.75
C THR A 368 -19.70 31.29 -30.82
N LYS A 369 -20.53 30.39 -31.35
CA LYS A 369 -20.09 29.41 -32.33
C LYS A 369 -20.55 29.80 -33.72
N ARG A 370 -19.70 29.52 -34.71
CA ARG A 370 -19.95 29.85 -36.12
C ARG A 370 -19.79 28.58 -36.93
N HIS A 371 -20.90 27.87 -37.15
CA HIS A 371 -20.86 26.65 -37.94
C HIS A 371 -20.71 26.99 -39.42
N VAL A 372 -20.55 25.94 -40.22
CA VAL A 372 -20.42 26.09 -41.67
C VAL A 372 -21.74 26.58 -42.24
N SER A 373 -21.71 27.02 -43.50
CA SER A 373 -22.93 27.54 -44.14
C SER A 373 -24.06 26.52 -44.08
N GLY A 374 -23.74 25.24 -44.24
CA GLY A 374 -24.74 24.20 -44.11
C GLY A 374 -24.20 22.95 -43.46
N HIS A 375 -23.01 23.04 -42.86
CA HIS A 375 -22.32 21.90 -42.27
C HIS A 375 -22.21 20.76 -43.29
N GLN A 376 -21.83 21.12 -44.51
CA GLN A 376 -21.85 20.18 -45.61
C GLN A 376 -20.88 19.03 -45.39
N TRP A 377 -21.15 17.92 -46.07
CA TRP A 377 -20.32 16.72 -45.97
C TRP A 377 -19.88 16.26 -47.36
N GLN A 378 -19.32 15.06 -47.45
CA GLN A 378 -18.76 14.58 -48.72
C GLN A 378 -19.84 14.51 -49.80
N SER A 379 -20.97 13.87 -49.50
CA SER A 379 -22.04 13.67 -50.47
C SER A 379 -23.16 14.68 -50.32
N SER A 380 -22.84 15.91 -49.88
CA SER A 380 -23.87 16.92 -49.68
C SER A 380 -24.48 17.36 -51.01
N GLY A 381 -23.66 17.47 -52.06
CA GLY A 381 -24.20 17.82 -53.36
C GLY A 381 -25.14 16.76 -53.92
N GLU A 382 -24.75 15.49 -53.80
CA GLU A 382 -25.62 14.40 -54.21
C GLU A 382 -26.90 14.39 -53.40
N PHE A 383 -26.81 14.68 -52.09
CA PHE A 383 -28.00 14.72 -51.26
C PHE A 383 -28.93 15.85 -51.68
N GLU A 384 -28.37 17.02 -52.02
CA GLU A 384 -29.19 18.13 -52.49
C GLU A 384 -29.86 17.80 -53.82
N ALA A 385 -29.12 17.16 -54.74
CA ALA A 385 -29.71 16.77 -56.01
C ALA A 385 -30.83 15.76 -55.81
N PHE A 386 -30.63 14.78 -54.92
CA PHE A 386 -31.66 13.79 -54.66
C PHE A 386 -32.87 14.42 -54.00
N TYR A 387 -32.65 15.40 -53.11
CA TYR A 387 -33.78 16.09 -52.49
C TYR A 387 -34.56 16.88 -53.52
N LYS A 388 -33.87 17.52 -54.47
CA LYS A 388 -34.56 18.23 -55.54
C LYS A 388 -35.39 17.27 -56.39
N LYS A 389 -34.81 16.11 -56.72
CA LYS A 389 -35.54 15.11 -57.51
C LYS A 389 -36.77 14.61 -56.75
N ALA A 390 -36.63 14.38 -55.44
CA ALA A 390 -37.76 13.91 -54.65
C ALA A 390 -38.84 14.98 -54.52
N GLN A 391 -38.43 16.23 -54.35
CA GLN A 391 -39.39 17.33 -54.30
C GLN A 391 -40.14 17.46 -55.62
N HIS A 392 -39.44 17.24 -56.74
CA HIS A 392 -40.12 17.22 -58.04
C HIS A 392 -41.09 16.05 -58.13
N LYS A 393 -40.71 14.89 -57.57
CA LYS A 393 -41.58 13.73 -57.60
C LYS A 393 -42.79 13.94 -56.69
N THR A 394 -42.56 14.15 -55.40
CA THR A 394 -43.63 14.31 -54.42
C THR A 394 -44.16 15.74 -54.48
N SER A 395 -44.90 16.02 -55.54
CA SER A 395 -45.50 17.34 -55.73
C SER A 395 -46.63 17.22 -56.75
N THR A 396 -47.76 17.85 -56.44
CA THR A 396 -48.91 17.83 -57.32
C THR A 396 -49.75 19.10 -57.16
N GLY A 399 -50.29 21.70 -60.49
CA GLY A 399 -49.47 22.82 -60.11
C GLY A 399 -50.05 23.65 -58.99
N GLN A 400 -49.28 23.82 -57.92
CA GLN A 400 -49.73 24.59 -56.76
C GLN A 400 -48.50 24.97 -55.94
N ILE A 401 -48.73 25.64 -54.82
CA ILE A 401 -47.66 26.06 -53.93
C ILE A 401 -48.10 25.81 -52.48
N PRO A 402 -47.28 25.15 -51.67
CA PRO A 402 -47.67 24.88 -50.28
C PRO A 402 -47.30 26.02 -49.33
N ASN A 403 -48.19 26.25 -48.37
CA ASN A 403 -47.98 27.25 -47.34
C ASN A 403 -48.05 26.60 -45.96
N PHE A 404 -47.38 27.20 -44.99
CA PHE A 404 -47.34 26.64 -43.64
C PHE A 404 -48.68 26.79 -42.92
N GLU A 405 -49.58 27.63 -43.41
CA GLU A 405 -50.87 27.85 -42.78
C GLU A 405 -52.01 27.07 -43.43
N ASN A 406 -51.95 26.86 -44.74
CA ASN A 406 -53.02 26.19 -45.47
C ASN A 406 -52.68 24.75 -45.83
N PHE A 407 -51.56 24.23 -45.34
CA PHE A 407 -51.18 22.86 -45.67
C PHE A 407 -52.11 21.85 -45.00
N ILE A 408 -52.18 21.87 -43.68
CA ILE A 408 -53.07 20.97 -42.95
C ILE A 408 -54.50 21.47 -43.09
N ASP A 409 -55.39 20.60 -43.56
CA ASP A 409 -56.76 20.99 -43.80
C ASP A 409 -57.46 21.37 -42.50
N LYS A 410 -58.24 22.45 -42.54
CA LYS A 410 -59.01 22.89 -41.38
C LYS A 410 -60.39 22.23 -41.35
N ASN A 411 -60.39 20.90 -41.47
CA ASN A 411 -61.61 20.10 -41.39
C ASN A 411 -61.39 19.00 -40.37
N GLN A 412 -62.44 18.25 -40.09
CA GLN A 412 -62.42 17.19 -39.08
C GLN A 412 -61.94 17.76 -37.74
N LYS A 413 -62.78 18.65 -37.20
CA LYS A 413 -62.49 19.44 -36.00
C LYS A 413 -61.86 18.61 -34.88
N PHE A 414 -62.25 17.34 -34.76
CA PHE A 414 -61.69 16.43 -33.76
C PHE A 414 -61.91 16.97 -32.34
N SER A 415 -63.09 17.51 -32.09
CA SER A 415 -63.42 18.03 -30.78
C SER A 415 -64.01 16.97 -29.86
N ALA A 416 -64.87 16.10 -30.41
CA ALA A 416 -65.48 15.06 -29.59
C ALA A 416 -64.52 13.92 -29.28
N ILE A 417 -63.53 13.70 -30.15
CA ILE A 417 -62.58 12.61 -29.95
C ILE A 417 -61.67 12.94 -28.77
N ASN A 418 -61.47 11.96 -27.89
CA ASN A 418 -60.70 12.17 -26.66
C ASN A 418 -59.22 11.99 -26.90
N THR A 419 -58.43 12.80 -26.22
CA THR A 419 -56.97 12.72 -26.22
C THR A 419 -56.53 11.68 -25.17
N PRO A 420 -55.42 10.96 -25.42
CA PRO A 420 -54.95 9.95 -24.46
C PRO A 420 -54.98 10.36 -22.99
N TYR A 421 -54.58 11.59 -22.65
CA TYR A 421 -54.68 12.00 -21.26
C TYR A 421 -56.09 12.42 -20.86
N GLU A 422 -56.96 12.70 -21.83
CA GLU A 422 -58.36 12.95 -21.58
C GLU A 422 -59.21 11.69 -21.68
N ALA A 423 -58.62 10.57 -22.08
CA ALA A 423 -59.35 9.32 -22.25
C ALA A 423 -59.21 8.37 -21.09
N LEU A 424 -58.06 8.37 -20.41
CA LEU A 424 -57.86 7.49 -19.26
C LEU A 424 -58.75 7.83 -18.07
N PRO A 425 -59.18 9.09 -17.86
CA PRO A 425 -60.18 9.34 -16.82
C PRO A 425 -61.50 8.62 -17.05
N GLN A 426 -61.75 8.13 -18.27
CA GLN A 426 -62.94 7.33 -18.52
C GLN A 426 -62.74 5.92 -17.97
N LEU A 427 -63.85 5.20 -17.82
CA LEU A 427 -63.94 3.84 -17.29
C LEU A 427 -63.63 3.76 -15.80
N TRP A 428 -63.30 4.87 -15.16
CA TRP A 428 -63.17 4.87 -13.71
C TRP A 428 -64.55 4.61 -13.09
N PRO A 429 -64.66 3.71 -12.11
CA PRO A 429 -65.97 3.12 -11.79
C PRO A 429 -67.04 4.10 -11.39
N ARG A 430 -66.85 4.81 -10.27
CA ARG A 430 -67.88 5.69 -9.72
C ARG A 430 -67.40 6.35 -8.44
N LEU A 431 -68.21 7.23 -7.88
CA LEU A 431 -68.02 7.67 -6.50
C LEU A 431 -68.86 6.78 -5.59
N PRO A 432 -68.26 5.78 -4.95
CA PRO A 432 -69.04 4.78 -4.21
C PRO A 432 -69.63 5.37 -2.94
N GLN A 433 -70.55 4.61 -2.35
CA GLN A 433 -71.20 4.97 -1.10
C GLN A 433 -71.11 3.80 -0.12
N ILE A 434 -70.98 4.14 1.16
CA ILE A 434 -70.81 3.19 2.27
C ILE A 434 -69.98 1.98 1.89
N ALA A 546 33.36 52.75 -13.48
CA ALA A 546 32.21 51.98 -13.92
C ALA A 546 32.32 50.50 -13.59
N GLY A 547 32.80 49.73 -14.56
CA GLY A 547 32.96 48.30 -14.37
C GLY A 547 34.38 47.83 -14.62
N LEU A 548 34.54 46.57 -14.98
CA LEU A 548 35.87 46.03 -15.26
C LEU A 548 36.43 46.66 -16.54
N ARG A 549 37.58 47.31 -16.42
CA ARG A 549 38.20 47.95 -17.55
C ARG A 549 38.74 46.91 -18.53
N TYR A 550 38.93 47.34 -19.78
CA TYR A 550 39.41 46.43 -20.82
C TYR A 550 40.93 46.35 -20.83
N GLY A 551 41.61 47.49 -20.79
CA GLY A 551 43.05 47.53 -20.79
C GLY A 551 43.54 48.74 -21.57
N LYS A 552 44.86 48.80 -21.76
CA LYS A 552 45.46 49.92 -22.47
C LYS A 552 45.03 49.92 -23.94
N ARG A 553 45.34 48.85 -24.67
CA ARG A 553 44.94 48.69 -26.05
C ARG A 553 44.05 47.48 -26.16
N ALA A 554 42.84 47.67 -26.70
CA ALA A 554 41.87 46.60 -26.76
C ALA A 554 40.95 46.82 -27.95
N PHE A 555 40.30 45.73 -28.38
CA PHE A 555 39.34 45.74 -29.47
C PHE A 555 38.13 44.92 -29.06
N VAL A 556 37.11 44.89 -29.91
CA VAL A 556 35.89 44.15 -29.66
C VAL A 556 35.47 43.44 -30.94
N TYR A 557 34.94 42.23 -30.80
CA TYR A 557 34.44 41.46 -31.93
C TYR A 557 32.99 41.85 -32.21
N GLY A 558 32.49 41.38 -33.35
CA GLY A 558 31.12 41.64 -33.71
C GLY A 558 30.13 41.06 -32.72
N GLU A 559 28.94 41.63 -32.71
CA GLU A 559 27.91 41.19 -31.79
C GLU A 559 27.34 39.84 -32.24
N PRO A 560 27.07 38.92 -31.31
CA PRO A 560 26.47 37.65 -31.70
C PRO A 560 25.08 37.87 -32.29
N PRO A 561 24.62 36.97 -33.14
CA PRO A 561 23.34 37.20 -33.83
C PRO A 561 22.12 36.98 -32.96
N PHE A 562 22.22 36.08 -31.98
CA PHE A 562 21.08 35.67 -31.18
C PHE A 562 21.20 36.22 -29.76
N GLY A 563 20.04 36.35 -29.11
CA GLY A 563 19.99 36.75 -27.73
C GLY A 563 19.47 35.63 -26.85
N TYR A 564 18.99 35.97 -25.65
CA TYR A 564 18.48 34.95 -24.75
C TYR A 564 17.08 34.49 -25.15
N GLN A 565 16.32 35.33 -25.84
CA GLN A 565 14.95 35.01 -26.21
C GLN A 565 14.84 34.45 -27.62
N ASP A 566 15.54 35.08 -28.58
CA ASP A 566 15.43 34.66 -29.97
C ASP A 566 16.16 33.36 -30.27
N ILE A 567 16.94 32.85 -29.31
CA ILE A 567 17.77 31.67 -29.57
C ILE A 567 16.91 30.46 -29.91
N LEU A 568 15.91 30.16 -29.08
CA LEU A 568 15.09 28.98 -29.33
C LEU A 568 14.16 29.19 -30.53
N ASN A 569 13.65 30.41 -30.71
CA ASN A 569 12.79 30.70 -31.85
C ASN A 569 13.55 30.54 -33.16
N LYS A 570 14.84 30.86 -33.19
CA LYS A 570 15.63 30.64 -34.38
C LYS A 570 16.11 29.20 -34.48
N LEU A 571 16.23 28.51 -33.35
CA LEU A 571 16.62 27.11 -33.37
C LEU A 571 15.51 26.23 -33.91
N GLU A 572 14.25 26.60 -33.66
CA GLU A 572 13.14 25.83 -34.21
C GLU A 572 12.95 26.11 -35.70
N ASP A 573 13.15 27.36 -36.12
CA ASP A 573 12.98 27.69 -37.53
C ASP A 573 14.06 27.10 -38.41
N GLU A 574 15.17 26.66 -37.83
CA GLU A 574 16.25 26.07 -38.61
C GLU A 574 16.02 24.59 -38.92
N GLY A 575 15.07 23.95 -38.25
CA GLY A 575 14.81 22.54 -38.47
C GLY A 575 15.25 21.67 -37.31
N PHE A 576 15.18 22.22 -36.11
CA PHE A 576 15.56 21.50 -34.89
C PHE A 576 14.44 21.66 -33.86
N PRO A 577 14.25 20.66 -33.01
CA PRO A 577 13.27 20.80 -31.93
C PRO A 577 13.69 21.87 -30.94
N LYS A 578 12.72 22.61 -30.42
CA LYS A 578 13.02 23.68 -29.48
C LYS A 578 13.70 23.15 -28.22
N ILE A 579 13.27 21.97 -27.75
CA ILE A 579 13.89 21.31 -26.61
C ILE A 579 14.11 19.85 -26.98
N ASP A 580 15.35 19.39 -26.87
CA ASP A 580 15.73 18.03 -27.23
C ASP A 580 15.73 17.20 -25.95
N TYR A 581 14.63 16.49 -25.70
CA TYR A 581 14.51 15.68 -24.51
C TYR A 581 15.44 14.46 -24.59
N LYS A 582 15.59 13.77 -23.47
CA LYS A 582 16.52 12.66 -23.37
C LYS A 582 15.91 11.41 -23.98
N ASP A 583 16.66 10.74 -24.86
CA ASP A 583 16.27 9.46 -25.40
C ASP A 583 16.63 8.34 -24.42
N PRO A 584 15.98 7.18 -24.55
CA PRO A 584 16.39 6.04 -23.72
C PRO A 584 17.84 5.67 -23.96
N PHE A 585 18.62 5.67 -22.88
CA PHE A 585 20.06 5.45 -22.97
C PHE A 585 20.49 4.48 -21.89
N PHE A 586 21.65 3.88 -22.11
CA PHE A 586 22.28 2.98 -21.14
C PHE A 586 23.30 3.78 -20.33
N SER A 587 23.13 3.80 -19.01
CA SER A 587 24.15 4.42 -18.16
C SER A 587 25.39 3.55 -18.05
N ASN A 588 25.25 2.23 -18.21
CA ASN A 588 26.38 1.32 -18.15
C ASN A 588 26.78 0.94 -19.56
N PRO A 589 28.00 1.29 -20.01
CA PRO A 589 28.39 0.94 -21.38
C PRO A 589 28.59 -0.55 -21.61
N VAL A 590 28.64 -1.36 -20.55
CA VAL A 590 28.76 -2.80 -20.72
C VAL A 590 27.46 -3.38 -21.25
N ASP A 591 26.32 -2.83 -20.83
CA ASP A 591 25.01 -3.32 -21.21
C ASP A 591 24.56 -2.85 -22.58
N LEU A 592 25.43 -2.19 -23.34
CA LEU A 592 25.06 -1.71 -24.67
C LEU A 592 24.83 -2.88 -25.61
N GLU A 593 25.88 -3.67 -25.86
CA GLU A 593 25.80 -4.93 -26.62
C GLU A 593 25.16 -4.75 -27.99
N ASN A 594 25.18 -3.53 -28.52
CA ASN A 594 24.61 -3.22 -29.84
C ASN A 594 23.15 -3.66 -29.93
N LYS A 595 22.38 -3.31 -28.89
CA LYS A 595 20.96 -3.64 -28.77
C LYS A 595 20.05 -2.90 -29.75
N PRO A 596 20.29 -1.60 -30.06
CA PRO A 596 19.30 -0.86 -30.85
C PRO A 596 19.26 -1.18 -32.34
N TYR A 597 19.82 -2.33 -32.74
CA TYR A 597 19.99 -2.70 -34.14
C TYR A 597 18.82 -2.31 -35.03
N ALA A 598 17.64 -2.88 -34.78
CA ALA A 598 16.44 -2.60 -35.57
C ALA A 598 15.26 -3.34 -34.96
N TYR A 599 14.06 -3.00 -35.44
CA TYR A 599 12.85 -3.72 -35.08
C TYR A 599 11.79 -3.43 -36.14
N ALA A 600 11.37 -4.45 -36.87
CA ALA A 600 10.35 -4.32 -37.91
C ALA A 600 10.74 -3.25 -38.93
N GLY A 601 12.00 -3.24 -39.34
CA GLY A 601 12.47 -2.29 -40.31
C GLY A 601 12.61 -0.87 -39.80
N LYS A 602 12.66 -0.67 -38.50
CA LYS A 602 12.83 0.65 -37.89
C LYS A 602 14.17 0.67 -37.17
N ARG A 603 15.09 1.50 -37.64
CA ARG A 603 16.42 1.59 -37.07
C ARG A 603 16.41 2.58 -35.90
N PHE A 604 16.81 2.12 -34.73
CA PHE A 604 16.89 2.95 -33.53
C PHE A 604 18.36 3.21 -33.19
N GLU A 605 18.60 4.37 -32.59
CA GLU A 605 19.95 4.78 -32.18
C GLU A 605 19.94 4.96 -30.67
N ILE A 606 20.45 3.96 -29.95
CA ILE A 606 20.55 4.00 -28.49
C ILE A 606 22.04 3.97 -28.14
N SER A 607 22.50 4.99 -27.43
CA SER A 607 23.90 5.06 -27.02
C SER A 607 24.01 5.24 -25.52
N SER A 608 25.22 5.49 -25.03
CA SER A 608 25.46 5.65 -23.60
C SER A 608 26.01 7.04 -23.32
N THR A 609 25.93 7.44 -22.06
CA THR A 609 26.49 8.70 -21.59
C THR A 609 27.83 8.51 -20.91
N HIS A 610 28.40 7.31 -20.96
CA HIS A 610 29.71 7.06 -20.39
C HIS A 610 30.79 7.76 -21.21
N VAL A 611 31.97 7.87 -20.61
CA VAL A 611 33.08 8.55 -21.28
C VAL A 611 33.61 7.70 -22.44
N SER A 612 33.40 6.39 -22.38
CA SER A 612 33.93 5.51 -23.44
C SER A 612 33.13 5.64 -24.73
N THR A 613 31.83 5.93 -24.64
CA THR A 613 30.99 6.00 -25.82
C THR A 613 30.85 7.41 -26.37
N ARG A 614 31.07 8.44 -25.56
CA ARG A 614 30.94 9.81 -26.03
C ARG A 614 32.05 10.16 -27.01
N ILE A 615 31.68 10.81 -28.10
CA ILE A 615 32.62 11.16 -29.17
C ILE A 615 33.32 12.47 -28.80
N PRO A 616 34.56 12.68 -29.23
CA PRO A 616 35.26 13.91 -28.89
C PRO A 616 34.65 15.12 -29.59
N VAL A 617 34.92 16.29 -29.04
CA VAL A 617 34.45 17.54 -29.64
C VAL A 617 35.18 17.78 -30.95
N GLN A 618 34.42 18.02 -32.02
CA GLN A 618 35.00 18.29 -33.33
C GLN A 618 35.05 19.78 -33.59
N PHE A 619 36.10 20.21 -34.29
CA PHE A 619 36.27 21.60 -34.68
C PHE A 619 36.27 21.68 -36.20
N GLY A 620 35.16 22.11 -36.77
CA GLY A 620 35.04 22.21 -38.21
C GLY A 620 34.49 20.98 -38.89
N GLY A 621 33.67 20.20 -38.18
CA GLY A 621 33.06 19.02 -38.76
C GLY A 621 33.90 17.76 -38.71
N GLU A 622 35.18 17.86 -38.33
CA GLU A 622 36.07 16.72 -38.24
C GLU A 622 36.51 16.54 -36.79
N THR A 623 36.44 15.32 -36.29
CA THR A 623 36.82 15.05 -34.91
C THR A 623 38.33 15.20 -34.75
N VAL A 624 38.74 15.92 -33.72
CA VAL A 624 40.15 16.15 -33.42
C VAL A 624 40.58 15.14 -32.38
N SER A 625 41.45 14.22 -32.76
CA SER A 625 41.93 13.17 -31.87
C SER A 625 43.43 13.01 -32.04
N VAL A 626 44.05 12.40 -31.04
CA VAL A 626 45.49 12.14 -31.05
C VAL A 626 45.73 10.75 -31.65
N TYR A 627 46.72 10.68 -32.53
CA TYR A 627 47.05 9.45 -33.25
C TYR A 627 48.34 8.80 -32.77
N ASN A 628 49.32 9.59 -32.37
CA ASN A 628 50.61 9.05 -31.95
C ASN A 628 50.52 8.47 -30.54
N LYS A 629 51.44 7.57 -30.24
CA LYS A 629 51.48 6.96 -28.92
C LYS A 629 51.96 7.98 -27.88
N PRO A 630 51.48 7.87 -26.64
CA PRO A 630 51.92 8.81 -25.60
C PRO A 630 53.39 8.63 -25.26
N THR A 631 53.95 9.67 -24.66
CA THR A 631 55.34 9.70 -24.22
C THR A 631 55.35 9.85 -22.70
N PHE A 632 55.39 8.74 -21.99
CA PHE A 632 55.40 8.78 -20.53
C PHE A 632 56.76 9.23 -20.03
N ASP A 633 56.76 10.26 -19.18
CA ASP A 633 57.97 10.78 -18.58
C ASP A 633 58.03 10.39 -17.11
N MET A 634 59.25 10.19 -16.62
CA MET A 634 59.45 9.75 -15.24
C MET A 634 59.20 10.90 -14.28
N PHE A 635 58.82 10.55 -13.05
CA PHE A 635 58.60 11.50 -11.96
C PHE A 635 57.56 12.55 -12.32
N SER A 636 56.33 12.06 -12.52
CA SER A 636 55.18 12.91 -12.81
C SER A 636 54.29 13.01 -11.57
N SER A 637 53.35 13.95 -11.63
CA SER A 637 52.38 14.17 -10.56
C SER A 637 50.98 14.24 -11.16
N TRP A 638 50.01 13.71 -10.43
CA TRP A 638 48.64 13.62 -10.91
C TRP A 638 47.68 14.01 -9.81
N LYS A 639 46.46 14.36 -10.22
CA LYS A 639 45.45 14.90 -9.33
C LYS A 639 44.11 14.25 -9.63
N TYR A 640 43.37 13.90 -8.57
CA TYR A 640 42.06 13.28 -8.74
C TYR A 640 41.06 14.31 -9.24
N ALA A 641 40.31 13.95 -10.28
CA ALA A 641 39.41 14.90 -10.92
C ALA A 641 38.00 14.87 -10.35
N LEU A 642 37.58 13.77 -9.75
CA LEU A 642 36.23 13.67 -9.21
C LEU A 642 36.07 14.59 -8.00
N LYS A 643 34.98 15.34 -7.97
CA LYS A 643 34.76 16.30 -6.90
C LYS A 643 34.13 15.60 -5.70
N PRO A 644 34.64 15.81 -4.49
CA PRO A 644 34.08 15.16 -3.31
C PRO A 644 32.74 15.79 -2.94
N PRO A 645 31.94 15.13 -2.09
CA PRO A 645 30.69 15.73 -1.65
C PRO A 645 30.91 17.02 -0.87
N THR A 646 29.87 17.84 -0.84
CA THR A 646 29.93 19.15 -0.20
C THR A 646 29.64 19.02 1.29
N TYR A 647 30.26 19.90 2.09
CA TYR A 647 30.02 19.92 3.52
C TYR A 647 28.54 20.11 3.83
N ASP A 648 27.90 21.07 3.16
CA ASP A 648 26.49 21.34 3.43
C ASP A 648 25.60 20.16 3.05
N ALA A 649 26.01 19.38 2.04
CA ALA A 649 25.23 18.22 1.65
C ALA A 649 25.19 17.17 2.75
N VAL A 650 26.32 16.95 3.42
CA VAL A 650 26.37 15.97 4.50
C VAL A 650 25.52 16.43 5.68
N GLN A 651 25.55 17.72 5.99
CA GLN A 651 24.73 18.24 7.08
C GLN A 651 23.25 18.13 6.75
N LYS A 652 22.86 18.47 5.51
CA LYS A 652 21.46 18.34 5.13
C LYS A 652 21.02 16.88 5.10
N TRP A 653 21.95 15.96 4.81
CA TRP A 653 21.62 14.54 4.88
C TRP A 653 21.46 14.07 6.31
N TYR A 654 22.27 14.59 7.23
CA TYR A 654 22.21 14.17 8.62
C TYR A 654 21.02 14.76 9.36
N ASN A 655 20.64 15.99 9.04
CA ASN A 655 19.52 16.63 9.72
C ASN A 655 18.20 15.97 9.38
N LYS A 656 18.07 15.41 8.18
CA LYS A 656 16.82 14.77 7.78
C LYS A 656 16.58 13.45 8.51
N VAL A 657 17.60 12.88 9.14
CA VAL A 657 17.50 11.63 9.90
C VAL A 657 16.95 10.53 9.00
N PRO A 658 17.72 10.06 8.00
CA PRO A 658 17.25 9.03 7.08
C PRO A 658 17.11 7.66 7.76
N SER A 696 -36.77 14.61 9.38
CA SER A 696 -38.01 14.59 10.13
C SER A 696 -39.02 13.62 9.50
N VAL A 697 -38.79 13.28 8.25
CA VAL A 697 -39.65 12.35 7.52
C VAL A 697 -38.81 11.18 7.03
N HIS A 698 -39.47 10.03 6.89
CA HIS A 698 -38.80 8.81 6.43
C HIS A 698 -38.74 8.81 4.91
N ASP A 699 -37.52 8.83 4.37
CA ASP A 699 -37.32 8.88 2.93
C ASP A 699 -36.28 7.87 2.48
N SER A 700 -36.15 6.75 3.20
CA SER A 700 -35.15 5.75 2.86
C SER A 700 -35.75 4.35 2.91
N LEU A 701 -34.90 3.34 2.78
CA LEU A 701 -35.31 1.94 2.82
C LEU A 701 -34.62 1.25 3.98
N THR A 702 -35.39 0.47 4.74
CA THR A 702 -34.84 -0.27 5.86
C THR A 702 -34.09 -1.50 5.36
N HIS A 703 -33.04 -1.87 6.09
CA HIS A 703 -32.11 -2.89 5.66
C HIS A 703 -31.88 -3.92 6.76
N LEU A 704 -31.87 -5.19 6.37
CA LEU A 704 -31.64 -6.29 7.31
C LEU A 704 -30.69 -7.29 6.67
N THR A 705 -29.78 -7.82 7.47
CA THR A 705 -28.76 -8.76 7.00
C THR A 705 -28.82 -10.03 7.84
N LEU A 706 -28.43 -11.14 7.25
CA LEU A 706 -28.51 -12.44 7.91
C LEU A 706 -27.34 -13.31 7.49
N GLU A 707 -26.81 -14.07 8.44
CA GLU A 707 -25.76 -15.05 8.18
C GLU A 707 -26.09 -16.35 8.88
N ILE A 708 -25.48 -17.43 8.42
CA ILE A 708 -25.83 -18.78 8.86
C ILE A 708 -24.56 -19.56 9.14
N HIS A 709 -24.55 -20.32 10.24
CA HIS A 709 -23.47 -21.24 10.56
C HIS A 709 -24.06 -22.63 10.72
N ALA A 710 -23.54 -23.59 9.97
CA ALA A 710 -23.99 -24.97 10.02
C ALA A 710 -22.81 -25.91 10.25
N ASN A 711 -22.98 -26.86 11.17
CA ASN A 711 -21.92 -27.81 11.45
C ASN A 711 -21.77 -28.78 10.29
N THR A 712 -20.53 -28.93 9.81
CA THR A 712 -20.22 -29.81 8.70
C THR A 712 -19.62 -31.11 9.22
N ARG A 713 -19.20 -31.98 8.30
CA ARG A 713 -18.66 -33.30 8.63
C ARG A 713 -17.35 -33.49 7.87
N SER A 714 -16.24 -33.11 8.51
CA SER A 714 -14.90 -33.26 7.94
C SER A 714 -14.73 -32.41 6.68
N ASP A 715 -15.09 -31.13 6.79
CA ASP A 715 -14.85 -30.13 5.74
C ASP A 715 -15.50 -30.54 4.41
N LYS A 716 -16.83 -30.59 4.44
CA LYS A 716 -17.61 -30.99 3.28
C LYS A 716 -18.49 -29.87 2.74
N ILE A 717 -18.24 -28.62 3.12
CA ILE A 717 -18.98 -27.46 2.63
C ILE A 717 -20.48 -27.72 2.81
N PRO A 718 -20.99 -27.59 4.05
CA PRO A 718 -22.31 -28.15 4.39
C PRO A 718 -23.41 -27.96 3.37
N ASP A 719 -24.14 -29.04 3.08
CA ASP A 719 -25.26 -29.34 2.19
C ASP A 719 -26.58 -29.01 2.87
N PRO A 720 -27.49 -28.35 2.17
CA PRO A 720 -28.81 -28.03 2.74
C PRO A 720 -29.78 -29.21 2.81
N ALA A 721 -29.30 -30.44 2.63
CA ALA A 721 -30.15 -31.61 2.74
C ALA A 721 -29.74 -32.57 3.86
N ILE A 722 -28.55 -32.43 4.41
CA ILE A 722 -28.07 -33.37 5.43
C ILE A 722 -27.51 -32.59 6.62
N ASP A 723 -27.27 -31.30 6.44
CA ASP A 723 -26.72 -30.43 7.49
C ASP A 723 -27.75 -29.39 7.88
N GLU A 724 -27.92 -29.18 9.18
CA GLU A 724 -28.94 -28.29 9.72
C GLU A 724 -28.31 -26.98 10.20
N VAL A 725 -29.16 -25.98 10.39
CA VAL A 725 -28.72 -24.65 10.79
C VAL A 725 -28.50 -24.61 12.30
N SER A 726 -27.50 -23.83 12.72
CA SER A 726 -27.20 -23.65 14.13
C SER A 726 -27.14 -22.20 14.59
N MET A 727 -26.94 -21.25 13.69
CA MET A 727 -26.81 -19.84 14.09
C MET A 727 -27.39 -18.97 12.98
N ILE A 728 -28.26 -18.03 13.38
CA ILE A 728 -28.94 -17.15 12.45
C ILE A 728 -28.64 -15.70 12.82
N ILE A 729 -27.39 -15.44 13.24
CA ILE A 729 -26.97 -14.09 13.57
C ILE A 729 -27.45 -13.10 12.51
N TRP A 730 -28.13 -12.04 12.96
CA TRP A 730 -28.68 -11.03 12.08
C TRP A 730 -28.31 -9.64 12.58
N CYS A 731 -28.26 -8.68 11.66
CA CYS A 731 -27.91 -7.30 11.98
C CYS A 731 -28.85 -6.37 11.24
N LEU A 732 -29.30 -5.32 11.91
CA LEU A 732 -30.20 -4.32 11.34
C LEU A 732 -29.48 -2.99 11.25
N GLU A 733 -29.57 -2.35 10.08
CA GLU A 733 -28.93 -1.05 9.87
C GLU A 733 -29.69 0.02 10.64
N GLU A 734 -29.07 0.55 11.70
CA GLU A 734 -29.72 1.49 12.59
C GLU A 734 -29.75 2.92 12.05
N GLU A 735 -28.97 3.22 11.02
CA GLU A 735 -28.95 4.58 10.48
C GLU A 735 -30.27 4.94 9.82
N THR A 736 -30.79 4.06 8.98
CA THR A 736 -32.01 4.34 8.24
C THR A 736 -33.26 3.80 8.92
N PHE A 737 -33.11 3.00 9.98
CA PHE A 737 -34.27 2.41 10.63
C PHE A 737 -35.00 3.43 11.49
N PRO A 738 -36.29 3.66 11.22
CA PRO A 738 -37.07 4.59 12.05
C PRO A 738 -37.76 3.90 13.22
N LEU A 739 -38.58 4.67 13.93
CA LEU A 739 -39.49 4.21 14.98
C LEU A 739 -38.76 3.86 16.29
N ASP A 740 -37.43 3.77 16.24
CA ASP A 740 -36.57 3.63 17.42
C ASP A 740 -37.17 2.70 18.48
N LEU A 741 -37.55 1.50 18.05
CA LEU A 741 -38.14 0.55 18.97
C LEU A 741 -37.04 -0.28 19.65
N ASP A 742 -37.45 -1.18 20.54
CA ASP A 742 -36.52 -1.94 21.37
C ASP A 742 -36.30 -3.31 20.74
N ILE A 743 -35.29 -3.41 19.88
CA ILE A 743 -34.92 -4.67 19.26
C ILE A 743 -33.41 -4.86 19.37
N ALA A 744 -32.71 -3.82 19.82
CA ALA A 744 -31.26 -3.77 19.99
C ALA A 744 -30.49 -3.84 18.68
N TYR A 745 -31.19 -3.92 17.54
CA TYR A 745 -30.58 -3.87 16.20
C TYR A 745 -29.63 -5.04 15.94
N GLU A 746 -29.55 -5.98 16.88
CA GLU A 746 -28.71 -7.16 16.71
C GLU A 746 -29.33 -8.32 17.48
N GLY A 747 -28.99 -9.52 17.06
CA GLY A 747 -29.54 -10.71 17.69
C GLY A 747 -28.83 -11.96 17.21
N ILE A 748 -28.90 -12.99 18.04
CA ILE A 748 -28.31 -14.29 17.73
C ILE A 748 -29.31 -15.37 18.10
N MET A 749 -29.53 -16.32 17.18
CA MET A 749 -30.41 -17.45 17.40
C MET A 749 -29.60 -18.72 17.34
N ILE A 750 -29.62 -19.50 18.42
CA ILE A 750 -28.81 -20.70 18.55
C ILE A 750 -29.71 -21.86 18.93
N VAL A 751 -29.45 -23.02 18.32
CA VAL A 751 -30.19 -24.24 18.63
C VAL A 751 -29.53 -24.96 19.78
N HIS A 752 -30.33 -25.40 20.75
CA HIS A 752 -29.81 -26.13 21.90
C HIS A 752 -30.93 -26.99 22.46
N LYS A 753 -30.76 -28.31 22.43
CA LYS A 753 -31.79 -29.22 22.94
C LYS A 753 -31.87 -29.25 24.45
N ALA A 754 -30.95 -28.59 25.15
CA ALA A 754 -30.94 -28.54 26.61
C ALA A 754 -30.96 -29.93 27.23
N ASP A 757 -24.93 -29.00 28.47
CA ASP A 757 -26.22 -29.19 29.12
C ASP A 757 -26.35 -28.30 30.34
N SER A 758 -27.34 -27.39 30.30
CA SER A 758 -27.63 -26.46 31.39
C SER A 758 -26.47 -25.52 31.65
N THR A 759 -25.41 -25.60 30.84
CA THR A 759 -24.26 -24.72 30.95
C THR A 759 -23.96 -23.95 29.67
N PHE A 760 -24.36 -24.48 28.50
CA PHE A 760 -24.09 -23.79 27.24
C PHE A 760 -24.84 -22.47 27.10
N PRO A 761 -26.14 -22.37 27.43
CA PRO A 761 -26.81 -21.07 27.26
C PRO A 761 -26.21 -19.95 28.11
N THR A 762 -26.00 -20.21 29.40
CA THR A 762 -25.42 -19.18 30.26
C THR A 762 -24.00 -18.83 29.83
N LYS A 763 -23.23 -19.83 29.40
CA LYS A 763 -21.86 -19.58 28.94
C LYS A 763 -21.86 -18.68 27.71
N ILE A 764 -22.74 -18.97 26.75
CA ILE A 764 -22.82 -18.16 25.54
C ILE A 764 -23.27 -16.73 25.88
N GLN A 765 -24.29 -16.61 26.73
CA GLN A 765 -24.78 -15.29 27.10
C GLN A 765 -23.70 -14.47 27.79
N HIS A 766 -22.92 -15.11 28.67
CA HIS A 766 -21.86 -14.39 29.36
C HIS A 766 -20.74 -14.00 28.41
N CYS A 767 -20.32 -14.92 27.53
CA CYS A 767 -19.26 -14.60 26.60
C CYS A 767 -19.68 -13.55 25.57
N ILE A 768 -20.98 -13.38 25.35
CA ILE A 768 -21.44 -12.30 24.47
C ILE A 768 -21.54 -10.98 25.24
N ASN A 769 -22.41 -10.93 26.25
CA ASN A 769 -22.49 -9.81 27.19
C ASN A 769 -22.97 -8.52 26.55
N GLU A 770 -23.19 -8.53 25.23
CA GLU A 770 -23.64 -7.33 24.52
C GLU A 770 -24.95 -7.55 23.77
N ILE A 771 -25.06 -8.65 23.04
CA ILE A 771 -26.23 -8.92 22.19
C ILE A 771 -27.09 -9.95 22.89
N PRO A 772 -28.41 -9.72 23.01
CA PRO A 772 -29.29 -10.72 23.63
C PRO A 772 -29.44 -11.93 22.71
N VAL A 773 -29.13 -13.11 23.25
CA VAL A 773 -29.15 -14.36 22.49
C VAL A 773 -30.40 -15.14 22.87
N MET A 774 -31.05 -15.72 21.87
CA MET A 774 -32.24 -16.53 22.06
C MET A 774 -31.95 -17.97 21.67
N PHE A 775 -32.32 -18.91 22.54
CA PHE A 775 -32.07 -20.33 22.32
C PHE A 775 -33.38 -21.04 22.07
N TYR A 776 -33.37 -21.99 21.13
CA TYR A 776 -34.54 -22.75 20.74
C TYR A 776 -34.24 -24.24 20.80
N GLU A 777 -35.29 -25.05 20.73
CA GLU A 777 -35.15 -26.50 20.85
C GLU A 777 -34.82 -27.19 19.54
N SER A 778 -35.13 -26.56 18.40
CA SER A 778 -34.84 -27.13 17.09
C SER A 778 -34.66 -25.99 16.11
N GLU A 779 -34.52 -26.32 14.82
CA GLU A 779 -34.38 -25.31 13.80
C GLU A 779 -35.71 -24.88 13.21
N PHE A 780 -36.77 -25.68 13.36
CA PHE A 780 -38.08 -25.23 12.91
C PHE A 780 -38.60 -24.10 13.78
N GLU A 781 -38.43 -24.21 15.11
CA GLU A 781 -38.75 -23.09 16.00
C GLU A 781 -37.90 -21.88 15.68
N MET A 782 -36.64 -22.10 15.31
CA MET A 782 -35.75 -20.99 14.97
C MET A 782 -36.23 -20.29 13.70
N PHE A 783 -36.68 -21.05 12.70
CA PHE A 783 -37.18 -20.45 11.48
C PHE A 783 -38.50 -19.72 11.73
N GLU A 784 -39.36 -20.27 12.58
CA GLU A 784 -40.59 -19.57 12.94
C GLU A 784 -40.28 -18.26 13.66
N ALA A 785 -39.27 -18.27 14.54
CA ALA A 785 -38.88 -17.05 15.22
C ALA A 785 -38.28 -16.04 14.25
N LEU A 786 -37.55 -16.53 13.25
CA LEU A 786 -37.02 -15.62 12.22
C LEU A 786 -38.15 -15.00 11.41
N THR A 787 -39.17 -15.79 11.06
CA THR A 787 -40.33 -15.25 10.36
C THR A 787 -41.02 -14.19 11.21
N ASP A 788 -41.22 -14.46 12.50
CA ASP A 788 -41.84 -13.48 13.38
C ASP A 788 -40.99 -12.21 13.49
N LEU A 789 -39.67 -12.36 13.51
CA LEU A 789 -38.79 -11.20 13.58
C LEU A 789 -38.88 -10.36 12.32
N VAL A 790 -38.86 -11.00 11.15
CA VAL A 790 -38.99 -10.26 9.90
C VAL A 790 -40.34 -9.56 9.82
N LEU A 791 -41.41 -10.23 10.26
CA LEU A 791 -42.72 -9.60 10.27
C LEU A 791 -42.82 -8.48 11.30
N LEU A 792 -41.98 -8.51 12.34
CA LEU A 792 -42.02 -7.45 13.34
C LEU A 792 -41.37 -6.17 12.81
N LEU A 793 -40.11 -6.25 12.38
CA LEU A 793 -39.41 -5.07 11.89
C LEU A 793 -39.91 -4.65 10.51
N ASP A 794 -40.31 -5.60 9.67
CA ASP A 794 -40.76 -5.37 8.31
C ASP A 794 -39.70 -4.61 7.52
N PRO A 795 -38.56 -5.23 7.24
CA PRO A 795 -37.52 -4.52 6.48
C PRO A 795 -37.80 -4.55 4.99
N ASP A 796 -37.49 -3.45 4.32
CA ASP A 796 -37.70 -3.34 2.89
C ASP A 796 -36.62 -4.02 2.07
N ILE A 797 -35.49 -4.38 2.69
CA ILE A 797 -34.38 -4.99 1.98
C ILE A 797 -33.82 -6.13 2.84
N LEU A 798 -33.70 -7.31 2.25
CA LEU A 798 -33.06 -8.47 2.87
C LEU A 798 -31.80 -8.77 2.07
N SER A 799 -30.65 -8.77 2.73
CA SER A 799 -29.39 -8.92 2.02
C SER A 799 -28.49 -9.98 2.63
N GLY A 800 -27.26 -10.04 2.15
CA GLY A 800 -26.30 -11.02 2.61
C GLY A 800 -25.25 -11.26 1.55
N PHE A 801 -24.18 -11.94 1.96
CA PHE A 801 -23.05 -12.23 1.09
C PHE A 801 -23.27 -13.60 0.47
N GLU A 802 -23.53 -13.63 -0.84
CA GLU A 802 -23.76 -14.86 -1.61
C GLU A 802 -24.92 -15.66 -1.01
N ILE A 803 -26.11 -15.06 -1.11
CA ILE A 803 -27.31 -15.63 -0.51
C ILE A 803 -27.90 -16.79 -1.30
N HIS A 804 -27.25 -17.23 -2.38
CA HIS A 804 -27.76 -18.37 -3.13
C HIS A 804 -27.45 -19.68 -2.42
N ASN A 805 -26.17 -19.98 -2.22
CA ASN A 805 -25.75 -21.19 -1.52
C ASN A 805 -25.54 -20.96 -0.03
N PHE A 806 -26.12 -19.90 0.51
CA PHE A 806 -25.86 -19.49 1.88
C PHE A 806 -27.12 -18.82 2.42
N SER A 807 -26.94 -17.98 3.45
CA SER A 807 -27.94 -17.77 4.51
C SER A 807 -29.39 -17.82 4.06
N TRP A 808 -29.80 -16.93 3.17
CA TRP A 808 -31.21 -16.90 2.79
C TRP A 808 -31.56 -18.11 1.93
N GLY A 809 -30.77 -18.37 0.89
CA GLY A 809 -30.99 -19.56 0.09
C GLY A 809 -30.82 -20.84 0.86
N TYR A 810 -29.88 -20.87 1.82
CA TYR A 810 -29.69 -22.04 2.64
C TYR A 810 -30.93 -22.32 3.49
N ILE A 811 -31.46 -21.28 4.15
CA ILE A 811 -32.66 -21.45 4.96
C ILE A 811 -33.83 -21.89 4.08
N ILE A 812 -33.97 -21.29 2.90
CA ILE A 812 -35.09 -21.64 2.02
C ILE A 812 -34.99 -23.09 1.58
N GLU A 813 -33.79 -23.53 1.18
CA GLU A 813 -33.63 -24.90 0.72
C GLU A 813 -33.83 -25.90 1.86
N ARG A 814 -33.36 -25.56 3.07
CA ARG A 814 -33.62 -26.42 4.22
C ARG A 814 -35.11 -26.57 4.46
N CYS A 815 -35.84 -25.45 4.48
CA CYS A 815 -37.27 -25.51 4.73
C CYS A 815 -38.02 -26.24 3.61
N GLN A 816 -37.50 -26.17 2.37
CA GLN A 816 -38.18 -26.83 1.27
C GLN A 816 -37.90 -28.33 1.22
N LYS A 817 -36.69 -28.75 1.60
CA LYS A 817 -36.32 -30.15 1.49
C LYS A 817 -36.66 -30.96 2.74
N ILE A 818 -36.33 -30.44 3.93
CA ILE A 818 -36.45 -31.22 5.14
C ILE A 818 -37.83 -31.08 5.75
N HIS A 819 -38.22 -29.85 6.08
CA HIS A 819 -39.44 -29.62 6.84
C HIS A 819 -40.68 -29.43 5.96
N GLN A 820 -40.51 -29.29 4.66
CA GLN A 820 -41.62 -29.06 3.73
C GLN A 820 -42.46 -27.86 4.19
N PHE A 821 -41.79 -26.72 4.33
CA PHE A 821 -42.39 -25.51 4.86
C PHE A 821 -41.97 -24.35 3.97
N ASP A 822 -42.93 -23.80 3.21
CA ASP A 822 -42.62 -22.72 2.28
C ASP A 822 -42.39 -21.43 3.03
N ILE A 823 -41.13 -21.14 3.38
CA ILE A 823 -40.82 -19.94 4.15
C ILE A 823 -40.84 -18.69 3.28
N VAL A 824 -40.71 -18.83 1.96
CA VAL A 824 -40.73 -17.66 1.09
C VAL A 824 -42.11 -17.03 1.09
N ARG A 825 -43.16 -17.83 1.25
CA ARG A 825 -44.52 -17.31 1.34
C ARG A 825 -44.82 -16.73 2.71
N GLU A 826 -44.02 -17.06 3.72
CA GLU A 826 -44.22 -16.55 5.07
C GLU A 826 -43.48 -15.23 5.30
N LEU A 827 -42.28 -15.09 4.73
CA LEU A 827 -41.52 -13.86 4.88
C LEU A 827 -42.11 -12.70 4.09
N ALA A 828 -42.96 -12.99 3.10
CA ALA A 828 -43.53 -11.94 2.28
C ALA A 828 -44.48 -11.06 3.09
N ARG A 829 -44.76 -9.88 2.55
CA ARG A 829 -45.68 -8.93 3.18
C ARG A 829 -47.13 -9.15 2.77
N VAL A 830 -47.44 -10.33 2.21
CA VAL A 830 -48.80 -10.66 1.79
C VAL A 830 -49.13 -12.06 2.28
N LYS A 831 -50.32 -12.23 2.85
CA LYS A 831 -50.72 -13.53 3.36
C LYS A 831 -50.98 -14.53 2.24
N CYS A 832 -51.73 -14.12 1.23
CA CYS A 832 -52.06 -14.99 0.11
C CYS A 832 -50.89 -15.10 -0.86
N SER A 839 -38.24 -20.42 -10.62
CA SER A 839 -37.53 -20.75 -11.85
C SER A 839 -37.16 -19.49 -12.63
N ASP A 840 -36.27 -18.68 -12.05
CA ASP A 840 -35.82 -17.43 -12.64
C ASP A 840 -34.35 -17.61 -13.03
N THR A 841 -34.13 -17.96 -14.30
CA THR A 841 -32.76 -18.15 -14.77
C THR A 841 -32.00 -16.83 -14.83
N TRP A 842 -32.66 -15.77 -15.30
CA TRP A 842 -32.03 -14.45 -15.31
C TRP A 842 -31.76 -13.93 -13.90
N GLY A 843 -32.46 -14.46 -12.90
CA GLY A 843 -32.25 -14.06 -11.53
C GLY A 843 -30.86 -14.39 -11.03
N TYR A 844 -30.56 -15.69 -10.92
CA TYR A 844 -29.28 -16.13 -10.38
C TYR A 844 -28.09 -15.68 -11.21
N ALA A 845 -28.29 -15.22 -12.44
CA ALA A 845 -27.19 -14.86 -13.31
C ALA A 845 -26.62 -13.49 -12.96
N HIS A 846 -27.48 -12.46 -12.91
CA HIS A 846 -27.02 -11.09 -12.70
C HIS A 846 -27.56 -10.48 -11.42
N SER A 847 -28.22 -11.25 -10.57
CA SER A 847 -28.85 -10.74 -9.36
C SER A 847 -29.11 -11.91 -8.42
N SER A 848 -29.94 -11.68 -7.41
CA SER A 848 -30.42 -12.76 -6.55
C SER A 848 -31.67 -13.38 -7.16
N GLY A 849 -31.65 -14.71 -7.33
CA GLY A 849 -32.81 -15.40 -7.87
C GLY A 849 -33.98 -15.52 -6.92
N ILE A 850 -33.78 -15.19 -5.65
CA ILE A 850 -34.85 -15.26 -4.65
C ILE A 850 -35.76 -14.05 -4.84
N MET A 851 -37.06 -14.30 -4.92
CA MET A 851 -38.07 -13.26 -5.13
C MET A 851 -39.09 -13.36 -4.01
N ILE A 852 -38.99 -12.47 -3.02
CA ILE A 852 -39.93 -12.39 -1.92
C ILE A 852 -40.87 -11.21 -2.19
N THR A 853 -42.17 -11.46 -2.03
CA THR A 853 -43.16 -10.44 -2.32
C THR A 853 -43.07 -9.31 -1.29
N GLY A 854 -42.94 -8.08 -1.78
CA GLY A 854 -42.92 -6.92 -0.90
C GLY A 854 -41.53 -6.43 -0.58
N ARG A 855 -40.59 -7.34 -0.36
CA ARG A 855 -39.24 -7.01 0.04
C ARG A 855 -38.26 -7.23 -1.10
N HIS A 856 -37.15 -6.51 -1.04
CA HIS A 856 -36.08 -6.62 -2.03
C HIS A 856 -34.99 -7.56 -1.52
N MET A 857 -34.23 -8.10 -2.46
CA MET A 857 -33.12 -9.00 -2.16
C MET A 857 -31.86 -8.47 -2.80
N ILE A 858 -30.79 -8.35 -2.02
CA ILE A 858 -29.52 -7.80 -2.48
C ILE A 858 -28.44 -8.87 -2.28
N ASN A 859 -27.80 -9.25 -3.38
CA ASN A 859 -26.62 -10.12 -3.34
C ASN A 859 -25.40 -9.21 -3.25
N ILE A 860 -24.85 -9.10 -2.03
CA ILE A 860 -23.84 -8.09 -1.77
C ILE A 860 -22.59 -8.31 -2.61
N TRP A 861 -22.22 -9.57 -2.83
CA TRP A 861 -21.00 -9.83 -3.61
C TRP A 861 -21.18 -9.41 -5.06
N ARG A 862 -22.38 -9.59 -5.63
CA ARG A 862 -22.62 -9.11 -6.99
C ARG A 862 -22.61 -7.60 -7.04
N ALA A 863 -23.16 -6.94 -6.02
CA ALA A 863 -23.12 -5.49 -5.96
C ALA A 863 -21.69 -4.97 -5.92
N LEU A 864 -20.84 -5.62 -5.11
CA LEU A 864 -19.44 -5.22 -5.06
C LEU A 864 -18.71 -5.52 -6.37
N ARG A 865 -19.07 -6.64 -7.01
CA ARG A 865 -18.49 -6.95 -8.32
C ARG A 865 -18.83 -5.88 -9.35
N SER A 866 -20.06 -5.37 -9.30
CA SER A 866 -20.48 -4.34 -10.23
C SER A 866 -19.88 -2.98 -9.89
N ASP A 867 -19.69 -2.68 -8.60
CA ASP A 867 -19.21 -1.35 -8.21
C ASP A 867 -17.69 -1.25 -8.30
N VAL A 868 -16.98 -2.05 -7.52
CA VAL A 868 -15.53 -1.97 -7.45
C VAL A 868 -14.92 -3.12 -8.23
N ASN A 869 -13.74 -2.89 -8.80
CA ASN A 869 -13.05 -3.85 -9.64
C ASN A 869 -11.84 -4.39 -8.88
N LEU A 870 -12.03 -5.53 -8.20
CA LEU A 870 -10.93 -6.21 -7.53
C LEU A 870 -10.87 -7.67 -7.98
N THR A 871 -10.05 -8.48 -7.34
CA THR A 871 -9.72 -9.79 -7.89
C THR A 871 -10.63 -10.91 -7.40
N GLN A 872 -10.67 -11.17 -6.09
CA GLN A 872 -11.29 -12.39 -5.58
C GLN A 872 -12.77 -12.23 -5.28
N TYR A 873 -13.20 -11.08 -4.78
CA TYR A 873 -14.59 -10.81 -4.43
C TYR A 873 -15.09 -11.77 -3.34
N THR A 874 -14.27 -11.95 -2.31
CA THR A 874 -14.66 -12.67 -1.11
C THR A 874 -14.89 -11.68 0.02
N ILE A 875 -15.43 -12.17 1.13
CA ILE A 875 -15.74 -11.28 2.25
C ILE A 875 -14.46 -10.71 2.85
N GLU A 876 -13.41 -11.53 2.96
CA GLU A 876 -12.15 -11.03 3.50
C GLU A 876 -11.48 -10.06 2.54
N SER A 877 -11.44 -10.40 1.25
CA SER A 877 -10.83 -9.52 0.28
C SER A 877 -11.56 -8.19 0.18
N ALA A 878 -12.90 -8.24 0.13
CA ALA A 878 -13.67 -7.00 0.07
C ALA A 878 -13.50 -6.19 1.35
N ALA A 879 -13.48 -6.85 2.50
CA ALA A 879 -13.30 -6.13 3.76
C ALA A 879 -11.94 -5.45 3.83
N PHE A 880 -10.91 -6.09 3.27
CA PHE A 880 -9.58 -5.49 3.29
C PHE A 880 -9.43 -4.39 2.24
N ASN A 881 -10.10 -4.51 1.09
CA ASN A 881 -9.94 -3.54 0.02
C ASN A 881 -10.86 -2.35 0.14
N ILE A 882 -11.96 -2.47 0.87
CA ILE A 882 -12.92 -1.38 1.02
C ILE A 882 -12.88 -0.79 2.42
N LEU A 883 -12.82 -1.65 3.45
CA LEU A 883 -12.85 -1.20 4.83
C LEU A 883 -11.47 -1.23 5.49
N HIS A 884 -10.46 -1.78 4.81
CA HIS A 884 -9.11 -1.88 5.37
C HIS A 884 -9.10 -2.68 6.67
N LYS A 885 -9.84 -3.79 6.67
CA LYS A 885 -9.91 -4.69 7.82
C LYS A 885 -9.49 -6.09 7.39
N ARG A 886 -8.52 -6.66 8.10
CA ARG A 886 -8.03 -8.00 7.82
C ARG A 886 -8.72 -9.00 8.76
N LEU A 887 -9.52 -9.88 8.19
CA LEU A 887 -10.25 -10.87 8.97
C LEU A 887 -9.60 -12.24 8.81
N PRO A 888 -9.35 -12.96 9.89
CA PRO A 888 -8.91 -14.35 9.76
C PRO A 888 -10.00 -15.20 9.14
N HIS A 889 -9.58 -16.32 8.56
CA HIS A 889 -10.50 -17.24 7.89
C HIS A 889 -10.25 -18.65 8.40
N PHE A 890 -11.28 -19.29 8.93
CA PHE A 890 -11.21 -20.65 9.42
C PHE A 890 -12.04 -21.55 8.52
N SER A 891 -11.54 -22.77 8.30
CA SER A 891 -12.24 -23.72 7.45
C SER A 891 -13.58 -24.11 8.09
N PHE A 892 -14.41 -24.79 7.30
CA PHE A 892 -15.70 -25.26 7.83
C PHE A 892 -15.53 -26.35 8.87
N GLU A 893 -14.42 -27.08 8.84
CA GLU A 893 -14.19 -28.10 9.85
C GLU A 893 -13.65 -27.51 11.14
N SER A 894 -12.83 -26.46 11.04
CA SER A 894 -12.33 -25.80 12.25
C SER A 894 -13.47 -25.12 13.00
N LEU A 895 -14.37 -24.45 12.29
CA LEU A 895 -15.52 -23.84 12.94
C LEU A 895 -16.41 -24.89 13.58
N THR A 896 -16.54 -26.05 12.93
CA THR A 896 -17.32 -27.14 13.52
C THR A 896 -16.67 -27.67 14.78
N ASN A 897 -15.35 -27.84 14.78
CA ASN A 897 -14.66 -28.32 15.96
C ASN A 897 -14.70 -27.31 17.10
N MET A 898 -14.73 -26.01 16.77
CA MET A 898 -14.86 -24.99 17.80
C MET A 898 -16.27 -24.95 18.38
N TRP A 899 -17.28 -25.06 17.52
CA TRP A 899 -18.67 -25.00 17.97
C TRP A 899 -19.11 -26.24 18.72
N ASN A 900 -18.33 -27.32 18.70
CA ASN A 900 -18.63 -28.54 19.40
C ASN A 900 -17.68 -28.79 20.57
N ALA A 901 -17.00 -27.75 21.04
CA ALA A 901 -16.05 -27.87 22.14
C ALA A 901 -16.78 -27.66 23.45
N LYS A 902 -16.94 -28.74 24.23
CA LYS A 902 -17.57 -28.62 25.54
C LYS A 902 -16.79 -27.69 26.46
N LYS A 903 -15.47 -27.65 26.30
CA LYS A 903 -14.59 -26.75 27.03
C LYS A 903 -14.22 -25.57 26.13
N SER A 904 -13.27 -24.77 26.59
CA SER A 904 -12.66 -23.69 25.78
C SER A 904 -13.73 -22.69 25.33
N THR A 905 -14.28 -21.99 26.31
CA THR A 905 -15.19 -20.88 26.03
C THR A 905 -14.59 -19.90 25.03
N THR A 906 -13.26 -19.82 24.96
CA THR A 906 -12.61 -18.97 23.97
C THR A 906 -13.01 -19.35 22.56
N GLU A 907 -13.18 -20.66 22.29
CA GLU A 907 -13.55 -21.10 20.95
C GLU A 907 -14.98 -20.69 20.60
N LEU A 908 -15.90 -20.81 21.55
CA LEU A 908 -17.27 -20.38 21.31
C LEU A 908 -17.34 -18.88 21.09
N LYS A 909 -16.63 -18.11 21.91
CA LYS A 909 -16.55 -16.67 21.69
C LYS A 909 -15.93 -16.37 20.33
N THR A 910 -14.96 -17.19 19.90
CA THR A 910 -14.31 -16.99 18.62
C THR A 910 -15.30 -17.14 17.47
N VAL A 911 -16.06 -18.23 17.46
CA VAL A 911 -16.99 -18.44 16.35
C VAL A 911 -18.13 -17.43 16.40
N LEU A 912 -18.58 -17.07 17.61
CA LEU A 912 -19.64 -16.07 17.73
C LEU A 912 -19.19 -14.73 17.16
N ASN A 913 -18.00 -14.26 17.57
CA ASN A 913 -17.50 -12.99 17.04
C ASN A 913 -17.17 -13.10 15.56
N TYR A 914 -16.74 -14.28 15.10
CA TYR A 914 -16.53 -14.51 13.68
C TYR A 914 -17.78 -14.18 12.88
N TRP A 915 -18.88 -14.86 13.20
CA TRP A 915 -20.10 -14.64 12.43
C TRP A 915 -20.72 -13.28 12.71
N LEU A 916 -20.52 -12.73 13.90
CA LEU A 916 -21.03 -11.39 14.18
C LEU A 916 -20.31 -10.33 13.35
N SER A 917 -18.99 -10.46 13.19
CA SER A 917 -18.26 -9.53 12.35
C SER A 917 -18.60 -9.73 10.88
N ARG A 918 -18.81 -10.99 10.47
CA ARG A 918 -19.22 -11.23 9.09
C ARG A 918 -20.58 -10.60 8.80
N ALA A 919 -21.48 -10.59 9.78
CA ALA A 919 -22.78 -9.98 9.59
C ALA A 919 -22.73 -8.46 9.70
N GLN A 920 -21.83 -7.91 10.51
CA GLN A 920 -21.73 -6.46 10.65
C GLN A 920 -21.01 -5.82 9.47
N ILE A 921 -20.06 -6.52 8.86
CA ILE A 921 -19.33 -5.94 7.74
C ILE A 921 -20.20 -5.88 6.48
N ASN A 922 -21.24 -6.70 6.40
CA ASN A 922 -22.15 -6.63 5.26
C ASN A 922 -22.87 -5.28 5.20
N ILE A 923 -23.09 -4.65 6.34
CA ILE A 923 -23.70 -3.32 6.35
C ILE A 923 -22.68 -2.26 5.95
N GLN A 924 -21.47 -2.36 6.48
CA GLN A 924 -20.45 -1.35 6.19
C GLN A 924 -20.01 -1.41 4.73
N LEU A 925 -20.07 -2.58 4.11
CA LEU A 925 -19.68 -2.69 2.71
C LEU A 925 -20.66 -1.96 1.80
N LEU A 926 -21.95 -2.01 2.13
CA LEU A 926 -22.95 -1.29 1.35
C LEU A 926 -23.06 0.17 1.77
N ARG A 927 -22.59 0.52 2.96
CA ARG A 927 -22.61 1.92 3.40
C ARG A 927 -21.40 2.70 2.89
N LYS A 928 -20.24 2.06 2.76
CA LYS A 928 -19.07 2.73 2.25
C LYS A 928 -19.25 3.10 0.79
N GLN A 929 -19.75 2.17 -0.02
CA GLN A 929 -20.04 2.43 -1.42
C GLN A 929 -21.32 3.24 -1.62
N ASP A 930 -22.10 3.44 -0.56
CA ASP A 930 -23.37 4.17 -0.63
C ASP A 930 -24.29 3.58 -1.68
N TYR A 931 -24.37 2.24 -1.68
CA TYR A 931 -25.14 1.54 -2.70
C TYR A 931 -26.63 1.86 -2.61
N ILE A 932 -27.19 1.81 -1.39
CA ILE A 932 -28.62 1.97 -1.22
C ILE A 932 -29.06 3.37 -1.63
N ALA A 933 -28.37 4.39 -1.11
CA ALA A 933 -28.78 5.77 -1.40
C ALA A 933 -28.56 6.10 -2.87
N ARG A 934 -27.49 5.58 -3.47
CA ARG A 934 -27.25 5.84 -4.89
C ARG A 934 -28.33 5.19 -5.75
N ASN A 935 -28.72 3.96 -5.43
CA ASN A 935 -29.78 3.31 -6.19
C ASN A 935 -31.11 4.01 -5.98
N ILE A 936 -31.37 4.51 -4.78
CA ILE A 936 -32.61 5.25 -4.53
C ILE A 936 -32.63 6.53 -5.35
N GLU A 937 -31.50 7.25 -5.39
CA GLU A 937 -31.44 8.47 -6.18
C GLU A 937 -31.62 8.18 -7.67
N GLN A 938 -31.00 7.10 -8.15
CA GLN A 938 -31.13 6.75 -9.56
C GLN A 938 -32.55 6.32 -9.90
N ALA A 939 -33.25 5.68 -8.95
CA ALA A 939 -34.65 5.31 -9.20
C ALA A 939 -35.54 6.54 -9.18
N ARG A 940 -35.26 7.50 -8.30
CA ARG A 940 -36.04 8.73 -8.26
C ARG A 940 -35.81 9.57 -9.50
N LEU A 941 -34.61 9.53 -10.07
CA LEU A 941 -34.34 10.30 -11.30
C LEU A 941 -35.06 9.70 -12.49
N ILE A 942 -34.92 8.39 -12.70
CA ILE A 942 -35.51 7.74 -13.86
C ILE A 942 -37.02 7.60 -13.70
N GLY A 943 -37.44 6.97 -12.60
CA GLY A 943 -38.85 6.80 -12.34
C GLY A 943 -39.27 5.34 -12.27
N ILE A 944 -38.29 4.45 -12.10
CA ILE A 944 -38.53 3.02 -12.03
C ILE A 944 -38.41 2.59 -10.56
N ASP A 945 -38.87 1.38 -10.29
CA ASP A 945 -38.82 0.85 -8.93
C ASP A 945 -37.37 0.64 -8.50
N PHE A 946 -37.18 0.49 -7.19
CA PHE A 946 -35.84 0.29 -6.65
C PHE A 946 -35.23 -1.01 -7.13
N HIS A 947 -36.05 -2.05 -7.33
CA HIS A 947 -35.53 -3.34 -7.75
C HIS A 947 -35.15 -3.34 -9.22
N SER A 948 -35.91 -2.63 -10.06
CA SER A 948 -35.65 -2.58 -11.49
C SER A 948 -34.40 -1.80 -11.85
N VAL A 949 -33.70 -1.22 -10.87
CA VAL A 949 -32.50 -0.45 -11.17
C VAL A 949 -31.33 -1.38 -11.48
N TYR A 950 -31.16 -2.44 -10.68
CA TYR A 950 -30.08 -3.39 -10.89
C TYR A 950 -30.52 -4.72 -11.47
N TYR A 951 -31.81 -5.01 -11.46
CA TYR A 951 -32.30 -6.28 -11.99
C TYR A 951 -32.64 -6.20 -13.48
N ARG A 952 -33.16 -5.06 -13.93
CA ARG A 952 -33.51 -4.89 -15.33
C ARG A 952 -32.29 -4.43 -16.13
N GLY A 953 -32.49 -4.20 -17.42
CA GLY A 953 -31.43 -3.78 -18.31
C GLY A 953 -31.34 -2.28 -18.44
N SER A 954 -30.85 -1.83 -19.59
CA SER A 954 -30.69 -0.41 -19.86
C SER A 954 -31.82 0.18 -20.69
N GLN A 955 -32.50 -0.63 -21.50
CA GLN A 955 -33.60 -0.12 -22.29
C GLN A 955 -34.78 0.29 -21.43
N PHE A 956 -34.90 -0.30 -20.23
CA PHE A 956 -36.04 0.00 -19.36
C PHE A 956 -36.00 1.45 -18.90
N LYS A 957 -34.81 1.97 -18.60
CA LYS A 957 -34.69 3.36 -18.16
C LYS A 957 -35.02 4.33 -19.28
N VAL A 958 -34.50 4.07 -20.48
CA VAL A 958 -34.80 4.91 -21.63
C VAL A 958 -36.29 4.88 -21.93
N GLU A 959 -36.92 3.71 -21.79
CA GLU A 959 -38.35 3.61 -22.00
C GLU A 959 -39.12 4.39 -20.93
N SER A 960 -38.67 4.34 -19.67
CA SER A 960 -39.33 5.08 -18.61
C SER A 960 -39.25 6.58 -18.85
N PHE A 961 -38.13 7.05 -19.41
CA PHE A 961 -38.03 8.46 -19.77
C PHE A 961 -38.95 8.80 -20.94
N LEU A 962 -38.89 7.98 -22.00
CA LEU A 962 -39.59 8.30 -23.24
C LEU A 962 -41.10 8.25 -23.06
N ILE A 963 -41.60 7.29 -22.28
CA ILE A 963 -43.06 7.20 -22.12
C ILE A 963 -43.61 8.47 -21.51
N ARG A 964 -42.93 9.00 -20.49
CA ARG A 964 -43.39 10.24 -19.87
C ARG A 964 -43.25 11.42 -20.82
N ILE A 965 -42.08 11.55 -21.47
CA ILE A 965 -41.87 12.72 -22.32
C ILE A 965 -42.82 12.72 -23.51
N CYS A 966 -43.19 11.55 -24.01
CA CYS A 966 -44.10 11.48 -25.16
C CYS A 966 -45.57 11.56 -24.74
N LYS A 967 -45.92 11.05 -23.55
CA LYS A 967 -47.27 11.24 -23.06
C LYS A 967 -47.53 12.70 -22.69
N SER A 968 -46.48 13.46 -22.39
CA SER A 968 -46.64 14.88 -22.13
C SER A 968 -47.09 15.62 -23.39
N GLU A 969 -46.73 15.13 -24.57
CA GLU A 969 -47.03 15.78 -25.83
C GLU A 969 -47.99 14.99 -26.70
N SER A 970 -48.70 14.01 -26.12
CA SER A 970 -49.73 13.24 -26.82
C SER A 970 -49.16 12.43 -27.98
N PHE A 971 -47.97 11.87 -27.79
CA PHE A 971 -47.38 11.00 -28.80
C PHE A 971 -47.90 9.57 -28.66
N ILE A 972 -47.76 8.81 -29.74
CA ILE A 972 -48.13 7.40 -29.78
C ILE A 972 -46.91 6.62 -30.27
N LEU A 973 -46.34 5.80 -29.41
CA LEU A 973 -45.14 5.06 -29.75
C LEU A 973 -45.48 3.80 -30.52
N LEU A 974 -44.51 3.35 -31.32
CA LEU A 974 -44.63 2.12 -32.09
C LEU A 974 -43.99 0.96 -31.34
N SER A 975 -44.59 -0.22 -31.49
CA SER A 975 -44.11 -1.43 -30.81
C SER A 975 -43.94 -2.53 -31.85
N PRO A 976 -42.76 -2.63 -32.46
CA PRO A 976 -42.53 -3.69 -33.44
C PRO A 976 -42.32 -5.04 -32.76
N GLY A 977 -42.45 -6.09 -33.56
CA GLY A 977 -42.25 -7.45 -33.10
C GLY A 977 -40.82 -7.94 -33.34
N LYS A 978 -40.58 -9.16 -32.86
CA LYS A 978 -39.25 -9.74 -33.03
C LYS A 978 -38.92 -10.02 -34.49
N LYS A 979 -39.94 -10.36 -35.29
CA LYS A 979 -39.71 -10.59 -36.72
C LYS A 979 -39.48 -9.30 -37.48
N ASP A 980 -39.94 -8.16 -36.95
CA ASP A 980 -39.76 -6.89 -37.64
C ASP A 980 -38.39 -6.29 -37.37
N VAL A 981 -37.86 -6.47 -36.16
CA VAL A 981 -36.55 -5.94 -35.82
C VAL A 981 -35.45 -6.67 -36.58
N ARG A 982 -35.61 -7.99 -36.77
CA ARG A 982 -34.58 -8.75 -37.46
C ARG A 982 -34.54 -8.44 -38.95
N LYS A 983 -35.68 -8.09 -39.55
CA LYS A 983 -35.76 -7.86 -40.98
C LYS A 983 -35.45 -6.42 -41.37
N GLN A 984 -34.97 -5.60 -40.44
CA GLN A 984 -34.62 -4.23 -40.78
C GLN A 984 -33.20 -4.18 -41.37
N LYS A 985 -32.86 -3.01 -41.91
CA LYS A 985 -31.55 -2.83 -42.51
C LYS A 985 -30.46 -2.88 -41.46
N ALA A 986 -29.35 -3.53 -41.80
CA ALA A 986 -28.23 -3.66 -40.88
C ALA A 986 -27.46 -2.34 -40.81
N LEU A 987 -26.71 -2.17 -39.72
CA LEU A 987 -25.92 -0.96 -39.52
C LEU A 987 -24.78 -0.92 -40.52
N GLU A 988 -24.66 0.20 -41.23
CA GLU A 988 -23.63 0.38 -42.24
C GLU A 988 -22.64 1.48 -41.90
N CYS A 989 -22.81 2.16 -40.77
CA CYS A 989 -21.92 3.24 -40.36
C CYS A 989 -21.08 2.77 -39.17
N VAL A 990 -19.76 2.92 -39.29
CA VAL A 990 -18.84 2.48 -38.25
C VAL A 990 -18.08 3.69 -37.72
N PRO A 991 -17.61 3.67 -36.47
CA PRO A 991 -16.85 4.80 -35.95
C PRO A 991 -15.44 4.87 -36.53
N LEU A 992 -14.66 5.85 -36.09
CA LEU A 992 -13.31 6.06 -36.60
C LEU A 992 -12.30 5.75 -35.50
N VAL A 993 -11.43 4.77 -35.76
CA VAL A 993 -10.36 4.39 -34.85
C VAL A 993 -9.07 4.50 -35.65
N MET A 994 -8.30 5.56 -35.40
CA MET A 994 -7.06 5.78 -36.15
C MET A 994 -5.97 4.80 -35.70
N GLU A 995 -5.22 4.31 -36.65
CA GLU A 995 -4.08 3.44 -36.35
C GLU A 995 -2.97 4.27 -35.72
N PRO A 996 -2.58 3.99 -34.48
CA PRO A 996 -1.56 4.83 -33.83
C PRO A 996 -0.16 4.54 -34.36
N GLU A 997 0.65 5.59 -34.37
CA GLU A 997 2.07 5.45 -34.72
C GLU A 997 2.80 4.94 -33.48
N SER A 998 2.99 3.62 -33.43
CA SER A 998 3.58 2.98 -32.25
C SER A 998 5.02 3.40 -32.05
N ALA A 999 5.27 4.20 -31.01
CA ALA A 999 6.61 4.68 -30.69
C ALA A 999 6.60 5.21 -29.26
N PHE A 1000 7.78 5.61 -28.79
CA PHE A 1000 7.95 6.22 -27.49
C PHE A 1000 8.05 7.73 -27.67
N TYR A 1001 7.05 8.46 -27.17
CA TYR A 1001 6.97 9.90 -27.35
C TYR A 1001 7.56 10.60 -26.12
N LYS A 1002 8.58 11.42 -26.35
CA LYS A 1002 9.22 12.18 -25.28
C LYS A 1002 8.58 13.55 -25.07
N SER A 1003 8.13 14.17 -26.15
CA SER A 1003 7.54 15.50 -26.11
C SER A 1003 6.10 15.42 -25.62
N PRO A 1004 5.53 16.54 -25.16
CA PRO A 1004 4.14 16.52 -24.67
C PRO A 1004 3.18 16.05 -25.74
N LEU A 1005 2.21 15.24 -25.32
CA LEU A 1005 1.19 14.68 -26.19
C LEU A 1005 -0.18 15.09 -25.64
N ILE A 1006 -0.75 16.15 -26.20
CA ILE A 1006 -2.05 16.64 -25.76
C ILE A 1006 -3.13 15.62 -26.10
N VAL A 1007 -4.03 15.38 -25.15
CA VAL A 1007 -5.10 14.41 -25.28
C VAL A 1007 -6.42 15.16 -25.26
N LEU A 1008 -7.03 15.35 -26.42
CA LEU A 1008 -8.33 15.99 -26.52
C LEU A 1008 -9.45 14.95 -26.43
N ASP A 1009 -10.66 15.43 -26.17
CA ASP A 1009 -11.81 14.54 -26.01
C ASP A 1009 -13.09 15.36 -26.06
N PHE A 1010 -14.05 14.90 -26.86
CA PHE A 1010 -15.38 15.50 -26.85
C PHE A 1010 -16.16 15.01 -25.64
N GLN A 1011 -16.89 15.93 -25.02
CA GLN A 1011 -17.73 15.58 -23.87
C GLN A 1011 -19.13 15.26 -24.35
N SER A 1012 -19.61 14.06 -24.02
CA SER A 1012 -20.93 13.57 -24.42
C SER A 1012 -21.13 13.73 -25.93
N LEU A 1013 -20.31 13.00 -26.69
CA LEU A 1013 -20.25 13.19 -28.13
C LEU A 1013 -21.59 12.91 -28.79
N TYR A 1014 -22.07 11.67 -28.70
CA TYR A 1014 -23.30 11.27 -29.37
C TYR A 1014 -24.52 12.00 -28.81
N PRO A 1015 -24.66 12.17 -27.49
CA PRO A 1015 -25.80 12.97 -26.99
C PRO A 1015 -25.78 14.41 -27.48
N SER A 1016 -24.62 15.08 -27.43
CA SER A 1016 -24.55 16.44 -27.93
C SER A 1016 -24.82 16.50 -29.43
N ILE A 1017 -24.47 15.44 -30.16
CA ILE A 1017 -24.78 15.37 -31.58
C ILE A 1017 -26.28 15.27 -31.80
N MET A 1018 -26.95 14.40 -31.04
CA MET A 1018 -28.40 14.28 -31.14
C MET A 1018 -29.09 15.57 -30.75
N ILE A 1019 -28.49 16.34 -29.85
CA ILE A 1019 -29.09 17.60 -29.43
C ILE A 1019 -28.88 18.68 -30.51
N GLY A 1020 -27.68 18.75 -31.07
CA GLY A 1020 -27.38 19.84 -31.98
C GLY A 1020 -27.99 19.67 -33.36
N TYR A 1021 -27.93 18.46 -33.90
CA TYR A 1021 -28.44 18.20 -35.25
C TYR A 1021 -29.88 17.73 -35.26
N ASN A 1022 -30.54 17.66 -34.09
CA ASN A 1022 -31.97 17.39 -33.99
C ASN A 1022 -32.32 16.02 -34.56
N TYR A 1023 -31.64 14.99 -34.04
CA TYR A 1023 -31.89 13.62 -34.44
C TYR A 1023 -32.82 12.95 -33.43
N CYS A 1024 -33.91 12.37 -33.92
CA CYS A 1024 -34.89 11.68 -33.08
C CYS A 1024 -35.85 10.95 -34.00
N TYR A 1025 -36.78 10.20 -33.38
CA TYR A 1025 -37.82 9.53 -34.16
C TYR A 1025 -38.85 10.50 -34.68
N SER A 1026 -39.07 11.61 -33.97
CA SER A 1026 -40.13 12.55 -34.31
C SER A 1026 -39.74 13.49 -35.44
N THR A 1027 -38.48 13.50 -35.88
CA THR A 1027 -38.03 14.39 -36.92
C THR A 1027 -37.62 13.68 -38.21
N MET A 1028 -37.57 12.35 -38.21
CA MET A 1028 -37.19 11.61 -39.41
C MET A 1028 -38.26 11.73 -40.48
N ILE A 1029 -37.85 12.16 -41.67
CA ILE A 1029 -38.74 12.23 -42.82
C ILE A 1029 -38.54 11.05 -43.76
N GLY A 1030 -37.31 10.68 -44.01
CA GLY A 1030 -36.99 9.54 -44.85
C GLY A 1030 -35.62 9.69 -45.48
N ARG A 1031 -35.09 8.57 -45.95
CA ARG A 1031 -33.82 8.57 -46.66
C ARG A 1031 -33.94 9.43 -47.91
N VAL A 1032 -32.89 10.23 -48.17
CA VAL A 1032 -32.99 11.25 -49.23
C VAL A 1032 -33.17 10.62 -50.59
N ARG A 1033 -32.71 9.39 -50.78
CA ARG A 1033 -32.88 8.69 -52.04
C ARG A 1033 -34.05 7.72 -51.95
N GLU A 1034 -34.68 7.46 -53.10
CA GLU A 1034 -35.83 6.56 -53.20
C GLU A 1034 -36.98 7.02 -52.31
N ILE A 1035 -37.34 8.29 -52.42
CA ILE A 1035 -38.47 8.85 -51.68
C ILE A 1035 -39.72 8.62 -52.52
N ASN A 1036 -40.47 7.57 -52.21
CA ASN A 1036 -41.73 7.32 -52.87
C ASN A 1036 -42.86 8.06 -52.16
N LEU A 1037 -44.03 8.07 -52.80
CA LEU A 1037 -45.18 8.78 -52.25
C LEU A 1037 -46.13 7.86 -51.48
N THR A 1038 -45.99 6.54 -51.63
CA THR A 1038 -46.87 5.61 -50.95
C THR A 1038 -46.17 4.49 -50.21
N GLU A 1039 -44.91 4.19 -50.52
CA GLU A 1039 -44.18 3.08 -49.90
C GLU A 1039 -42.78 3.57 -49.53
N ASN A 1040 -42.58 3.85 -48.24
CA ASN A 1040 -41.29 4.26 -47.71
C ASN A 1040 -40.85 3.28 -46.63
N ASN A 1041 -39.58 3.39 -46.23
CA ASN A 1041 -39.01 2.50 -45.23
C ASN A 1041 -38.05 3.29 -44.34
N LEU A 1042 -38.26 3.20 -43.03
CA LEU A 1042 -37.36 3.79 -42.04
C LEU A 1042 -37.27 2.81 -40.88
N GLY A 1043 -36.23 1.98 -40.88
CA GLY A 1043 -36.02 1.02 -39.82
C GLY A 1043 -37.02 -0.11 -39.82
N VAL A 1044 -37.94 -0.11 -38.85
CA VAL A 1044 -38.90 -1.19 -38.67
C VAL A 1044 -40.32 -0.73 -38.94
N SER A 1045 -40.50 0.32 -39.73
CA SER A 1045 -41.83 0.86 -39.98
C SER A 1045 -41.95 1.27 -41.44
N LYS A 1046 -43.21 1.39 -41.88
CA LYS A 1046 -43.53 1.88 -43.22
C LYS A 1046 -44.55 3.01 -43.08
N PHE A 1047 -44.51 3.95 -44.01
CA PHE A 1047 -45.30 5.17 -43.91
C PHE A 1047 -45.50 5.75 -45.31
N SER A 1048 -46.18 6.89 -45.36
CA SER A 1048 -46.47 7.57 -46.62
C SER A 1048 -46.45 9.06 -46.38
N LEU A 1049 -45.63 9.77 -47.16
CA LEU A 1049 -45.52 11.22 -47.02
C LEU A 1049 -46.71 11.92 -47.66
N PRO A 1050 -47.02 13.13 -47.21
CA PRO A 1050 -48.10 13.91 -47.85
C PRO A 1050 -47.74 14.35 -49.26
N ARG A 1051 -48.63 15.11 -49.90
CA ARG A 1051 -48.43 15.47 -51.29
C ARG A 1051 -47.36 16.53 -51.46
N ASN A 1052 -47.46 17.63 -50.72
CA ASN A 1052 -46.55 18.77 -50.91
C ASN A 1052 -45.78 19.10 -49.64
N ILE A 1053 -45.24 18.09 -48.96
CA ILE A 1053 -44.49 18.34 -47.74
C ILE A 1053 -43.02 18.67 -48.02
N LEU A 1054 -42.42 18.09 -49.06
CA LEU A 1054 -41.02 18.39 -49.37
C LEU A 1054 -40.89 19.78 -49.97
N ALA A 1055 -41.77 20.15 -50.89
CA ALA A 1055 -41.75 21.50 -51.44
C ALA A 1055 -42.04 22.56 -50.38
N LEU A 1056 -42.63 22.16 -49.25
CA LEU A 1056 -42.90 23.08 -48.15
C LEU A 1056 -41.74 23.16 -47.17
N LEU A 1057 -41.06 22.04 -46.92
CA LEU A 1057 -39.99 21.99 -45.92
C LEU A 1057 -38.60 22.04 -46.52
N LYS A 1058 -38.47 22.29 -47.83
CA LYS A 1058 -37.16 22.36 -48.47
C LYS A 1058 -36.19 23.29 -47.74
N ASN A 1059 -36.70 24.28 -47.02
CA ASN A 1059 -35.84 25.19 -46.27
C ASN A 1059 -35.49 24.65 -44.89
N ASP A 1060 -36.46 24.10 -44.17
CA ASP A 1060 -36.26 23.67 -42.79
C ASP A 1060 -36.01 22.16 -42.73
N VAL A 1061 -34.87 21.75 -43.30
CA VAL A 1061 -34.38 20.39 -43.20
C VAL A 1061 -32.88 20.41 -42.96
N THR A 1062 -32.37 19.29 -42.43
CA THR A 1062 -30.94 19.09 -42.22
C THR A 1062 -30.59 17.66 -42.61
N ILE A 1063 -30.15 17.49 -43.86
CA ILE A 1063 -29.81 16.16 -44.36
C ILE A 1063 -28.57 15.64 -43.64
N ALA A 1064 -28.65 14.43 -43.12
CA ALA A 1064 -27.56 13.80 -42.39
C ALA A 1064 -26.54 13.23 -43.36
N PRO A 1065 -25.31 12.98 -42.89
CA PRO A 1065 -24.33 12.32 -43.76
C PRO A 1065 -24.77 10.95 -44.22
N ASN A 1066 -25.61 10.26 -43.45
CA ASN A 1066 -26.12 8.97 -43.86
C ASN A 1066 -27.08 9.10 -45.05
N GLY A 1067 -27.75 10.24 -45.16
CA GLY A 1067 -28.74 10.44 -46.20
C GLY A 1067 -30.17 10.52 -45.73
N VAL A 1068 -30.40 10.67 -44.43
CA VAL A 1068 -31.75 10.75 -43.86
C VAL A 1068 -32.07 12.22 -43.65
N VAL A 1069 -33.28 12.62 -44.07
CA VAL A 1069 -33.72 14.00 -43.94
C VAL A 1069 -34.38 14.18 -42.57
N TYR A 1070 -33.97 15.22 -41.85
CA TYR A 1070 -34.50 15.52 -40.53
C TYR A 1070 -35.09 16.92 -40.53
N ALA A 1071 -36.22 17.08 -39.85
CA ALA A 1071 -36.82 18.39 -39.70
C ALA A 1071 -35.98 19.27 -38.80
N LYS A 1072 -35.92 20.56 -39.13
CA LYS A 1072 -35.14 21.51 -38.35
C LYS A 1072 -35.82 21.78 -37.01
N THR A 1073 -35.10 22.50 -36.15
CA THR A 1073 -35.66 22.90 -34.86
C THR A 1073 -36.73 23.97 -35.02
N SER A 1074 -36.71 24.71 -36.13
CA SER A 1074 -37.68 25.79 -36.32
C SER A 1074 -39.08 25.27 -36.59
N VAL A 1075 -39.22 24.02 -37.01
CA VAL A 1075 -40.54 23.44 -37.25
C VAL A 1075 -40.97 22.47 -36.15
N ARG A 1076 -40.02 21.79 -35.50
CA ARG A 1076 -40.34 20.87 -34.42
C ARG A 1076 -39.09 20.52 -33.62
N LYS A 1077 -39.13 20.77 -32.31
CA LYS A 1077 -38.03 20.40 -31.43
C LYS A 1077 -38.19 18.95 -30.99
N SER A 1078 -37.14 18.16 -31.16
CA SER A 1078 -37.23 16.73 -30.92
C SER A 1078 -37.41 16.44 -29.43
N THR A 1079 -37.81 15.21 -29.13
CA THR A 1079 -38.07 14.79 -27.76
C THR A 1079 -36.82 14.22 -27.08
N LEU A 1080 -36.01 13.46 -27.82
CA LEU A 1080 -34.75 12.98 -27.26
C LEU A 1080 -33.86 14.13 -26.82
N SER A 1081 -33.92 15.26 -27.54
CA SER A 1081 -33.10 16.41 -27.20
C SER A 1081 -33.41 16.91 -25.80
N LYS A 1082 -34.68 16.91 -25.40
CA LYS A 1082 -35.06 17.45 -24.10
C LYS A 1082 -34.47 16.62 -22.97
N MET A 1083 -34.71 15.30 -23.00
CA MET A 1083 -34.13 14.41 -22.00
C MET A 1083 -32.61 14.52 -21.99
N LEU A 1084 -32.00 14.58 -23.16
CA LEU A 1084 -30.54 14.63 -23.21
C LEU A 1084 -30.00 15.93 -22.63
N THR A 1085 -30.64 17.07 -22.94
CA THR A 1085 -30.18 18.33 -22.36
C THR A 1085 -30.34 18.34 -20.84
N ASP A 1086 -31.46 17.83 -20.32
CA ASP A 1086 -31.61 17.80 -18.87
C ASP A 1086 -30.55 16.92 -18.21
N ILE A 1087 -30.36 15.70 -18.75
CA ILE A 1087 -29.38 14.79 -18.16
C ILE A 1087 -27.97 15.37 -18.25
N LEU A 1088 -27.64 15.99 -19.38
CA LEU A 1088 -26.30 16.54 -19.54
C LEU A 1088 -26.09 17.78 -18.70
N ASP A 1089 -27.13 18.59 -18.48
CA ASP A 1089 -27.00 19.72 -17.58
C ASP A 1089 -26.73 19.25 -16.16
N VAL A 1090 -27.47 18.23 -15.70
CA VAL A 1090 -27.21 17.69 -14.37
C VAL A 1090 -25.80 17.12 -14.30
N ARG A 1091 -25.34 16.46 -15.36
CA ARG A 1091 -24.02 15.86 -15.35
C ARG A 1091 -22.92 16.92 -15.29
N VAL A 1092 -23.03 17.96 -16.12
CA VAL A 1092 -22.00 19.00 -16.11
C VAL A 1092 -22.04 19.78 -14.82
N MET A 1093 -23.21 19.91 -14.18
CA MET A 1093 -23.25 20.56 -12.87
C MET A 1093 -22.55 19.71 -11.83
N ILE A 1094 -22.78 18.39 -11.85
CA ILE A 1094 -22.07 17.51 -10.93
C ILE A 1094 -20.57 17.59 -11.15
N LYS A 1095 -20.14 17.64 -12.42
CA LYS A 1095 -18.71 17.69 -12.70
C LYS A 1095 -18.10 19.02 -12.28
N LYS A 1096 -18.82 20.13 -12.50
CA LYS A 1096 -18.31 21.43 -12.09
C LYS A 1096 -18.23 21.54 -10.57
N THR A 1097 -19.17 20.92 -9.85
CA THR A 1097 -19.08 20.90 -8.40
C THR A 1097 -17.94 20.00 -7.94
N MET A 1098 -17.70 18.89 -8.65
CA MET A 1098 -16.64 17.97 -8.26
C MET A 1098 -15.26 18.58 -8.49
N ASN A 1099 -15.11 19.39 -9.54
CA ASN A 1099 -13.82 20.00 -9.87
C ASN A 1099 -13.59 21.32 -9.14
N GLU A 1100 -14.28 21.55 -8.02
CA GLU A 1100 -14.08 22.75 -7.21
C GLU A 1100 -13.75 22.42 -5.76
N ILE A 1101 -13.27 21.21 -5.50
CA ILE A 1101 -12.89 20.79 -4.16
C ILE A 1101 -11.56 20.06 -4.22
N GLY A 1102 -10.60 20.50 -3.42
CA GLY A 1102 -9.30 19.86 -3.37
C GLY A 1102 -8.97 19.31 -1.99
N ASP A 1103 -9.52 19.93 -0.94
CA ASP A 1103 -9.25 19.48 0.41
C ASP A 1103 -10.11 18.30 0.81
N ASP A 1104 -11.35 18.25 0.32
CA ASP A 1104 -12.23 17.13 0.62
C ASP A 1104 -11.66 15.85 0.03
N ASN A 1105 -11.65 14.80 0.83
CA ASN A 1105 -11.10 13.51 0.42
C ASN A 1105 -12.07 12.83 -0.55
N THR A 1106 -11.78 11.58 -0.89
CA THR A 1106 -12.62 10.82 -1.81
C THR A 1106 -14.03 10.61 -1.29
N THR A 1107 -14.30 10.93 -0.02
CA THR A 1107 -15.63 10.70 0.56
C THR A 1107 -16.73 11.33 -0.27
N LEU A 1108 -16.47 12.51 -0.84
CA LEU A 1108 -17.44 13.19 -1.70
C LEU A 1108 -17.07 13.15 -3.17
N LYS A 1109 -15.77 13.24 -3.49
CA LYS A 1109 -15.35 13.20 -4.88
C LYS A 1109 -15.69 11.87 -5.54
N ARG A 1110 -15.53 10.77 -4.80
CA ARG A 1110 -15.85 9.46 -5.36
C ARG A 1110 -17.34 9.31 -5.63
N LEU A 1111 -18.18 9.81 -4.72
CA LEU A 1111 -19.63 9.75 -4.95
C LEU A 1111 -20.04 10.62 -6.12
N LEU A 1112 -19.45 11.82 -6.24
CA LEU A 1112 -19.78 12.68 -7.38
C LEU A 1112 -19.31 12.07 -8.68
N ASN A 1113 -18.15 11.41 -8.67
CA ASN A 1113 -17.66 10.72 -9.86
C ASN A 1113 -18.57 9.57 -10.24
N ASN A 1114 -19.05 8.82 -9.24
CA ASN A 1114 -19.99 7.74 -9.51
C ASN A 1114 -21.30 8.28 -10.11
N LYS A 1115 -21.78 9.40 -9.59
CA LYS A 1115 -23.01 9.99 -10.12
C LYS A 1115 -22.82 10.45 -11.56
N GLN A 1116 -21.71 11.13 -11.85
CA GLN A 1116 -21.48 11.60 -13.21
C GLN A 1116 -21.26 10.43 -14.17
N LEU A 1117 -20.62 9.35 -13.71
CA LEU A 1117 -20.47 8.18 -14.55
C LEU A 1117 -21.81 7.49 -14.81
N ALA A 1118 -22.68 7.47 -13.81
CA ALA A 1118 -24.01 6.90 -14.01
C ALA A 1118 -24.82 7.72 -15.00
N LEU A 1119 -24.70 9.05 -14.95
CA LEU A 1119 -25.42 9.88 -15.91
C LEU A 1119 -24.82 9.73 -17.31
N LYS A 1120 -23.50 9.61 -17.41
CA LYS A 1120 -22.87 9.34 -18.70
C LYS A 1120 -23.35 8.02 -19.28
N LEU A 1121 -23.45 6.99 -18.45
CA LEU A 1121 -23.97 5.71 -18.91
C LEU A 1121 -25.43 5.82 -19.32
N LEU A 1122 -26.21 6.64 -18.61
CA LEU A 1122 -27.59 6.86 -18.99
C LEU A 1122 -27.69 7.47 -20.39
N ALA A 1123 -26.86 8.48 -20.66
CA ALA A 1123 -26.87 9.09 -21.98
C ALA A 1123 -26.39 8.10 -23.05
N ASN A 1124 -25.36 7.32 -22.73
CA ASN A 1124 -24.84 6.37 -23.71
C ASN A 1124 -25.85 5.29 -24.04
N VAL A 1125 -26.59 4.79 -23.04
CA VAL A 1125 -27.62 3.81 -23.34
C VAL A 1125 -28.87 4.45 -23.95
N THR A 1126 -29.08 5.75 -23.73
CA THR A 1126 -30.11 6.45 -24.49
C THR A 1126 -29.78 6.45 -25.97
N TYR A 1127 -28.51 6.67 -26.30
CA TYR A 1127 -28.06 6.50 -27.68
C TYR A 1127 -28.23 5.06 -28.14
N GLY A 1128 -27.69 4.12 -27.37
CA GLY A 1128 -27.70 2.71 -27.74
C GLY A 1128 -29.09 2.12 -27.87
N TYR A 1129 -30.10 2.76 -27.29
CA TYR A 1129 -31.48 2.35 -27.50
C TYR A 1129 -31.89 2.43 -28.97
N THR A 1130 -31.12 3.11 -29.80
CA THR A 1130 -31.42 3.25 -31.22
C THR A 1130 -30.74 2.14 -32.01
N SER A 1131 -31.50 1.54 -32.93
CA SER A 1131 -31.08 0.56 -33.92
C SER A 1131 -30.82 -0.83 -33.34
N ALA A 1132 -30.69 -0.94 -32.01
CA ALA A 1132 -30.91 -2.15 -31.25
C ALA A 1132 -30.61 -3.42 -32.03
N SER A 1133 -29.38 -3.57 -32.52
CA SER A 1133 -29.02 -4.61 -33.48
C SER A 1133 -29.57 -5.99 -33.09
N PHE A 1134 -29.62 -6.27 -31.80
CA PHE A 1134 -30.23 -7.49 -31.29
C PHE A 1134 -30.97 -7.19 -30.00
N SER A 1135 -32.05 -7.91 -29.76
CA SER A 1135 -32.85 -7.79 -28.53
C SER A 1135 -33.26 -6.35 -28.28
N GLY A 1136 -34.01 -5.80 -29.23
CA GLY A 1136 -34.49 -4.44 -29.11
C GLY A 1136 -36.00 -4.34 -29.07
N ARG A 1137 -36.52 -3.19 -28.65
CA ARG A 1137 -37.95 -3.00 -28.54
C ARG A 1137 -38.50 -1.85 -29.39
N MET A 1138 -37.67 -0.86 -29.71
CA MET A 1138 -38.05 0.18 -30.67
C MET A 1138 -36.79 0.73 -31.32
N PRO A 1139 -36.20 -0.02 -32.25
CA PRO A 1139 -34.94 0.40 -32.87
C PRO A 1139 -35.18 1.28 -34.10
N CYS A 1140 -34.08 1.85 -34.58
CA CYS A 1140 -34.07 2.56 -35.86
C CYS A 1140 -32.65 2.56 -36.38
N SER A 1141 -32.39 1.76 -37.42
CA SER A 1141 -31.02 1.64 -37.93
C SER A 1141 -30.55 2.95 -38.54
N ASP A 1142 -31.44 3.68 -39.23
CA ASP A 1142 -31.03 4.90 -39.91
C ASP A 1142 -30.62 5.97 -38.92
N LEU A 1143 -31.32 6.07 -37.78
CA LEU A 1143 -30.99 7.10 -36.80
C LEU A 1143 -29.59 6.89 -36.24
N ALA A 1144 -29.30 5.68 -35.75
CA ALA A 1144 -27.98 5.42 -35.17
C ALA A 1144 -26.89 5.47 -36.23
N ASP A 1145 -27.21 5.03 -37.46
CA ASP A 1145 -26.23 5.15 -38.53
C ASP A 1145 -25.88 6.60 -38.79
N SER A 1146 -26.87 7.47 -38.84
CA SER A 1146 -26.61 8.89 -39.04
C SER A 1146 -25.81 9.47 -37.87
N ILE A 1147 -26.12 9.03 -36.65
CA ILE A 1147 -25.41 9.54 -35.48
C ILE A 1147 -23.92 9.19 -35.56
N VAL A 1148 -23.62 7.90 -35.81
CA VAL A 1148 -22.22 7.49 -35.89
C VAL A 1148 -21.52 8.14 -37.07
N GLN A 1149 -22.24 8.31 -38.19
CA GLN A 1149 -21.62 8.90 -39.37
C GLN A 1149 -21.27 10.37 -39.14
N THR A 1150 -22.19 11.13 -38.54
CA THR A 1150 -21.88 12.53 -38.28
C THR A 1150 -20.85 12.68 -37.16
N GLY A 1151 -20.77 11.70 -36.25
CA GLY A 1151 -19.68 11.71 -35.29
C GLY A 1151 -18.33 11.53 -35.95
N ARG A 1152 -18.24 10.55 -36.86
CA ARG A 1152 -17.02 10.36 -37.62
C ARG A 1152 -16.66 11.61 -38.43
N GLU A 1153 -17.66 12.24 -39.04
CA GLU A 1153 -17.42 13.44 -39.82
C GLU A 1153 -16.93 14.59 -38.95
N THR A 1154 -17.51 14.74 -37.76
CA THR A 1154 -17.05 15.79 -36.84
C THR A 1154 -15.62 15.53 -36.39
N LEU A 1155 -15.28 14.26 -36.11
CA LEU A 1155 -13.90 13.95 -35.73
C LEU A 1155 -12.94 14.26 -36.86
N GLU A 1156 -13.31 13.91 -38.10
CA GLU A 1156 -12.43 14.19 -39.23
C GLU A 1156 -12.27 15.69 -39.47
N LYS A 1157 -13.36 16.45 -39.31
CA LYS A 1157 -13.27 17.90 -39.44
C LYS A 1157 -12.38 18.49 -38.36
N ALA A 1158 -12.44 17.94 -37.15
CA ALA A 1158 -11.55 18.39 -36.08
C ALA A 1158 -10.10 18.09 -36.42
N ILE A 1159 -9.84 16.90 -36.96
CA ILE A 1159 -8.48 16.56 -37.41
C ILE A 1159 -7.99 17.58 -38.43
N ASP A 1160 -8.84 17.90 -39.41
CA ASP A 1160 -8.45 18.85 -40.45
C ASP A 1160 -8.20 20.24 -39.87
N ILE A 1161 -9.06 20.69 -38.97
CA ILE A 1161 -8.89 22.01 -38.37
C ILE A 1161 -7.59 22.07 -37.58
N ILE A 1162 -7.26 21.00 -36.85
CA ILE A 1162 -6.03 21.00 -36.06
C ILE A 1162 -4.81 20.98 -36.97
N GLU A 1163 -4.83 20.19 -38.03
CA GLU A 1163 -3.70 20.09 -38.95
C GLU A 1163 -3.69 21.19 -40.00
N LYS A 1164 -4.61 22.14 -39.92
CA LYS A 1164 -4.70 23.23 -40.90
C LYS A 1164 -4.09 24.53 -40.40
N ASP A 1165 -3.32 24.48 -39.32
CA ASP A 1165 -2.71 25.69 -38.74
C ASP A 1165 -1.20 25.57 -38.85
N GLU A 1166 -0.56 26.58 -39.44
CA GLU A 1166 0.89 26.56 -39.59
C GLU A 1166 1.60 26.94 -38.30
N THR A 1167 0.99 27.79 -37.48
CA THR A 1167 1.61 28.17 -36.21
C THR A 1167 1.67 26.98 -35.26
N TRP A 1168 0.65 26.13 -35.29
CA TRP A 1168 0.63 24.89 -34.51
C TRP A 1168 1.10 23.77 -35.43
N ASN A 1169 2.41 23.57 -35.51
CA ASN A 1169 2.98 22.50 -36.34
C ASN A 1169 2.77 21.17 -35.62
N ALA A 1170 1.51 20.78 -35.51
CA ALA A 1170 1.10 19.59 -34.80
C ALA A 1170 0.57 18.54 -35.78
N LYS A 1171 0.58 17.29 -35.33
CA LYS A 1171 0.09 16.17 -36.10
C LYS A 1171 -0.60 15.19 -35.17
N VAL A 1172 -1.83 14.81 -35.52
CA VAL A 1172 -2.58 13.87 -34.69
C VAL A 1172 -2.06 12.46 -34.94
N VAL A 1173 -1.74 11.75 -33.86
CA VAL A 1173 -1.16 10.42 -33.95
C VAL A 1173 -2.14 9.32 -33.56
N TYR A 1174 -3.19 9.62 -32.81
CA TYR A 1174 -4.12 8.60 -32.37
C TYR A 1174 -5.44 9.26 -32.00
N GLY A 1175 -6.52 8.47 -32.05
CA GLY A 1175 -7.83 8.93 -31.67
C GLY A 1175 -8.86 7.82 -31.74
N ASP A 1176 -9.71 7.69 -30.72
CA ASP A 1176 -10.68 6.61 -30.64
C ASP A 1176 -12.08 7.23 -30.63
N THR A 1177 -12.56 7.57 -31.84
CA THR A 1177 -13.93 7.97 -32.14
C THR A 1177 -14.32 9.32 -31.51
N ASP A 1178 -13.54 9.80 -30.55
CA ASP A 1178 -13.72 11.14 -30.01
C ASP A 1178 -12.42 11.87 -29.70
N SER A 1179 -11.31 11.17 -29.49
CA SER A 1179 -10.10 11.76 -28.97
C SER A 1179 -9.16 12.19 -30.10
N LEU A 1180 -8.21 13.05 -29.74
CA LEU A 1180 -7.20 13.53 -30.69
C LEU A 1180 -5.89 13.66 -29.93
N PHE A 1181 -4.92 12.82 -30.27
CA PHE A 1181 -3.60 12.85 -29.66
C PHE A 1181 -2.68 13.64 -30.58
N VAL A 1182 -2.51 14.93 -30.30
CA VAL A 1182 -1.63 15.78 -31.10
C VAL A 1182 -0.25 15.81 -30.46
N TYR A 1183 0.78 15.73 -31.30
CA TYR A 1183 2.16 15.63 -30.83
C TYR A 1183 2.89 16.94 -31.13
N LEU A 1184 3.49 17.52 -30.10
CA LEU A 1184 4.23 18.77 -30.21
C LEU A 1184 5.68 18.51 -29.88
N PRO A 1185 6.52 18.23 -30.87
CA PRO A 1185 7.93 17.88 -30.59
C PRO A 1185 8.68 19.02 -29.93
N GLY A 1186 9.16 18.75 -28.71
CA GLY A 1186 9.94 19.72 -27.97
C GLY A 1186 9.20 21.02 -27.74
N LYS A 1187 8.15 21.01 -26.93
CA LYS A 1187 7.28 22.16 -26.80
C LYS A 1187 7.03 22.55 -25.35
N THR A 1188 7.99 22.29 -24.45
CA THR A 1188 8.05 22.89 -23.12
C THR A 1188 6.70 22.93 -22.43
N ALA A 1189 6.20 21.76 -22.01
CA ALA A 1189 4.80 21.48 -21.70
C ALA A 1189 4.03 22.61 -21.01
N ILE A 1190 4.74 23.49 -20.29
CA ILE A 1190 4.10 24.66 -19.69
C ILE A 1190 3.23 25.39 -20.71
N GLU A 1191 3.69 25.51 -21.95
CA GLU A 1191 2.89 26.14 -23.00
C GLU A 1191 2.01 25.16 -23.75
N ALA A 1192 2.24 23.85 -23.59
CA ALA A 1192 1.36 22.87 -24.22
C ALA A 1192 -0.07 23.00 -23.71
N PHE A 1193 -0.26 23.42 -22.47
CA PHE A 1193 -1.59 23.67 -21.95
C PHE A 1193 -2.28 24.79 -22.72
N SER A 1194 -1.56 25.89 -22.96
CA SER A 1194 -2.13 26.99 -23.72
C SER A 1194 -2.43 26.58 -25.15
N ILE A 1195 -1.52 25.81 -25.77
CA ILE A 1195 -1.77 25.35 -27.13
C ILE A 1195 -3.01 24.46 -27.18
N GLY A 1196 -3.15 23.56 -26.20
CA GLY A 1196 -4.31 22.70 -26.16
C GLY A 1196 -5.61 23.47 -25.95
N HIS A 1197 -5.58 24.46 -25.07
CA HIS A 1197 -6.77 25.28 -24.85
C HIS A 1197 -7.15 26.05 -26.10
N ALA A 1198 -6.16 26.59 -26.81
CA ALA A 1198 -6.44 27.30 -28.06
C ALA A 1198 -7.02 26.37 -29.11
N MET A 1199 -6.46 25.16 -29.24
CA MET A 1199 -6.98 24.19 -30.19
C MET A 1199 -8.42 23.81 -29.84
N ALA A 1200 -8.70 23.58 -28.54
CA ALA A 1200 -10.04 23.22 -28.12
C ALA A 1200 -11.03 24.33 -28.44
N GLU A 1201 -10.67 25.57 -28.13
CA GLU A 1201 -11.57 26.68 -28.44
C GLU A 1201 -11.80 26.81 -29.94
N ARG A 1202 -10.75 26.63 -30.74
CA ARG A 1202 -10.89 26.78 -32.18
C ARG A 1202 -11.77 25.69 -32.78
N VAL A 1203 -11.64 24.45 -32.28
CA VAL A 1203 -12.48 23.38 -32.80
C VAL A 1203 -13.91 23.51 -32.29
N THR A 1204 -14.09 24.02 -31.07
CA THR A 1204 -15.45 24.16 -30.53
C THR A 1204 -16.21 25.27 -31.23
N GLN A 1205 -15.53 26.37 -31.57
CA GLN A 1205 -16.26 27.46 -32.24
C GLN A 1205 -16.65 27.14 -33.68
N ASN A 1206 -16.42 25.93 -34.19
CA ASN A 1206 -16.82 25.54 -35.54
C ASN A 1206 -17.85 24.42 -35.54
N ASN A 1207 -18.69 24.35 -34.50
CA ASN A 1207 -19.67 23.28 -34.37
C ASN A 1207 -20.97 23.81 -33.78
N PRO A 1208 -22.06 23.04 -33.80
CA PRO A 1208 -23.30 23.48 -33.14
C PRO A 1208 -23.15 23.67 -31.64
N LYS A 1209 -24.21 24.16 -30.99
CA LYS A 1209 -24.10 24.64 -29.61
C LYS A 1209 -23.70 23.56 -28.61
N PRO A 1210 -24.42 22.44 -28.48
CA PRO A 1210 -24.09 21.50 -27.40
C PRO A 1210 -22.77 20.77 -27.58
N ILE A 1211 -22.13 20.89 -28.75
CA ILE A 1211 -20.85 20.24 -28.98
C ILE A 1211 -19.74 21.09 -28.36
N PHE A 1212 -18.81 20.44 -27.66
CA PHE A 1212 -17.78 21.16 -26.92
C PHE A 1212 -16.58 20.23 -26.76
N LEU A 1213 -15.42 20.67 -27.24
CA LEU A 1213 -14.18 19.91 -27.13
C LEU A 1213 -13.44 20.31 -25.86
N LYS A 1214 -12.87 19.33 -25.17
CA LYS A 1214 -12.23 19.54 -23.89
C LYS A 1214 -10.76 19.12 -23.95
N PHE A 1215 -9.90 19.87 -23.27
CA PHE A 1215 -8.47 19.56 -23.23
C PHE A 1215 -8.17 18.49 -22.18
N GLU A 1216 -8.37 18.81 -20.91
CA GLU A 1216 -8.54 17.87 -19.81
C GLU A 1216 -7.29 17.12 -19.36
N LYS A 1217 -6.20 17.12 -20.14
CA LYS A 1217 -4.94 16.55 -19.68
C LYS A 1217 -3.90 16.66 -20.80
N VAL A 1218 -2.67 16.27 -20.46
CA VAL A 1218 -1.58 16.17 -21.42
C VAL A 1218 -0.63 15.05 -20.98
N TYR A 1219 -0.07 14.34 -21.95
CA TYR A 1219 0.90 13.27 -21.72
C TYR A 1219 2.28 13.80 -22.09
N HIS A 1220 3.13 14.03 -21.09
CA HIS A 1220 4.48 14.46 -21.44
C HIS A 1220 5.29 13.24 -21.92
N PRO A 1221 5.47 12.17 -21.11
CA PRO A 1221 5.95 10.92 -21.69
C PRO A 1221 4.80 9.97 -21.99
N SER A 1222 4.87 9.22 -23.09
CA SER A 1222 3.78 8.33 -23.44
C SER A 1222 4.28 7.26 -24.41
N ILE A 1223 3.59 6.12 -24.39
CA ILE A 1223 3.86 5.01 -25.28
C ILE A 1223 2.54 4.53 -25.85
N LEU A 1224 2.39 4.62 -27.17
CA LEU A 1224 1.18 4.15 -27.86
C LEU A 1224 1.46 2.76 -28.42
N ILE A 1225 1.02 1.73 -27.70
CA ILE A 1225 1.28 0.36 -28.13
C ILE A 1225 0.47 0.04 -29.38
N SER A 1226 -0.85 0.12 -29.29
CA SER A 1226 -1.74 -0.17 -30.40
C SER A 1226 -3.06 0.53 -30.13
N LYS A 1227 -4.10 0.16 -30.89
CA LYS A 1227 -5.42 0.72 -30.69
C LYS A 1227 -5.96 0.34 -29.32
N LYS A 1228 -6.44 1.34 -28.58
CA LYS A 1228 -7.01 1.14 -27.24
C LYS A 1228 -6.00 0.57 -26.25
N ARG A 1229 -4.71 0.78 -26.53
CA ARG A 1229 -3.64 0.34 -25.64
C ARG A 1229 -2.55 1.40 -25.63
N TYR A 1230 -2.37 2.06 -24.48
CA TYR A 1230 -1.33 3.07 -24.34
C TYR A 1230 -1.14 3.34 -22.85
N VAL A 1231 -0.06 4.07 -22.55
CA VAL A 1231 0.30 4.38 -21.17
C VAL A 1231 1.17 5.64 -21.19
N GLY A 1232 1.08 6.42 -20.12
CA GLY A 1232 1.89 7.62 -20.01
C GLY A 1232 1.55 8.38 -18.75
N PHE A 1233 2.40 9.36 -18.45
CA PHE A 1233 2.18 10.25 -17.32
C PHE A 1233 1.27 11.39 -17.74
N SER A 1234 0.21 11.61 -16.99
CA SER A 1234 -0.80 12.61 -17.33
C SER A 1234 -0.69 13.81 -16.40
N TYR A 1235 -0.76 15.01 -16.98
CA TYR A 1235 -0.76 16.26 -16.24
C TYR A 1235 -2.06 17.00 -16.58
N GLU A 1236 -3.06 16.85 -15.72
CA GLU A 1236 -4.37 17.45 -15.99
C GLU A 1236 -4.40 18.95 -15.73
N SER A 1237 -3.33 19.52 -15.19
CA SER A 1237 -3.30 20.94 -14.88
C SER A 1237 -1.84 21.37 -14.72
N PRO A 1238 -1.50 22.60 -15.08
CA PRO A 1238 -0.10 23.03 -14.94
C PRO A 1238 0.36 23.09 -13.48
N SER A 1239 -0.56 23.30 -12.54
CA SER A 1239 -0.20 23.33 -11.13
C SER A 1239 0.10 21.93 -10.58
N GLN A 1240 -0.39 20.88 -11.25
CA GLN A 1240 -0.14 19.52 -10.79
C GLN A 1240 1.34 19.19 -10.91
N THR A 1241 1.96 18.87 -9.77
CA THR A 1241 3.39 18.58 -9.73
C THR A 1241 3.68 17.11 -9.99
N LEU A 1242 3.04 16.21 -9.22
CA LEU A 1242 3.33 14.80 -9.47
C LEU A 1242 2.43 14.27 -10.58
N PRO A 1243 2.99 13.53 -11.53
CA PRO A 1243 2.19 12.99 -12.62
C PRO A 1243 1.32 11.83 -12.17
N ILE A 1244 0.34 11.50 -12.99
CA ILE A 1244 -0.59 10.41 -12.74
C ILE A 1244 -0.30 9.29 -13.75
N PHE A 1245 -0.06 8.09 -13.23
CA PHE A 1245 0.22 6.93 -14.08
C PHE A 1245 -1.08 6.45 -14.70
N ASP A 1246 -1.37 6.95 -15.91
CA ASP A 1246 -2.62 6.65 -16.60
C ASP A 1246 -2.30 5.60 -17.66
N ALA A 1247 -2.75 4.37 -17.42
CA ALA A 1247 -2.59 3.27 -18.35
C ALA A 1247 -3.94 2.87 -18.93
N LYS A 1248 -3.91 2.34 -20.15
CA LYS A 1248 -5.12 1.92 -20.85
C LYS A 1248 -4.85 0.62 -21.58
N GLY A 1249 -5.58 -0.43 -21.20
CA GLY A 1249 -5.54 -1.69 -21.94
C GLY A 1249 -4.34 -2.58 -21.64
N ILE A 1250 -3.23 -2.00 -21.22
CA ILE A 1250 -2.02 -2.78 -20.99
C ILE A 1250 -2.18 -3.63 -19.75
N GLU A 1251 -1.23 -4.55 -19.52
CA GLU A 1251 -1.35 -5.58 -18.49
C GLU A 1251 -1.38 -5.04 -17.07
N THR A 1252 -1.25 -3.73 -16.88
CA THR A 1252 -1.32 -3.16 -15.54
C THR A 1252 -2.76 -2.90 -15.10
N VAL A 1253 -3.72 -2.92 -16.02
CA VAL A 1253 -5.12 -2.75 -15.68
C VAL A 1253 -5.97 -3.97 -15.97
N ARG A 1254 -5.50 -4.91 -16.80
CA ARG A 1254 -6.26 -6.11 -17.11
C ARG A 1254 -6.11 -7.11 -15.97
N ARG A 1255 -7.23 -7.71 -15.57
CA ARG A 1255 -7.24 -8.78 -14.58
C ARG A 1255 -7.04 -10.15 -15.20
N ASP A 1256 -6.46 -10.22 -16.39
CA ASP A 1256 -6.24 -11.46 -17.11
C ASP A 1256 -4.80 -11.97 -16.92
N GLY A 1257 -4.23 -11.73 -15.75
CA GLY A 1257 -2.85 -12.13 -15.46
C GLY A 1257 -2.63 -12.36 -13.99
N ILE A 1258 -1.45 -12.00 -13.51
CA ILE A 1258 -1.08 -12.20 -12.11
C ILE A 1258 -0.70 -10.84 -11.54
N PRO A 1259 -0.82 -10.66 -10.21
CA PRO A 1259 -0.41 -9.39 -9.61
C PRO A 1259 1.08 -9.09 -9.72
N ALA A 1260 1.92 -10.11 -9.94
CA ALA A 1260 3.35 -9.87 -10.04
C ALA A 1260 3.70 -9.14 -11.33
N GLN A 1261 3.11 -9.57 -12.45
CA GLN A 1261 3.42 -8.93 -13.73
C GLN A 1261 2.96 -7.49 -13.74
N GLN A 1262 1.86 -7.16 -13.06
CA GLN A 1262 1.41 -5.78 -13.00
C GLN A 1262 2.44 -4.90 -12.30
N LYS A 1263 2.92 -5.34 -11.13
CA LYS A 1263 3.92 -4.58 -10.40
C LYS A 1263 5.21 -4.45 -11.21
N ILE A 1264 5.65 -5.54 -11.83
CA ILE A 1264 6.89 -5.51 -12.60
C ILE A 1264 6.79 -4.55 -13.77
N ILE A 1265 5.68 -4.62 -14.52
CA ILE A 1265 5.50 -3.77 -15.69
C ILE A 1265 5.38 -2.31 -15.26
N GLU A 1266 4.64 -2.03 -14.18
CA GLU A 1266 4.51 -0.66 -13.73
C GLU A 1266 5.85 -0.10 -13.27
N LYS A 1267 6.64 -0.90 -12.56
CA LYS A 1267 7.96 -0.44 -12.12
C LYS A 1267 8.86 -0.16 -13.32
N CYS A 1268 8.84 -1.04 -14.32
CA CYS A 1268 9.66 -0.83 -15.50
C CYS A 1268 9.24 0.42 -16.26
N ILE A 1269 7.93 0.64 -16.38
CA ILE A 1269 7.44 1.81 -17.12
C ILE A 1269 7.78 3.10 -16.38
N ARG A 1270 7.67 3.08 -15.05
CA ARG A 1270 8.04 4.27 -14.28
C ARG A 1270 9.54 4.53 -14.36
N LEU A 1271 10.35 3.47 -14.34
CA LEU A 1271 11.79 3.65 -14.49
C LEU A 1271 12.14 4.21 -15.87
N LEU A 1272 11.40 3.79 -16.90
CA LEU A 1272 11.67 4.30 -18.24
C LEU A 1272 11.23 5.75 -18.38
N PHE A 1273 10.08 6.11 -17.78
CA PHE A 1273 9.57 7.46 -17.94
C PHE A 1273 10.31 8.48 -17.09
N GLN A 1274 10.80 8.07 -15.92
CA GLN A 1274 11.45 9.02 -15.02
C GLN A 1274 12.93 9.20 -15.33
N THR A 1275 13.68 8.10 -15.42
CA THR A 1275 15.12 8.17 -15.58
C THR A 1275 15.60 7.98 -17.02
N LYS A 1276 14.76 7.43 -17.89
CA LYS A 1276 15.13 7.10 -19.26
C LYS A 1276 16.32 6.15 -19.32
N ASP A 1277 16.57 5.42 -18.25
CA ASP A 1277 17.75 4.58 -18.12
C ASP A 1277 17.38 3.14 -18.43
N LEU A 1278 18.01 2.58 -19.46
CA LEU A 1278 17.80 1.17 -19.80
C LEU A 1278 18.66 0.23 -18.99
N SER A 1279 19.65 0.74 -18.25
CA SER A 1279 20.48 -0.13 -17.43
C SER A 1279 19.80 -0.45 -16.10
N LYS A 1280 19.13 0.52 -15.50
CA LYS A 1280 18.38 0.26 -14.27
C LYS A 1280 17.24 -0.71 -14.51
N ILE A 1281 16.54 -0.57 -15.64
CA ILE A 1281 15.47 -1.49 -15.98
C ILE A 1281 16.03 -2.89 -16.17
N LYS A 1282 17.18 -3.01 -16.84
CA LYS A 1282 17.77 -4.32 -17.06
C LYS A 1282 18.19 -4.97 -15.75
N LYS A 1283 18.81 -4.19 -14.86
CA LYS A 1283 19.20 -4.73 -13.56
C LYS A 1283 17.99 -5.18 -12.75
N TYR A 1284 16.94 -4.37 -12.74
CA TYR A 1284 15.73 -4.73 -12.01
C TYR A 1284 15.10 -6.00 -12.58
N LEU A 1285 15.02 -6.11 -13.90
CA LEU A 1285 14.42 -7.27 -14.52
C LEU A 1285 15.24 -8.53 -14.26
N GLN A 1286 16.57 -8.42 -14.34
CA GLN A 1286 17.41 -9.57 -14.04
C GLN A 1286 17.28 -10.00 -12.60
N ASN A 1287 17.20 -9.03 -11.67
CA ASN A 1287 17.00 -9.38 -10.27
C ASN A 1287 15.67 -10.09 -10.05
N GLU A 1288 14.60 -9.60 -10.69
CA GLU A 1288 13.30 -10.23 -10.53
C GLU A 1288 13.30 -11.64 -11.12
N PHE A 1289 13.90 -11.81 -12.29
CA PHE A 1289 13.96 -13.14 -12.90
C PHE A 1289 14.76 -14.10 -12.03
N PHE A 1290 15.87 -13.62 -11.44
CA PHE A 1290 16.66 -14.46 -10.56
C PHE A 1290 15.88 -14.84 -9.30
N LYS A 1291 15.11 -13.90 -8.75
CA LYS A 1291 14.30 -14.22 -7.58
C LYS A 1291 13.23 -15.25 -7.91
N ILE A 1292 12.58 -15.11 -9.08
CA ILE A 1292 11.57 -16.09 -9.47
C ILE A 1292 12.19 -17.45 -9.70
N GLN A 1293 13.38 -17.50 -10.30
N GLN A 1293 13.39 -17.49 -10.29
CA GLN A 1293 14.04 -18.76 -10.57
CA GLN A 1293 14.04 -18.76 -10.57
C GLN A 1293 14.47 -19.46 -9.29
C GLN A 1293 14.49 -19.46 -9.30
N ILE A 1294 14.93 -18.71 -8.29
CA ILE A 1294 15.39 -19.33 -7.06
C ILE A 1294 14.21 -19.83 -6.24
N GLY A 1295 13.20 -18.99 -6.05
CA GLY A 1295 12.04 -19.37 -5.25
C GLY A 1295 11.79 -18.44 -4.09
N LYS A 1296 12.24 -17.19 -4.22
CA LYS A 1296 12.05 -16.17 -3.18
C LYS A 1296 10.85 -15.28 -3.45
N VAL A 1297 9.79 -15.83 -4.05
CA VAL A 1297 8.62 -15.07 -4.40
C VAL A 1297 7.56 -15.27 -3.32
N SER A 1298 6.53 -14.41 -3.33
CA SER A 1298 5.50 -14.45 -2.31
C SER A 1298 4.51 -15.58 -2.51
N ALA A 1299 4.44 -16.16 -3.71
CA ALA A 1299 3.55 -17.25 -4.10
C ALA A 1299 2.09 -16.84 -4.13
N GLN A 1300 1.76 -15.60 -3.75
CA GLN A 1300 0.41 -15.07 -3.91
C GLN A 1300 0.28 -14.21 -5.15
N ASP A 1301 1.34 -13.49 -5.53
CA ASP A 1301 1.33 -12.65 -6.71
C ASP A 1301 1.39 -13.45 -8.00
N PHE A 1302 1.33 -14.78 -7.93
CA PHE A 1302 1.37 -15.64 -9.10
C PHE A 1302 0.07 -16.43 -9.24
N CYS A 1303 -1.03 -15.85 -8.79
CA CYS A 1303 -2.35 -16.48 -8.79
C CYS A 1303 -3.22 -15.80 -9.83
N PHE A 1304 -3.63 -16.56 -10.85
CA PHE A 1304 -4.56 -16.03 -11.84
C PHE A 1304 -5.94 -15.88 -11.23
N ALA A 1305 -6.80 -15.15 -11.95
CA ALA A 1305 -8.20 -14.99 -11.53
C ALA A 1305 -9.01 -14.64 -12.77
N LYS A 1306 -9.82 -15.59 -13.25
CA LYS A 1306 -10.62 -15.40 -14.44
C LYS A 1306 -12.05 -15.86 -14.17
N GLU A 1307 -13.02 -15.12 -14.69
CA GLU A 1307 -14.41 -15.48 -14.52
C GLU A 1307 -14.72 -16.76 -15.29
N VAL A 1308 -15.45 -17.66 -14.65
CA VAL A 1308 -15.73 -18.99 -15.19
C VAL A 1308 -17.23 -19.10 -15.43
N LYS A 1309 -17.62 -19.19 -16.70
CA LYS A 1309 -19.01 -19.46 -17.07
C LYS A 1309 -19.16 -20.96 -17.26
N LEU A 1310 -19.45 -21.66 -16.15
CA LEU A 1310 -19.38 -23.11 -16.12
C LEU A 1310 -20.41 -23.79 -17.03
N GLY A 1311 -21.35 -23.04 -17.59
CA GLY A 1311 -22.35 -23.64 -18.44
C GLY A 1311 -22.38 -23.09 -19.85
N ALA A 1312 -21.72 -21.94 -20.05
CA ALA A 1312 -21.73 -21.25 -21.33
C ALA A 1312 -20.55 -21.63 -22.22
N TYR A 1313 -20.00 -22.82 -22.06
CA TYR A 1313 -18.89 -23.27 -22.88
C TYR A 1313 -19.37 -24.18 -24.00
N LYS A 1314 -18.62 -24.17 -25.11
CA LYS A 1314 -19.00 -24.98 -26.27
CA LYS A 1314 -19.01 -24.97 -26.26
C LYS A 1314 -18.88 -26.47 -25.99
N SER A 1315 -17.75 -26.88 -25.41
CA SER A 1315 -17.52 -28.29 -25.13
C SER A 1315 -16.62 -28.40 -23.90
N GLU A 1316 -16.10 -29.61 -23.66
CA GLU A 1316 -15.24 -29.85 -22.52
C GLU A 1316 -13.77 -29.56 -22.83
N LYS A 1317 -13.32 -29.82 -24.05
CA LYS A 1317 -11.93 -29.55 -24.41
C LYS A 1317 -11.66 -28.07 -24.61
N THR A 1318 -12.69 -27.26 -24.79
CA THR A 1318 -12.53 -25.81 -24.90
C THR A 1318 -12.70 -25.08 -23.58
N ALA A 1319 -12.88 -25.81 -22.49
CA ALA A 1319 -13.03 -25.17 -21.19
C ALA A 1319 -11.69 -24.56 -20.75
N PRO A 1320 -11.71 -23.39 -20.12
CA PRO A 1320 -10.45 -22.74 -19.74
C PRO A 1320 -9.75 -23.41 -18.58
N ALA A 1321 -8.67 -22.80 -18.11
CA ALA A 1321 -7.86 -23.39 -17.05
C ALA A 1321 -8.63 -23.47 -15.73
N GLY A 1322 -9.47 -22.48 -15.45
CA GLY A 1322 -10.19 -22.47 -14.18
C GLY A 1322 -11.30 -23.50 -14.12
N ALA A 1323 -11.93 -23.78 -15.26
CA ALA A 1323 -13.02 -24.76 -15.28
C ALA A 1323 -12.53 -26.15 -14.91
N VAL A 1324 -11.29 -26.49 -15.26
CA VAL A 1324 -10.75 -27.80 -14.90
C VAL A 1324 -10.64 -27.92 -13.38
N VAL A 1325 -10.12 -26.88 -12.72
CA VAL A 1325 -10.02 -26.88 -11.27
C VAL A 1325 -11.41 -26.95 -10.64
N VAL A 1326 -12.35 -26.18 -11.19
CA VAL A 1326 -13.71 -26.16 -10.65
C VAL A 1326 -14.34 -27.55 -10.73
N LYS A 1327 -14.18 -28.23 -11.88
CA LYS A 1327 -14.78 -29.55 -12.02
C LYS A 1327 -14.07 -30.58 -11.15
N ARG A 1328 -12.75 -30.48 -11.02
CA ARG A 1328 -12.02 -31.40 -10.15
C ARG A 1328 -12.42 -31.22 -8.70
N ARG A 1329 -12.82 -30.00 -8.32
CA ARG A 1329 -13.31 -29.78 -6.96
C ARG A 1329 -14.76 -30.25 -6.80
N ILE A 1330 -15.57 -30.06 -7.84
CA ILE A 1330 -16.96 -30.49 -7.78
C ILE A 1330 -17.05 -32.02 -7.66
N ASN A 1331 -16.17 -32.73 -8.37
CA ASN A 1331 -16.20 -34.18 -8.35
C ASN A 1331 -15.99 -34.73 -6.95
N GLU A 1332 -15.27 -34.01 -6.09
CA GLU A 1332 -15.11 -34.43 -4.71
C GLU A 1332 -16.15 -33.81 -3.79
N ASP A 1333 -16.70 -32.64 -4.16
CA ASP A 1333 -17.75 -32.01 -3.37
C ASP A 1333 -18.62 -31.20 -4.34
N HIS A 1334 -19.73 -31.79 -4.79
CA HIS A 1334 -20.66 -31.11 -5.69
C HIS A 1334 -21.12 -29.77 -5.14
N ARG A 1335 -21.13 -29.59 -3.82
CA ARG A 1335 -21.52 -28.31 -3.24
C ARG A 1335 -20.50 -27.21 -3.50
N ALA A 1336 -19.29 -27.57 -3.94
CA ALA A 1336 -18.26 -26.57 -4.26
C ALA A 1336 -18.37 -26.11 -5.71
N GLU A 1337 -19.57 -25.70 -6.11
CA GLU A 1337 -19.79 -25.16 -7.44
C GLU A 1337 -19.89 -23.65 -7.38
N PRO A 1338 -19.10 -22.93 -8.17
CA PRO A 1338 -19.10 -21.47 -8.07
C PRO A 1338 -20.32 -20.85 -8.75
N GLN A 1339 -20.58 -19.61 -8.38
CA GLN A 1339 -21.68 -18.87 -8.99
C GLN A 1339 -21.29 -18.43 -10.40
N TYR A 1340 -22.27 -17.86 -11.11
CA TYR A 1340 -22.02 -17.40 -12.46
C TYR A 1340 -21.02 -16.25 -12.46
N LYS A 1341 -20.01 -16.35 -13.32
CA LYS A 1341 -18.95 -15.34 -13.44
C LYS A 1341 -18.19 -15.18 -12.12
N GLU A 1342 -17.76 -16.31 -11.56
CA GLU A 1342 -16.97 -16.31 -10.34
C GLU A 1342 -15.49 -16.35 -10.67
N ARG A 1343 -14.70 -15.73 -9.80
CA ARG A 1343 -13.25 -15.64 -9.99
C ARG A 1343 -12.59 -16.77 -9.21
N ILE A 1344 -12.24 -17.84 -9.92
CA ILE A 1344 -11.60 -19.01 -9.32
C ILE A 1344 -10.10 -18.91 -9.59
N PRO A 1345 -9.26 -18.82 -8.57
CA PRO A 1345 -7.82 -18.72 -8.80
C PRO A 1345 -7.17 -20.08 -9.03
N TYR A 1346 -5.97 -20.03 -9.59
CA TYR A 1346 -5.20 -21.23 -9.87
C TYR A 1346 -3.76 -20.83 -10.15
N LEU A 1347 -2.86 -21.79 -10.00
CA LEU A 1347 -1.44 -21.61 -10.26
C LEU A 1347 -0.96 -22.63 -11.28
N VAL A 1348 0.31 -22.48 -11.68
CA VAL A 1348 0.95 -23.38 -12.63
C VAL A 1348 2.18 -23.98 -11.96
N VAL A 1349 2.42 -25.26 -12.22
CA VAL A 1349 3.56 -25.99 -11.67
C VAL A 1349 4.32 -26.64 -12.83
N LYS A 1350 5.36 -27.39 -12.48
CA LYS A 1350 6.19 -28.04 -13.47
C LYS A 1350 5.55 -29.35 -13.93
N GLY A 1351 5.94 -29.80 -15.11
CA GLY A 1351 5.41 -31.01 -15.69
C GLY A 1351 6.42 -31.68 -16.59
N LYS A 1352 6.04 -32.83 -17.13
CA LYS A 1352 6.90 -33.61 -18.01
C LYS A 1352 6.85 -33.03 -19.42
N GLN A 1353 7.38 -33.77 -20.38
CA GLN A 1353 7.29 -33.36 -21.78
C GLN A 1353 5.83 -33.30 -22.22
N GLY A 1354 5.48 -32.22 -22.90
CA GLY A 1354 4.08 -31.95 -23.22
C GLY A 1354 3.39 -31.21 -22.07
N GLN A 1355 2.45 -31.90 -21.41
CA GLN A 1355 1.81 -31.40 -20.20
C GLN A 1355 1.20 -30.01 -20.43
N LEU A 1356 0.16 -30.00 -21.26
CA LEU A 1356 -0.55 -28.78 -21.59
C LEU A 1356 -0.89 -27.98 -20.34
N LEU A 1357 -1.02 -26.66 -20.51
CA LEU A 1357 -1.26 -25.77 -19.37
C LEU A 1357 -2.46 -26.22 -18.55
N ARG A 1358 -3.51 -26.72 -19.21
CA ARG A 1358 -4.69 -27.19 -18.50
C ARG A 1358 -4.42 -28.42 -17.64
N GLU A 1359 -3.34 -29.14 -17.91
CA GLU A 1359 -3.11 -30.41 -17.23
C GLU A 1359 -2.58 -30.23 -15.81
N ARG A 1360 -1.87 -29.14 -15.53
CA ARG A 1360 -1.29 -28.96 -14.19
C ARG A 1360 -2.26 -28.18 -13.31
N CYS A 1361 -2.49 -26.91 -13.64
CA CYS A 1361 -3.61 -26.10 -13.15
C CYS A 1361 -3.96 -26.38 -11.69
N VAL A 1362 -2.99 -26.14 -10.82
CA VAL A 1362 -3.21 -26.38 -9.40
C VAL A 1362 -3.82 -25.13 -8.76
N SER A 1363 -4.73 -25.35 -7.83
CA SER A 1363 -5.31 -24.27 -7.06
C SER A 1363 -4.40 -23.93 -5.88
N PRO A 1364 -4.59 -22.77 -5.23
CA PRO A 1364 -3.76 -22.45 -4.07
C PRO A 1364 -3.83 -23.49 -2.96
N GLU A 1365 -5.01 -24.06 -2.73
CA GLU A 1365 -5.14 -25.09 -1.69
C GLU A 1365 -4.33 -26.33 -2.05
N GLU A 1366 -4.43 -26.78 -3.31
CA GLU A 1366 -3.66 -27.95 -3.72
C GLU A 1366 -2.16 -27.65 -3.74
N PHE A 1367 -1.78 -26.42 -4.04
CA PHE A 1367 -0.37 -26.09 -4.15
C PHE A 1367 0.29 -25.94 -2.78
N LEU A 1368 -0.42 -25.38 -1.81
CA LEU A 1368 0.17 -25.18 -0.48
C LEU A 1368 0.20 -26.46 0.35
N GLU A 1369 -0.55 -27.49 -0.03
CA GLU A 1369 -0.54 -28.75 0.68
C GLU A 1369 0.26 -29.84 -0.03
N GLY A 1370 0.67 -29.60 -1.28
CA GLY A 1370 1.44 -30.61 -2.00
C GLY A 1370 2.85 -30.71 -1.45
N GLU A 1371 3.35 -31.95 -1.38
CA GLU A 1371 4.68 -32.18 -0.85
C GLU A 1371 5.76 -31.63 -1.77
N ASN A 1372 5.81 -32.12 -3.01
CA ASN A 1372 6.79 -31.71 -4.00
C ASN A 1372 6.09 -31.01 -5.15
N LEU A 1373 5.85 -29.71 -4.98
CA LEU A 1373 5.21 -28.89 -6.00
C LEU A 1373 5.90 -27.53 -6.01
N GLU A 1374 6.46 -27.17 -7.17
CA GLU A 1374 7.13 -25.89 -7.34
C GLU A 1374 6.57 -25.19 -8.56
N LEU A 1375 6.49 -23.86 -8.49
CA LEU A 1375 5.94 -23.08 -9.60
C LEU A 1375 6.78 -23.27 -10.85
N ASP A 1376 6.12 -23.27 -12.00
CA ASP A 1376 6.82 -23.39 -13.27
C ASP A 1376 7.52 -22.07 -13.58
N SER A 1377 8.75 -21.91 -13.06
CA SER A 1377 9.46 -20.66 -13.21
C SER A 1377 9.69 -20.32 -14.68
N GLU A 1378 10.02 -21.33 -15.49
CA GLU A 1378 10.24 -21.09 -16.92
C GLU A 1378 8.97 -20.58 -17.58
N TYR A 1379 7.85 -21.30 -17.41
CA TYR A 1379 6.60 -20.88 -18.02
C TYR A 1379 6.18 -19.51 -17.51
N TYR A 1380 6.13 -19.35 -16.19
CA TYR A 1380 5.74 -18.07 -15.60
C TYR A 1380 6.56 -16.93 -16.21
N ILE A 1381 7.88 -16.98 -16.02
CA ILE A 1381 8.76 -15.93 -16.49
C ILE A 1381 8.51 -15.66 -17.96
N ASN A 1382 8.75 -16.66 -18.82
CA ASN A 1382 8.64 -16.43 -20.25
C ASN A 1382 7.26 -15.95 -20.65
N LYS A 1383 6.26 -16.80 -20.52
CA LYS A 1383 4.96 -16.53 -21.11
C LYS A 1383 4.10 -15.57 -20.30
N ILE A 1384 4.59 -14.95 -19.23
CA ILE A 1384 3.78 -13.98 -18.53
C ILE A 1384 4.57 -12.70 -18.29
N LEU A 1385 5.84 -12.68 -18.69
CA LEU A 1385 6.61 -11.46 -18.48
C LEU A 1385 7.27 -10.98 -19.77
N ILE A 1386 7.71 -11.92 -20.62
CA ILE A 1386 8.52 -11.56 -21.78
C ILE A 1386 7.68 -10.94 -22.90
N PRO A 1387 6.47 -11.40 -23.21
CA PRO A 1387 5.71 -10.79 -24.32
C PRO A 1387 5.37 -9.32 -24.08
N PRO A 1388 4.79 -8.95 -22.92
CA PRO A 1388 4.42 -7.54 -22.76
C PRO A 1388 5.62 -6.61 -22.68
N LEU A 1389 6.68 -7.03 -21.97
CA LEU A 1389 7.90 -6.23 -21.95
C LEU A 1389 8.53 -6.14 -23.34
N ASP A 1390 8.45 -7.24 -24.11
CA ASP A 1390 8.94 -7.19 -25.49
C ASP A 1390 8.19 -6.15 -26.31
N ARG A 1391 6.87 -6.12 -26.17
CA ARG A 1391 6.10 -5.09 -26.89
C ARG A 1391 6.53 -3.70 -26.45
N LEU A 1392 6.50 -3.44 -25.15
CA LEU A 1392 6.76 -2.10 -24.63
C LEU A 1392 8.17 -1.62 -24.96
N PHE A 1393 9.14 -2.53 -25.02
CA PHE A 1393 10.53 -2.14 -25.23
C PHE A 1393 11.02 -2.35 -26.65
N ASN A 1394 10.25 -3.05 -27.50
CA ASN A 1394 10.48 -3.05 -28.92
C ASN A 1394 9.87 -1.83 -29.57
N LEU A 1395 8.89 -1.20 -28.92
CA LEU A 1395 8.54 0.16 -29.33
C LEU A 1395 9.68 1.14 -29.08
N ILE A 1396 10.70 0.75 -28.32
CA ILE A 1396 11.87 1.57 -28.09
C ILE A 1396 13.08 1.06 -28.89
N GLY A 1397 13.23 -0.26 -28.98
CA GLY A 1397 14.30 -0.83 -29.78
C GLY A 1397 15.23 -1.77 -29.04
N ILE A 1398 14.75 -2.36 -27.95
CA ILE A 1398 15.53 -3.31 -27.17
C ILE A 1398 14.68 -4.55 -26.92
N ASN A 1399 15.31 -5.72 -26.99
CA ASN A 1399 14.63 -6.99 -26.78
C ASN A 1399 14.89 -7.47 -25.35
N VAL A 1400 13.81 -7.79 -24.64
CA VAL A 1400 13.94 -8.18 -23.24
C VAL A 1400 14.29 -9.66 -23.11
N GLY A 1401 14.00 -10.46 -24.13
CA GLY A 1401 14.29 -11.88 -24.05
C GLY A 1401 15.77 -12.19 -23.88
N ASN A 1402 16.64 -11.34 -24.43
CA ASN A 1402 18.07 -11.56 -24.31
C ASN A 1402 18.57 -11.29 -22.90
N TRP A 1403 17.87 -10.46 -22.12
CA TRP A 1403 18.29 -10.16 -20.76
C TRP A 1403 18.02 -11.30 -19.80
N ALA A 1404 17.09 -12.19 -20.12
CA ALA A 1404 16.73 -13.29 -19.23
C ALA A 1404 17.64 -14.50 -19.43
N GLN A 1405 18.07 -14.76 -20.66
CA GLN A 1405 18.92 -15.92 -20.91
C GLN A 1405 20.28 -15.78 -20.23
N GLU A 1406 20.73 -14.56 -20.00
CA GLU A 1406 22.01 -14.33 -19.34
C GLU A 1406 21.90 -14.46 -17.83
N GLU A 1453 36.44 -30.05 15.10
CA GLU A 1453 35.85 -29.52 16.32
C GLU A 1453 35.84 -27.99 16.30
N LYS A 1454 36.84 -27.42 15.64
CA LYS A 1454 37.02 -25.97 15.60
C LYS A 1454 36.63 -25.46 14.22
N ARG A 1455 35.56 -24.67 14.16
CA ARG A 1455 35.13 -24.04 12.92
C ARG A 1455 34.24 -22.86 13.29
N SER A 1456 34.68 -21.65 12.93
CA SER A 1456 34.00 -20.44 13.37
C SER A 1456 33.40 -19.60 12.24
N THR A 1457 33.62 -19.97 10.98
CA THR A 1457 33.07 -19.22 9.86
C THR A 1457 31.77 -19.83 9.34
N THR A 1458 31.84 -21.08 8.87
CA THR A 1458 30.65 -21.70 8.28
C THR A 1458 29.60 -22.01 9.34
N THR A 1459 30.02 -22.49 10.50
CA THR A 1459 29.07 -22.75 11.58
C THR A 1459 28.39 -21.46 12.02
N LEU A 1460 29.16 -20.37 12.14
CA LEU A 1460 28.55 -19.11 12.56
C LEU A 1460 27.62 -18.56 11.49
N SER A 1461 27.95 -18.78 10.21
CA SER A 1461 27.04 -18.39 9.15
C SER A 1461 25.74 -19.18 9.21
N PHE A 1462 25.84 -20.48 9.49
CA PHE A 1462 24.63 -21.30 9.65
C PHE A 1462 23.80 -20.83 10.83
N LEU A 1463 24.47 -20.47 11.93
CA LEU A 1463 23.75 -19.92 13.08
C LEU A 1463 23.05 -18.61 12.72
N ILE A 1464 23.72 -17.74 11.97
CA ILE A 1464 23.09 -16.48 11.57
C ILE A 1464 21.84 -16.75 10.74
N LYS A 1465 21.95 -17.66 9.76
CA LYS A 1465 20.80 -17.98 8.93
C LYS A 1465 19.65 -18.55 9.76
N LYS A 1466 19.96 -19.51 10.64
CA LYS A 1466 18.93 -20.15 11.44
C LYS A 1466 18.26 -19.15 12.39
N LEU A 1467 19.04 -18.27 13.00
CA LEU A 1467 18.48 -17.30 13.93
C LEU A 1467 17.62 -16.27 13.19
N LYS A 1468 18.05 -15.86 12.00
CA LYS A 1468 17.23 -14.96 11.20
C LYS A 1468 15.90 -15.59 10.85
N ARG A 1469 15.93 -16.86 10.42
CA ARG A 1469 14.69 -17.54 10.08
C ARG A 1469 13.79 -17.72 11.31
N GLN A 1470 14.39 -18.03 12.45
CA GLN A 1470 13.59 -18.21 13.67
C GLN A 1470 12.95 -16.89 14.12
N LYS A 1471 13.69 -15.79 14.02
CA LYS A 1471 13.12 -14.50 14.39
C LYS A 1471 12.01 -14.09 13.43
N GLU A 1472 12.19 -14.37 12.13
CA GLU A 1472 11.12 -14.09 11.18
C GLU A 1472 9.88 -14.92 11.49
N TYR A 1473 10.06 -16.19 11.84
CA TYR A 1473 8.93 -17.04 12.19
C TYR A 1473 8.22 -16.53 13.44
N GLN A 1474 8.98 -16.12 14.46
CA GLN A 1474 8.37 -15.59 15.67
C GLN A 1474 7.63 -14.30 15.40
N THR A 1475 8.17 -13.44 14.52
CA THR A 1475 7.48 -12.21 14.17
C THR A 1475 6.16 -12.51 13.44
N LEU A 1476 6.19 -13.45 12.51
CA LEU A 1476 4.96 -13.83 11.81
C LEU A 1476 3.93 -14.39 12.79
N LYS A 1477 4.37 -15.22 13.73
CA LYS A 1477 3.45 -15.79 14.70
C LYS A 1477 2.86 -14.71 15.60
N THR A 1478 3.67 -13.73 16.00
CA THR A 1478 3.16 -12.63 16.80
C THR A 1478 2.15 -11.79 16.02
N VAL A 1479 2.42 -11.57 14.73
CA VAL A 1479 1.49 -10.81 13.90
C VAL A 1479 0.15 -11.54 13.78
N CYS A 1480 0.20 -12.85 13.55
CA CYS A 1480 -1.03 -13.63 13.45
C CYS A 1480 -1.77 -13.66 14.78
N ARG A 1481 -1.03 -13.75 15.89
CA ARG A 1481 -1.66 -13.77 17.20
C ARG A 1481 -2.33 -12.44 17.53
N THR A 1482 -1.75 -11.33 17.07
CA THR A 1482 -2.38 -10.04 17.27
C THR A 1482 -3.59 -9.88 16.35
N CYS A 1483 -3.50 -10.39 15.13
CA CYS A 1483 -4.64 -10.31 14.21
C CYS A 1483 -5.81 -11.15 14.69
N SER A 1484 -5.54 -12.28 15.34
CA SER A 1484 -6.60 -13.14 15.85
C SER A 1484 -7.26 -12.60 17.11
N TYR A 1485 -6.78 -11.48 17.65
CA TYR A 1485 -7.40 -10.87 18.82
C TYR A 1485 -8.78 -10.32 18.51
N ARG A 1486 -9.07 -10.04 17.23
CA ARG A 1486 -10.37 -9.50 16.85
C ARG A 1486 -11.50 -10.43 17.24
N TYR A 1487 -11.27 -11.74 17.17
CA TYR A 1487 -12.30 -12.74 17.48
C TYR A 1487 -12.18 -13.29 18.90
N THR A 1488 -10.97 -13.66 19.32
CA THR A 1488 -10.81 -14.38 20.58
C THR A 1488 -10.88 -13.46 21.79
N SER A 1489 -10.40 -12.22 21.66
CA SER A 1489 -10.28 -11.29 22.79
C SER A 1489 -9.41 -11.88 23.90
N ASP A 1490 -8.51 -12.79 23.53
CA ASP A 1490 -7.61 -13.45 24.46
C ASP A 1490 -6.17 -13.20 24.04
N ALA A 1491 -5.25 -13.40 24.97
CA ALA A 1491 -3.83 -13.19 24.71
C ALA A 1491 -2.94 -14.36 25.09
N GLY A 1492 -3.36 -15.21 26.02
CA GLY A 1492 -2.52 -16.33 26.43
C GLY A 1492 -2.53 -17.48 25.45
N ILE A 1493 -2.47 -18.71 25.97
CA ILE A 1493 -2.47 -19.90 25.13
C ILE A 1493 -3.88 -20.06 24.57
N GLU A 1494 -4.03 -20.91 23.54
CA GLU A 1494 -5.25 -21.18 22.80
C GLU A 1494 -5.58 -20.01 21.87
N ASN A 1495 -4.89 -18.88 22.04
CA ASN A 1495 -4.96 -17.82 21.03
C ASN A 1495 -3.98 -18.12 19.90
N ASP A 1496 -2.77 -18.55 20.23
CA ASP A 1496 -1.86 -19.05 19.21
C ASP A 1496 -2.40 -20.32 18.57
N HIS A 1497 -3.18 -21.09 19.33
CA HIS A 1497 -3.78 -22.30 18.77
C HIS A 1497 -4.92 -21.96 17.81
N ILE A 1498 -5.76 -20.99 18.17
CA ILE A 1498 -6.83 -20.60 17.27
C ILE A 1498 -6.27 -19.89 16.04
N ALA A 1499 -5.22 -19.09 16.22
CA ALA A 1499 -4.60 -18.39 15.10
C ALA A 1499 -3.81 -19.31 14.19
N SER A 1500 -3.38 -20.46 14.68
CA SER A 1500 -2.61 -21.40 13.87
C SER A 1500 -3.45 -22.14 12.85
N LYS A 1501 -4.77 -21.99 12.89
CA LYS A 1501 -5.67 -22.64 11.95
C LYS A 1501 -6.25 -21.67 10.93
N CYS A 1502 -5.72 -20.45 10.85
CA CYS A 1502 -6.17 -19.48 9.86
C CYS A 1502 -5.58 -19.83 8.50
N ASN A 1503 -6.45 -20.18 7.55
CA ASN A 1503 -6.04 -20.50 6.19
C ASN A 1503 -6.58 -19.46 5.20
N SER A 1504 -6.53 -18.19 5.58
CA SER A 1504 -7.02 -17.11 4.73
C SER A 1504 -6.07 -16.94 3.55
N TYR A 1505 -6.50 -17.40 2.37
CA TYR A 1505 -5.69 -17.30 1.17
C TYR A 1505 -5.67 -15.89 0.58
N ASP A 1506 -6.34 -14.93 1.23
CA ASP A 1506 -6.32 -13.54 0.81
C ASP A 1506 -5.39 -12.69 1.66
N CYS A 1507 -4.44 -13.31 2.34
CA CYS A 1507 -3.52 -12.60 3.22
C CYS A 1507 -2.09 -12.99 2.86
N PRO A 1508 -1.18 -12.03 2.68
CA PRO A 1508 0.21 -12.38 2.37
C PRO A 1508 0.96 -12.97 3.55
N VAL A 1509 0.49 -12.75 4.78
CA VAL A 1509 1.16 -13.31 5.95
C VAL A 1509 0.94 -14.82 6.04
N PHE A 1510 -0.09 -15.35 5.39
CA PHE A 1510 -0.36 -16.78 5.45
C PHE A 1510 0.64 -17.57 4.60
N TYR A 1511 0.90 -17.10 3.37
CA TYR A 1511 1.86 -17.78 2.51
C TYR A 1511 3.25 -17.73 3.11
N SER A 1512 3.66 -16.58 3.64
CA SER A 1512 4.94 -16.49 4.34
C SER A 1512 4.96 -17.41 5.55
N ARG A 1513 3.84 -17.56 6.24
CA ARG A 1513 3.79 -18.44 7.40
C ARG A 1513 4.02 -19.90 6.99
N VAL A 1514 3.35 -20.35 5.92
CA VAL A 1514 3.53 -21.74 5.51
C VAL A 1514 4.93 -21.95 4.94
N LYS A 1515 5.51 -20.94 4.29
CA LYS A 1515 6.89 -21.08 3.81
C LYS A 1515 7.87 -21.19 4.98
N ALA A 1516 7.69 -20.35 6.01
CA ALA A 1516 8.54 -20.44 7.19
C ALA A 1516 8.38 -21.78 7.88
N GLU A 1517 7.15 -22.30 7.93
CA GLU A 1517 6.94 -23.62 8.53
C GLU A 1517 7.65 -24.71 7.74
N ARG A 1518 7.56 -24.65 6.42
CA ARG A 1518 8.25 -25.63 5.59
C ARG A 1518 9.76 -25.55 5.77
N TYR A 1519 10.29 -24.34 5.89
CA TYR A 1519 11.73 -24.18 6.07
C TYR A 1519 12.18 -24.67 7.44
N LEU A 1520 11.39 -24.41 8.48
CA LEU A 1520 11.76 -24.86 9.82
C LEU A 1520 11.62 -26.36 9.98
N ARG A 1521 10.66 -26.98 9.29
CA ARG A 1521 10.48 -28.42 9.38
C ARG A 1521 11.47 -29.20 8.53
N ASP A 1522 12.36 -28.53 7.81
CA ASP A 1522 13.34 -29.17 6.94
C ASP A 1522 14.75 -28.76 7.36
N ASN A 1523 15.73 -29.19 6.56
CA ASN A 1523 17.14 -28.91 6.80
C ASN A 1523 17.57 -29.40 8.19
N GLN A 1524 17.17 -30.63 8.53
CA GLN A 1524 17.55 -31.21 9.81
C GLN A 1524 19.02 -31.61 9.84
N SER A 1525 19.67 -31.72 8.68
CA SER A 1525 21.08 -32.08 8.65
C SER A 1525 21.96 -30.98 9.23
N VAL A 1526 21.59 -29.72 9.03
CA VAL A 1526 22.36 -28.62 9.58
C VAL A 1526 22.06 -28.43 11.06
N GLN A 1527 20.80 -28.62 11.46
CA GLN A 1527 20.39 -28.44 12.85
C GLN A 1527 20.55 -29.77 13.57
N ARG A 1528 21.78 -30.06 14.00
CA ARG A 1528 22.10 -31.27 14.73
C ARG A 1528 23.24 -30.96 15.69
N GLU A 1529 23.75 -32.00 16.34
CA GLU A 1529 24.92 -31.82 17.20
C GLU A 1529 26.16 -31.47 16.39
N GLU A 1530 26.20 -31.88 15.13
CA GLU A 1530 27.31 -31.59 14.22
C GLU A 1530 26.80 -30.60 13.18
N ALA A 1531 26.96 -29.31 13.46
CA ALA A 1531 26.57 -28.22 12.58
C ALA A 1531 27.77 -27.69 11.81
N LEU A 1532 28.67 -28.58 11.40
CA LEU A 1532 29.99 -28.33 10.81
C LEU A 1532 30.99 -27.92 11.89
N ILE A 1533 30.61 -28.00 13.16
CA ILE A 1533 31.51 -27.76 14.28
C ILE A 1533 31.85 -29.04 15.02
N SER A 1534 31.24 -30.16 14.64
CA SER A 1534 31.55 -31.50 15.16
C SER A 1534 31.08 -31.69 16.59
N LEU A 1535 30.58 -30.62 17.22
CA LEU A 1535 30.08 -30.68 18.59
C LEU A 1535 29.17 -29.49 18.87
N MET B 1 55.36 21.11 -31.31
CA MET B 1 55.75 22.33 -31.99
C MET B 1 54.52 23.20 -32.28
N ASN B 2 54.62 24.03 -33.31
CA ASN B 2 53.52 24.90 -33.68
C ASN B 2 52.39 24.15 -34.39
N ARG B 3 52.56 22.85 -34.64
CA ARG B 3 51.54 22.10 -35.36
C ARG B 3 50.42 21.65 -34.43
N TRP B 4 50.75 20.87 -33.40
CA TRP B 4 49.72 20.33 -32.51
C TRP B 4 49.13 21.41 -31.61
N VAL B 5 49.94 22.41 -31.24
CA VAL B 5 49.44 23.47 -30.37
C VAL B 5 48.28 24.20 -31.04
N GLU B 6 48.31 24.34 -32.37
CA GLU B 6 47.24 25.04 -33.06
C GLU B 6 45.91 24.31 -32.92
N LYS B 7 45.88 23.02 -33.29
CA LYS B 7 44.63 22.26 -33.23
C LYS B 7 44.14 22.12 -31.80
N TRP B 8 45.06 21.82 -30.88
CA TRP B 8 44.62 21.65 -29.50
C TRP B 8 44.17 22.96 -28.87
N LEU B 9 44.76 24.08 -29.29
CA LEU B 9 44.29 25.38 -28.81
C LEU B 9 42.92 25.71 -29.39
N ARG B 10 42.68 25.32 -30.65
CA ARG B 10 41.35 25.48 -31.23
C ARG B 10 40.31 24.75 -30.40
N VAL B 11 40.56 23.46 -30.12
CA VAL B 11 39.59 22.67 -29.35
C VAL B 11 39.44 23.23 -27.95
N TYR B 12 40.56 23.64 -27.32
CA TYR B 12 40.51 24.17 -25.97
C TYR B 12 39.71 25.46 -25.91
N LEU B 13 39.90 26.35 -26.89
CA LEU B 13 39.16 27.61 -26.89
C LEU B 13 37.68 27.38 -27.18
N LYS B 14 37.36 26.41 -28.04
CA LYS B 14 35.96 26.09 -28.28
C LYS B 14 35.28 25.62 -27.00
N CYS B 15 35.91 24.66 -26.31
CA CYS B 15 35.35 24.19 -25.05
C CYS B 15 35.28 25.30 -24.02
N TYR B 16 36.30 26.17 -24.00
CA TYR B 16 36.35 27.28 -23.05
C TYR B 16 35.16 28.22 -23.24
N ILE B 17 34.94 28.66 -24.49
CA ILE B 17 33.85 29.58 -24.77
C ILE B 17 32.50 28.92 -24.49
N ASN B 18 32.35 27.65 -24.88
CA ASN B 18 31.08 26.97 -24.67
C ASN B 18 30.79 26.79 -23.19
N LEU B 19 31.81 26.49 -22.39
CA LEU B 19 31.62 26.34 -20.95
C LEU B 19 31.25 27.68 -20.32
N ILE B 20 31.93 28.75 -20.71
CA ILE B 20 31.60 30.06 -20.15
C ILE B 20 30.19 30.48 -20.56
N LEU B 21 29.74 30.06 -21.74
CA LEU B 21 28.40 30.42 -22.19
C LEU B 21 27.34 29.60 -21.46
N PHE B 22 27.63 28.32 -21.18
CA PHE B 22 26.60 27.47 -20.60
C PHE B 22 26.51 27.60 -19.08
N TYR B 23 27.65 27.64 -18.39
CA TYR B 23 27.62 27.66 -16.93
C TYR B 23 27.09 28.98 -16.39
N ARG B 24 27.15 30.05 -17.17
CA ARG B 24 26.44 31.28 -16.85
C ARG B 24 25.08 31.22 -17.56
N ASN B 25 24.36 32.33 -17.57
CA ASN B 25 23.08 32.42 -18.27
C ASN B 25 23.17 33.36 -19.46
N VAL B 26 24.29 33.29 -20.19
CA VAL B 26 24.42 34.06 -21.42
C VAL B 26 23.44 33.54 -22.46
N TYR B 27 23.38 32.22 -22.62
CA TYR B 27 22.40 31.55 -23.46
C TYR B 27 21.70 30.48 -22.63
N PRO B 28 20.41 30.24 -22.89
CA PRO B 28 19.64 29.41 -21.99
C PRO B 28 20.08 27.96 -22.05
N PRO B 29 19.93 27.20 -20.97
CA PRO B 29 20.11 25.75 -21.06
C PRO B 29 19.03 25.12 -21.93
N GLN B 30 19.09 23.79 -22.09
CA GLN B 30 18.26 23.06 -23.04
C GLN B 30 18.52 23.53 -24.47
N SER B 31 19.51 24.39 -24.64
CA SER B 31 20.00 24.80 -25.95
C SER B 31 21.38 24.25 -26.25
N PHE B 32 21.94 23.45 -25.35
CA PHE B 32 23.26 22.86 -25.51
C PHE B 32 23.13 21.34 -25.54
N ASP B 33 24.21 20.69 -25.96
CA ASP B 33 24.30 19.23 -26.00
C ASP B 33 25.16 18.79 -24.82
N TYR B 34 24.51 18.36 -23.75
CA TYR B 34 25.17 18.13 -22.47
C TYR B 34 25.55 16.67 -22.25
N THR B 35 25.15 15.75 -23.14
CA THR B 35 25.39 14.32 -22.93
C THR B 35 25.95 13.63 -24.15
N THR B 36 26.53 14.35 -25.11
CA THR B 36 27.01 13.75 -26.35
C THR B 36 28.54 13.76 -26.47
N TYR B 37 29.17 14.90 -26.24
CA TYR B 37 30.59 15.06 -26.54
C TYR B 37 31.44 14.96 -25.27
N GLN B 38 32.74 14.79 -25.49
CA GLN B 38 33.75 14.87 -24.44
C GLN B 38 34.84 15.84 -24.88
N SER B 39 35.37 16.61 -23.94
CA SER B 39 36.26 17.71 -24.31
C SER B 39 37.69 17.23 -24.54
N PHE B 40 38.34 16.74 -23.48
CA PHE B 40 39.74 16.32 -23.54
C PHE B 40 39.92 15.02 -22.77
N ASN B 41 39.02 14.07 -23.00
CA ASN B 41 38.96 12.82 -22.26
C ASN B 41 38.68 13.05 -20.77
N LEU B 42 38.04 14.17 -20.44
CA LEU B 42 37.70 14.45 -19.06
C LEU B 42 36.38 13.76 -18.70
N PRO B 43 36.24 13.33 -17.44
CA PRO B 43 35.00 12.62 -17.06
C PRO B 43 33.78 13.52 -16.98
N GLN B 44 33.95 14.83 -16.85
CA GLN B 44 32.81 15.71 -16.73
C GLN B 44 32.09 15.84 -18.08
N PHE B 45 30.86 16.34 -18.02
CA PHE B 45 30.09 16.61 -19.22
C PHE B 45 30.49 17.97 -19.79
N VAL B 46 30.65 18.03 -21.09
CA VAL B 46 30.99 19.26 -21.80
C VAL B 46 29.78 19.70 -22.61
N PRO B 47 29.28 20.93 -22.43
CA PRO B 47 28.15 21.41 -23.23
C PRO B 47 28.60 22.11 -24.50
N ILE B 48 27.94 21.78 -25.60
CA ILE B 48 28.18 22.40 -26.90
C ILE B 48 26.85 22.89 -27.44
N ASN B 49 26.83 24.12 -27.93
CA ASN B 49 25.59 24.71 -28.42
C ASN B 49 25.06 23.93 -29.62
N ARG B 50 23.75 23.97 -29.79
CA ARG B 50 23.07 23.20 -30.83
C ARG B 50 22.81 23.99 -32.10
N HIS B 51 22.71 25.31 -32.02
CA HIS B 51 22.44 26.11 -33.20
C HIS B 51 23.67 26.19 -34.08
N PRO B 52 23.58 25.79 -35.35
CA PRO B 52 24.77 25.84 -36.22
C PRO B 52 25.30 27.25 -36.46
N ALA B 53 24.47 28.27 -36.29
CA ALA B 53 24.95 29.64 -36.50
C ALA B 53 25.89 30.08 -35.39
N LEU B 54 25.54 29.79 -34.14
CA LEU B 54 26.40 30.20 -33.02
C LEU B 54 27.70 29.41 -33.01
N ILE B 55 27.63 28.12 -33.34
CA ILE B 55 28.85 27.31 -33.41
C ILE B 55 29.79 27.83 -34.49
N ASP B 56 29.23 28.18 -35.65
CA ASP B 56 30.05 28.72 -36.73
C ASP B 56 30.62 30.08 -36.35
N TYR B 57 29.84 30.90 -35.64
CA TYR B 57 30.34 32.19 -35.17
C TYR B 57 31.51 32.01 -34.22
N ILE B 58 31.38 31.07 -33.28
CA ILE B 58 32.46 30.80 -32.33
C ILE B 58 33.70 30.29 -33.06
N GLU B 59 33.50 29.38 -34.03
CA GLU B 59 34.63 28.84 -34.76
C GLU B 59 35.33 29.93 -35.58
N GLU B 60 34.57 30.82 -36.19
CA GLU B 60 35.18 31.91 -36.95
C GLU B 60 35.92 32.88 -36.04
N LEU B 61 35.38 33.13 -34.84
CA LEU B 61 36.09 33.97 -33.88
C LEU B 61 37.40 33.33 -33.48
N ILE B 62 37.39 32.01 -33.22
CA ILE B 62 38.62 31.33 -32.82
C ILE B 62 39.63 31.36 -33.95
N LEU B 63 39.19 31.13 -35.19
CA LEU B 63 40.11 31.17 -36.31
C LEU B 63 40.68 32.57 -36.53
N ASP B 64 39.87 33.61 -36.34
CA ASP B 64 40.37 34.97 -36.48
C ASP B 64 41.32 35.37 -35.37
N VAL B 65 41.14 34.82 -34.16
CA VAL B 65 42.07 35.10 -33.08
C VAL B 65 43.38 34.36 -33.30
N LEU B 66 43.31 33.10 -33.77
CA LEU B 66 44.53 32.34 -34.02
C LEU B 66 45.28 32.84 -35.24
N SER B 67 44.58 33.47 -36.19
CA SER B 67 45.26 33.98 -37.38
C SER B 67 46.20 35.11 -37.03
N LYS B 68 45.88 35.88 -35.99
CA LYS B 68 46.71 36.98 -35.52
C LYS B 68 47.21 36.73 -34.10
N LEU B 69 47.58 35.49 -33.80
CA LEU B 69 47.99 35.12 -32.46
C LEU B 69 49.34 35.73 -32.07
N THR B 70 50.15 36.13 -33.04
CA THR B 70 51.46 36.69 -32.73
C THR B 70 51.36 38.12 -32.20
N HIS B 71 50.30 38.84 -32.55
CA HIS B 71 50.15 40.23 -32.12
C HIS B 71 49.35 40.37 -30.83
N VAL B 72 48.42 39.46 -30.57
CA VAL B 72 47.59 39.54 -29.37
C VAL B 72 48.34 38.94 -28.19
N TYR B 73 48.20 39.58 -27.02
CA TYR B 73 48.79 39.07 -25.80
C TYR B 73 47.74 38.78 -24.73
N ARG B 74 46.47 39.05 -24.99
CA ARG B 74 45.40 38.74 -24.04
C ARG B 74 44.10 38.62 -24.81
N PHE B 75 43.36 37.54 -24.56
CA PHE B 75 42.05 37.30 -25.17
C PHE B 75 41.04 37.07 -24.05
N SER B 76 40.24 38.09 -23.76
CA SER B 76 39.29 38.06 -22.66
C SER B 76 37.86 37.97 -23.21
N ILE B 77 36.99 37.35 -22.43
CA ILE B 77 35.56 37.26 -22.75
C ILE B 77 34.80 37.90 -21.60
N CYS B 78 34.26 39.09 -21.85
CA CYS B 78 33.58 39.85 -20.82
C CYS B 78 32.12 39.45 -20.72
N ILE B 79 31.57 39.52 -19.51
CA ILE B 79 30.16 39.30 -19.24
C ILE B 79 29.54 40.66 -18.94
N ILE B 80 28.74 41.17 -19.87
CA ILE B 80 28.12 42.48 -19.73
C ILE B 80 26.72 42.32 -19.16
N ASN B 81 26.40 43.13 -18.16
CA ASN B 81 25.07 43.16 -17.57
C ASN B 81 24.20 44.13 -18.34
N LYS B 82 23.06 43.64 -18.83
CA LYS B 82 22.17 44.46 -19.64
C LYS B 82 21.48 45.50 -18.77
N LYS B 83 21.08 46.60 -19.41
CA LYS B 83 20.45 47.78 -18.82
C LYS B 83 21.40 48.54 -17.88
N ASN B 84 22.65 48.11 -17.74
CA ASN B 84 23.62 48.81 -16.92
C ASN B 84 24.93 49.02 -17.68
N ASP B 85 25.21 48.13 -18.64
CA ASP B 85 26.40 48.20 -19.49
C ASP B 85 27.67 48.17 -18.64
N LEU B 86 27.71 47.24 -17.68
CA LEU B 86 28.83 47.08 -16.78
C LEU B 86 29.33 45.64 -16.83
N CYS B 87 30.61 45.47 -17.12
CA CYS B 87 31.21 44.15 -17.22
C CYS B 87 31.29 43.53 -15.84
N ILE B 88 30.42 42.56 -15.56
CA ILE B 88 30.40 41.93 -14.24
C ILE B 88 31.62 41.05 -14.05
N GLU B 89 31.84 40.12 -14.98
CA GLU B 89 32.97 39.19 -14.91
C GLU B 89 33.78 39.30 -16.19
N LYS B 90 35.05 38.92 -16.09
CA LYS B 90 35.96 38.97 -17.24
C LYS B 90 36.95 37.81 -17.11
N TYR B 91 36.64 36.70 -17.79
CA TYR B 91 37.55 35.57 -17.83
C TYR B 91 38.64 35.85 -18.86
N VAL B 92 39.91 35.76 -18.42
CA VAL B 92 41.04 36.24 -19.20
C VAL B 92 41.99 35.08 -19.45
N LEU B 93 42.42 34.94 -20.71
CA LEU B 93 43.53 34.07 -21.08
C LEU B 93 44.66 34.95 -21.61
N ASP B 94 45.80 34.93 -20.94
CA ASP B 94 46.90 35.82 -21.25
C ASP B 94 47.80 35.17 -22.30
N PHE B 95 47.86 35.77 -23.48
CA PHE B 95 48.64 35.25 -24.61
C PHE B 95 48.24 33.82 -24.96
N ILE B 108 56.79 20.95 -27.01
CA ILE B 108 57.03 20.70 -28.42
C ILE B 108 56.59 19.29 -28.79
N THR B 109 55.81 18.68 -27.90
CA THR B 109 55.29 17.33 -28.11
C THR B 109 53.77 17.35 -28.05
N GLU B 110 53.15 16.48 -28.85
CA GLU B 110 51.70 16.44 -28.91
C GLU B 110 51.09 16.04 -27.56
N THR B 111 51.78 15.17 -26.81
CA THR B 111 51.24 14.71 -25.54
C THR B 111 51.32 15.81 -24.48
N GLU B 112 52.40 16.59 -24.48
CA GLU B 112 52.59 17.61 -23.46
C GLU B 112 51.50 18.67 -23.53
N VAL B 113 51.29 19.25 -24.72
CA VAL B 113 50.26 20.27 -24.89
C VAL B 113 48.89 19.70 -24.60
N PHE B 114 48.67 18.43 -24.97
CA PHE B 114 47.39 17.77 -24.68
C PHE B 114 47.14 17.73 -23.18
N ASP B 115 48.12 17.29 -22.40
CA ASP B 115 47.94 17.21 -20.96
C ASP B 115 47.80 18.58 -20.32
N GLU B 116 48.54 19.57 -20.82
CA GLU B 116 48.44 20.92 -20.27
C GLU B 116 47.05 21.51 -20.51
N PHE B 117 46.52 21.36 -21.73
CA PHE B 117 45.19 21.86 -22.02
C PHE B 117 44.13 21.08 -21.24
N ARG B 118 44.34 19.78 -21.04
CA ARG B 118 43.43 18.99 -20.22
C ARG B 118 43.37 19.53 -18.80
N SER B 119 44.53 19.78 -18.20
CA SER B 119 44.57 20.30 -16.84
C SER B 119 43.94 21.69 -16.76
N SER B 120 44.22 22.55 -17.73
CA SER B 120 43.66 23.89 -17.72
C SER B 120 42.14 23.85 -17.84
N LEU B 121 41.62 23.00 -18.72
CA LEU B 121 40.17 22.92 -18.87
C LEU B 121 39.52 22.30 -17.64
N ASN B 122 40.18 21.33 -17.00
CA ASN B 122 39.64 20.77 -15.77
C ASN B 122 39.58 21.83 -14.67
N SER B 123 40.62 22.67 -14.57
CA SER B 123 40.61 23.75 -13.59
C SER B 123 39.48 24.73 -13.90
N LEU B 124 39.27 25.04 -15.18
CA LEU B 124 38.16 25.92 -15.56
C LEU B 124 36.82 25.33 -15.15
N ILE B 125 36.63 24.03 -15.38
CA ILE B 125 35.39 23.37 -14.98
C ILE B 125 35.19 23.46 -13.47
N MET B 126 36.23 23.13 -12.72
CA MET B 126 36.13 23.15 -11.26
C MET B 126 35.86 24.56 -10.74
N HIS B 127 36.34 25.58 -11.44
CA HIS B 127 36.07 26.95 -11.01
C HIS B 127 34.66 27.40 -11.39
N LEU B 128 34.18 26.98 -12.56
CA LEU B 128 32.87 27.44 -13.03
C LEU B 128 31.73 26.74 -12.29
N GLU B 129 31.89 25.45 -11.97
CA GLU B 129 30.80 24.71 -11.37
C GLU B 129 30.54 25.05 -9.92
N LYS B 130 31.26 26.00 -9.33
CA LYS B 130 31.07 26.38 -7.93
C LYS B 130 30.76 27.86 -7.78
N LEU B 131 30.15 28.46 -8.80
CA LEU B 131 29.78 29.87 -8.78
C LEU B 131 28.29 30.03 -8.53
N PRO B 132 27.86 31.18 -8.01
CA PRO B 132 26.43 31.39 -7.76
C PRO B 132 25.64 31.46 -9.06
N LYS B 133 24.41 30.95 -9.01
CA LYS B 133 23.55 30.94 -10.17
C LYS B 133 23.16 32.36 -10.58
N VAL B 134 22.74 32.50 -11.83
CA VAL B 134 22.39 33.78 -12.42
C VAL B 134 20.96 33.72 -12.93
N ASN B 135 20.21 34.80 -12.73
CA ASN B 135 18.86 34.89 -13.25
C ASN B 135 18.90 35.03 -14.78
N ASP B 136 17.74 34.84 -15.40
CA ASP B 136 17.65 34.73 -16.84
C ASP B 136 17.45 36.09 -17.49
N ASP B 137 17.94 36.21 -18.74
CA ASP B 137 17.74 37.39 -19.57
C ASP B 137 18.32 38.65 -18.93
N THR B 138 19.58 38.57 -18.51
CA THR B 138 20.25 39.72 -17.93
C THR B 138 21.70 39.88 -18.38
N ILE B 139 22.21 39.00 -19.23
CA ILE B 139 23.63 38.98 -19.57
C ILE B 139 23.81 38.82 -21.07
N THR B 140 24.67 39.65 -21.65
CA THR B 140 25.21 39.46 -22.98
C THR B 140 26.73 39.39 -22.89
N PHE B 141 27.34 38.58 -23.75
CA PHE B 141 28.78 38.38 -23.71
C PHE B 141 29.45 39.11 -24.88
N GLU B 142 30.70 39.51 -24.65
CA GLU B 142 31.47 40.22 -25.66
C GLU B 142 32.93 39.88 -25.48
N ALA B 143 33.55 39.36 -26.54
CA ALA B 143 34.96 39.01 -26.51
C ALA B 143 35.82 40.20 -26.91
N VAL B 144 36.88 40.44 -26.15
CA VAL B 144 37.79 41.56 -26.39
C VAL B 144 39.18 41.00 -26.66
N ILE B 145 39.91 41.68 -27.53
CA ILE B 145 41.27 41.30 -27.92
C ILE B 145 42.21 42.43 -27.52
N ASN B 146 43.13 42.14 -26.59
CA ASN B 146 44.11 43.12 -26.17
C ASN B 146 45.33 43.01 -27.08
N ALA B 147 45.47 43.96 -28.00
CA ALA B 147 46.59 43.94 -28.95
C ALA B 147 47.70 44.88 -28.50
N LYS B 196 36.99 47.64 -6.77
CA LYS B 196 36.74 46.35 -6.13
C LYS B 196 36.73 45.23 -7.16
N ILE B 197 37.79 44.43 -7.15
CA ILE B 197 37.95 43.32 -8.10
C ILE B 197 38.35 42.08 -7.32
N LYS B 198 37.66 40.97 -7.57
CA LYS B 198 37.97 39.68 -6.97
C LYS B 198 38.66 38.81 -8.01
N LEU B 199 39.95 38.55 -7.80
CA LEU B 199 40.76 37.81 -8.75
C LEU B 199 40.93 36.37 -8.31
N THR B 200 41.02 35.47 -9.28
CA THR B 200 41.21 34.05 -9.03
C THR B 200 42.20 33.50 -10.04
N SER B 201 43.23 32.80 -9.55
CA SER B 201 44.28 32.26 -10.40
C SER B 201 43.96 30.80 -10.71
N LEU B 202 43.94 30.47 -12.00
CA LEU B 202 43.66 29.12 -12.47
C LEU B 202 44.91 28.49 -13.05
N VAL B 203 44.79 27.21 -13.40
CA VAL B 203 45.91 26.46 -13.94
C VAL B 203 46.11 26.83 -15.41
N GLY B 204 47.36 26.97 -15.83
CA GLY B 204 47.69 27.29 -17.20
C GLY B 204 48.73 26.34 -17.75
N SER B 205 49.03 26.52 -19.03
CA SER B 205 49.99 25.68 -19.75
C SER B 205 51.36 26.34 -19.68
N ASP B 206 52.35 25.60 -19.16
CA ASP B 206 53.70 26.12 -19.00
C ASP B 206 54.74 25.37 -19.84
N VAL B 207 54.40 24.22 -20.40
CA VAL B 207 55.37 23.44 -21.15
C VAL B 207 55.67 24.10 -22.49
N GLY B 208 54.63 24.39 -23.27
CA GLY B 208 54.78 24.96 -24.58
C GLY B 208 55.33 26.38 -24.54
N PRO B 209 56.09 26.77 -25.57
CA PRO B 209 56.64 28.13 -25.62
C PRO B 209 55.59 29.22 -25.73
N LEU B 210 54.30 28.87 -25.83
CA LEU B 210 53.21 29.83 -25.90
C LEU B 210 52.46 29.92 -24.58
N ILE B 211 53.20 29.93 -23.47
CA ILE B 211 52.65 29.91 -22.11
C ILE B 211 51.48 30.87 -21.97
N ILE B 212 50.35 30.36 -21.48
CA ILE B 212 49.14 31.15 -21.28
C ILE B 212 48.80 31.14 -19.80
N HIS B 213 48.34 32.29 -19.30
CA HIS B 213 47.84 32.40 -17.94
C HIS B 213 46.32 32.53 -17.97
N GLN B 214 45.67 31.97 -16.96
CA GLN B 214 44.22 31.92 -16.89
C GLN B 214 43.77 32.47 -15.54
N PHE B 215 43.01 33.57 -15.57
CA PHE B 215 42.47 34.15 -14.36
C PHE B 215 41.14 34.81 -14.68
N SER B 216 40.31 34.98 -13.64
CA SER B 216 38.98 35.53 -13.78
C SER B 216 38.76 36.63 -12.74
N GLU B 217 37.85 37.53 -13.05
CA GLU B 217 37.49 38.64 -12.18
C GLU B 217 35.99 38.57 -11.85
N LYS B 218 35.55 39.49 -11.00
CA LYS B 218 34.15 39.57 -10.61
C LYS B 218 33.88 40.94 -10.01
N LEU B 219 32.64 41.40 -10.17
CA LEU B 219 32.20 42.70 -9.66
C LEU B 219 33.07 43.84 -10.18
N MET C 1 53.15 -8.82 -1.65
CA MET C 1 53.09 -9.97 -2.53
C MET C 1 51.76 -10.01 -3.28
N ASN C 2 50.94 -8.97 -3.09
CA ASN C 2 49.62 -8.79 -3.69
C ASN C 2 48.60 -9.80 -3.18
N ARG C 3 48.98 -10.71 -2.28
CA ARG C 3 48.04 -11.71 -1.77
C ARG C 3 47.20 -11.14 -0.64
N TRP C 4 47.85 -10.68 0.43
CA TRP C 4 47.17 -10.08 1.57
C TRP C 4 47.43 -8.60 1.73
N VAL C 5 48.46 -8.06 1.07
CA VAL C 5 48.80 -6.65 1.21
C VAL C 5 47.70 -5.76 0.68
N GLU C 6 46.95 -6.24 -0.33
CA GLU C 6 45.91 -5.41 -0.93
C GLU C 6 44.74 -5.16 0.02
N LYS C 7 44.54 -6.03 1.01
CA LYS C 7 43.50 -5.78 2.01
C LYS C 7 44.01 -4.90 3.14
N TRP C 8 45.22 -5.17 3.63
CA TRP C 8 45.77 -4.39 4.73
C TRP C 8 46.03 -2.95 4.30
N LEU C 9 46.56 -2.76 3.08
CA LEU C 9 46.75 -1.41 2.57
C LEU C 9 45.42 -0.68 2.40
N ARG C 10 44.39 -1.41 1.98
CA ARG C 10 43.07 -0.79 1.85
C ARG C 10 42.54 -0.34 3.20
N VAL C 11 42.68 -1.19 4.22
CA VAL C 11 42.24 -0.81 5.56
C VAL C 11 43.03 0.40 6.06
N TYR C 12 44.35 0.39 5.83
CA TYR C 12 45.18 1.50 6.30
C TYR C 12 44.77 2.81 5.61
N LEU C 13 44.55 2.76 4.30
CA LEU C 13 44.16 3.98 3.59
C LEU C 13 42.77 4.45 4.02
N LYS C 14 41.86 3.52 4.28
CA LYS C 14 40.53 3.90 4.77
C LYS C 14 40.64 4.63 6.10
N CYS C 15 41.35 4.04 7.06
CA CYS C 15 41.51 4.68 8.35
C CYS C 15 42.24 6.02 8.23
N TYR C 16 43.25 6.08 7.36
CA TYR C 16 44.00 7.32 7.15
C TYR C 16 43.09 8.44 6.66
N ILE C 17 42.35 8.18 5.59
CA ILE C 17 41.50 9.21 5.01
C ILE C 17 40.40 9.61 6.00
N ASN C 18 39.82 8.63 6.71
CA ASN C 18 38.75 8.96 7.64
C ASN C 18 39.26 9.79 8.80
N LEU C 19 40.44 9.45 9.34
CA LEU C 19 41.01 10.24 10.42
C LEU C 19 41.34 11.66 9.97
N ILE C 20 41.88 11.80 8.76
CA ILE C 20 42.22 13.12 8.26
C ILE C 20 40.95 13.96 8.06
N LEU C 21 39.89 13.35 7.54
CA LEU C 21 38.65 14.08 7.34
C LEU C 21 37.97 14.42 8.66
N PHE C 22 38.14 13.58 9.68
CA PHE C 22 37.48 13.82 10.95
C PHE C 22 38.20 14.88 11.78
N TYR C 23 39.50 14.71 11.98
CA TYR C 23 40.23 15.60 12.88
C TYR C 23 40.51 16.97 12.29
N ARG C 24 40.19 17.19 11.01
CA ARG C 24 40.39 18.49 10.38
C ARG C 24 39.07 19.18 10.04
N ASN C 25 37.94 18.62 10.47
CA ASN C 25 36.62 19.24 10.30
C ASN C 25 36.29 19.45 8.82
N VAL C 26 36.71 18.52 7.98
CA VAL C 26 36.32 18.58 6.57
C VAL C 26 34.85 18.22 6.40
N TYR C 27 34.29 17.45 7.32
CA TYR C 27 32.89 17.06 7.31
C TYR C 27 32.37 17.14 8.74
N PRO C 28 31.07 17.31 8.92
CA PRO C 28 30.52 17.48 10.28
C PRO C 28 30.82 16.28 11.15
N PRO C 29 31.27 16.50 12.38
CA PRO C 29 31.65 15.37 13.25
C PRO C 29 30.48 14.48 13.63
N GLN C 30 29.24 14.94 13.47
CA GLN C 30 28.10 14.10 13.79
C GLN C 30 27.90 12.97 12.79
N SER C 31 28.39 13.14 11.56
CA SER C 31 28.31 12.09 10.56
C SER C 31 29.35 11.00 10.75
N PHE C 32 30.22 11.13 11.75
CA PHE C 32 31.22 10.13 12.06
C PHE C 32 30.81 9.33 13.30
N ASP C 33 31.15 8.05 13.30
CA ASP C 33 30.93 7.20 14.46
C ASP C 33 32.09 6.25 14.65
N TYR C 34 32.60 6.16 15.88
CA TYR C 34 33.69 5.25 16.18
C TYR C 34 33.23 3.82 15.98
N THR C 35 33.95 3.08 15.12
CA THR C 35 33.59 1.72 14.81
C THR C 35 34.85 0.90 14.60
N THR C 36 34.66 -0.41 14.46
CA THR C 36 35.75 -1.35 14.22
C THR C 36 35.54 -2.16 12.95
N TYR C 37 34.34 -2.14 12.37
CA TYR C 37 34.04 -2.89 11.16
C TYR C 37 33.41 -1.96 10.14
N GLN C 38 34.05 -1.83 8.98
CA GLN C 38 33.56 -1.06 7.84
C GLN C 38 33.74 -1.88 6.57
N SER C 39 33.27 -3.13 6.61
CA SER C 39 33.47 -4.21 5.64
C SER C 39 34.87 -4.79 5.79
N PHE C 40 35.65 -4.33 6.76
CA PHE C 40 36.98 -4.85 7.04
C PHE C 40 37.26 -4.61 8.52
N ASN C 41 37.89 -5.60 9.16
CA ASN C 41 38.27 -5.44 10.55
C ASN C 41 39.33 -4.34 10.68
N LEU C 42 38.97 -3.24 11.34
CA LEU C 42 39.88 -2.13 11.50
C LEU C 42 40.83 -2.37 12.67
N PRO C 43 42.05 -1.82 12.61
CA PRO C 43 43.00 -2.03 13.71
C PRO C 43 42.67 -1.28 14.97
N GLN C 44 41.74 -0.33 14.93
CA GLN C 44 41.38 0.47 16.10
C GLN C 44 39.89 0.77 16.05
N PHE C 45 39.45 1.60 16.99
CA PHE C 45 38.13 2.22 16.90
C PHE C 45 38.32 3.53 16.14
N VAL C 46 38.24 3.45 14.82
CA VAL C 46 38.51 4.59 13.95
C VAL C 46 37.20 5.30 13.62
N PRO C 47 37.13 6.63 13.72
CA PRO C 47 35.91 7.33 13.33
C PRO C 47 35.70 7.31 11.83
N ILE C 48 34.73 6.52 11.38
CA ILE C 48 34.44 6.33 9.96
C ILE C 48 33.14 7.04 9.62
N ASN C 49 33.15 7.82 8.55
CA ASN C 49 31.94 8.51 8.13
C ASN C 49 30.93 7.51 7.59
N ARG C 50 29.65 7.85 7.74
CA ARG C 50 28.56 6.98 7.31
C ARG C 50 27.67 7.66 6.28
N HIS C 51 28.26 8.49 5.42
CA HIS C 51 27.52 9.10 4.32
C HIS C 51 27.54 8.18 3.11
N PRO C 52 26.41 7.94 2.46
CA PRO C 52 26.40 6.98 1.34
C PRO C 52 27.31 7.36 0.19
N ALA C 53 27.37 8.65 -0.16
CA ALA C 53 28.21 9.06 -1.29
C ALA C 53 29.68 9.13 -0.90
N LEU C 54 29.98 9.60 0.31
CA LEU C 54 31.38 9.74 0.72
C LEU C 54 32.05 8.38 0.87
N ILE C 55 31.33 7.38 1.36
CA ILE C 55 31.90 6.04 1.50
C ILE C 55 32.29 5.49 0.14
N ASP C 56 31.38 5.61 -0.84
CA ASP C 56 31.68 5.12 -2.19
C ASP C 56 32.82 5.91 -2.81
N TYR C 57 32.86 7.22 -2.59
CA TYR C 57 33.95 8.03 -3.12
C TYR C 57 35.30 7.58 -2.56
N ILE C 58 35.38 7.40 -1.25
CA ILE C 58 36.63 6.99 -0.62
C ILE C 58 37.02 5.59 -1.09
N GLU C 59 36.04 4.69 -1.23
CA GLU C 59 36.35 3.33 -1.66
C GLU C 59 36.88 3.32 -3.10
N GLU C 60 36.26 4.09 -3.99
CA GLU C 60 36.73 4.15 -5.36
C GLU C 60 38.12 4.77 -5.43
N LEU C 61 38.36 5.83 -4.66
CA LEU C 61 39.70 6.44 -4.63
C LEU C 61 40.75 5.45 -4.15
N ILE C 62 40.45 4.70 -3.09
CA ILE C 62 41.42 3.75 -2.55
C ILE C 62 41.66 2.63 -3.55
N LEU C 63 40.61 2.16 -4.23
CA LEU C 63 40.80 1.11 -5.22
C LEU C 63 41.63 1.59 -6.40
N ASP C 64 41.42 2.83 -6.82
CA ASP C 64 42.23 3.40 -7.90
C ASP C 64 43.70 3.49 -7.49
N VAL C 65 43.95 3.98 -6.27
CA VAL C 65 45.33 4.09 -5.80
C VAL C 65 45.98 2.72 -5.69
N LEU C 66 45.23 1.72 -5.20
CA LEU C 66 45.79 0.38 -5.10
C LEU C 66 46.04 -0.24 -6.47
N SER C 67 45.24 0.13 -7.47
CA SER C 67 45.49 -0.34 -8.83
C SER C 67 46.76 0.29 -9.40
N LYS C 68 46.97 1.57 -9.13
CA LYS C 68 48.16 2.27 -9.63
C LYS C 68 49.39 2.05 -8.75
N LEU C 69 49.23 1.36 -7.62
CA LEU C 69 50.29 1.12 -6.65
C LEU C 69 51.65 0.75 -7.24
N THR C 70 51.66 -0.06 -8.30
CA THR C 70 52.92 -0.56 -8.83
C THR C 70 53.81 0.56 -9.38
N HIS C 71 53.24 1.73 -9.67
CA HIS C 71 54.01 2.86 -10.15
C HIS C 71 53.97 4.07 -9.23
N VAL C 72 53.12 4.06 -8.20
CA VAL C 72 52.99 5.19 -7.30
C VAL C 72 53.95 5.00 -6.14
N TYR C 73 54.70 6.05 -5.80
CA TYR C 73 55.64 6.02 -4.69
C TYR C 73 55.33 7.08 -3.64
N ARG C 74 54.19 7.77 -3.76
CA ARG C 74 53.82 8.82 -2.80
C ARG C 74 52.35 9.14 -2.99
N PHE C 75 51.65 9.31 -1.87
CA PHE C 75 50.22 9.61 -1.89
C PHE C 75 49.95 10.69 -0.85
N SER C 76 49.32 11.78 -1.28
CA SER C 76 49.08 12.93 -0.42
C SER C 76 47.61 13.28 -0.41
N ILE C 77 47.09 13.58 0.79
CA ILE C 77 45.74 14.11 0.95
C ILE C 77 45.90 15.59 1.27
N CYS C 78 45.72 16.44 0.26
CA CYS C 78 45.91 17.87 0.44
C CYS C 78 44.64 18.53 0.96
N ILE C 79 44.80 19.43 1.91
CA ILE C 79 43.69 20.19 2.49
C ILE C 79 43.75 21.58 1.89
N ILE C 80 42.82 21.88 0.99
CA ILE C 80 42.79 23.16 0.28
C ILE C 80 41.66 24.01 0.86
N ASN C 81 41.92 25.31 0.97
CA ASN C 81 40.89 26.26 1.36
C ASN C 81 39.93 26.49 0.21
N LYS C 82 38.73 26.95 0.54
CA LYS C 82 37.70 27.16 -0.47
C LYS C 82 37.52 28.61 -0.89
N LYS C 83 37.78 29.56 0.02
CA LYS C 83 37.75 30.96 -0.38
C LYS C 83 38.84 31.27 -1.41
N ASN C 84 39.95 30.52 -1.36
CA ASN C 84 40.98 30.58 -2.37
C ASN C 84 41.65 29.22 -2.45
N ASP C 85 41.91 28.75 -3.66
CA ASP C 85 42.47 27.42 -3.86
C ASP C 85 43.94 27.41 -3.47
N LEU C 86 44.23 27.11 -2.21
CA LEU C 86 45.60 27.09 -1.70
C LEU C 86 45.74 25.97 -0.68
N CYS C 87 46.78 25.16 -0.83
CA CYS C 87 47.03 24.06 0.09
C CYS C 87 47.52 24.61 1.42
N ILE C 88 46.67 24.51 2.45
CA ILE C 88 47.09 24.93 3.78
C ILE C 88 47.66 23.77 4.60
N GLU C 89 47.28 22.54 4.29
CA GLU C 89 47.79 21.37 4.97
C GLU C 89 47.97 20.24 3.96
N LYS C 90 49.00 19.42 4.17
CA LYS C 90 49.29 18.32 3.27
C LYS C 90 49.87 17.16 4.06
N TYR C 91 49.25 15.99 3.97
CA TYR C 91 49.65 14.81 4.71
C TYR C 91 50.16 13.77 3.71
N VAL C 92 51.48 13.64 3.64
CA VAL C 92 52.14 12.78 2.66
C VAL C 92 52.32 11.40 3.25
N LEU C 93 52.06 10.37 2.43
CA LEU C 93 52.23 8.97 2.82
C LEU C 93 53.19 8.32 1.82
N ASP C 94 54.46 8.24 2.18
CA ASP C 94 55.47 7.77 1.25
C ASP C 94 55.34 6.27 1.01
N PHE C 95 55.75 5.85 -0.19
CA PHE C 95 55.67 4.46 -0.65
C PHE C 95 56.98 4.05 -1.30
N SER C 96 58.09 4.28 -0.61
CA SER C 96 59.40 4.04 -1.21
C SER C 96 59.64 2.55 -1.40
N GLU C 97 59.27 2.05 -2.58
CA GLU C 97 59.45 0.68 -3.04
C GLU C 97 58.52 -0.28 -2.31
N LEU C 98 57.91 0.17 -1.21
CA LEU C 98 56.81 -0.49 -0.53
C LEU C 98 57.11 -1.94 -0.16
N GLN C 99 58.35 -2.38 -0.37
CA GLN C 99 58.73 -3.79 -0.29
C GLN C 99 57.68 -4.67 -0.95
N HIS C 100 57.42 -4.37 -2.22
CA HIS C 100 56.33 -4.99 -2.97
C HIS C 100 56.77 -6.38 -3.45
N VAL C 101 55.99 -6.96 -4.36
CA VAL C 101 56.25 -8.30 -4.85
C VAL C 101 57.63 -8.37 -5.46
N ASP C 102 58.39 -9.41 -5.09
CA ASP C 102 59.75 -9.59 -5.60
C ASP C 102 60.08 -11.07 -5.73
N ILE C 108 51.12 -12.85 6.89
CA ILE C 108 52.34 -12.74 7.67
C ILE C 108 51.98 -12.28 9.10
N THR C 109 51.17 -13.10 9.77
CA THR C 109 50.76 -12.85 11.16
C THR C 109 50.09 -11.48 11.29
N GLU C 110 48.89 -11.41 10.71
CA GLU C 110 48.08 -10.19 10.61
C GLU C 110 48.09 -9.34 11.88
N THR C 111 48.16 -10.00 13.04
CA THR C 111 48.21 -9.27 14.30
C THR C 111 49.36 -8.27 14.34
N GLU C 112 50.53 -8.65 13.81
CA GLU C 112 51.66 -7.73 13.79
C GLU C 112 51.40 -6.57 12.83
N VAL C 113 50.76 -6.85 11.70
CA VAL C 113 50.42 -5.79 10.76
C VAL C 113 49.46 -4.80 11.40
N PHE C 114 48.46 -5.30 12.11
CA PHE C 114 47.54 -4.40 12.79
C PHE C 114 48.20 -3.66 13.95
N ASP C 115 49.21 -4.27 14.59
CA ASP C 115 49.94 -3.55 15.63
C ASP C 115 50.73 -2.38 15.04
N GLU C 116 51.40 -2.62 13.90
CA GLU C 116 52.11 -1.54 13.24
C GLU C 116 51.17 -0.45 12.77
N PHE C 117 50.02 -0.85 12.21
CA PHE C 117 49.01 0.13 11.80
C PHE C 117 48.49 0.91 13.00
N ARG C 118 48.34 0.24 14.14
CA ARG C 118 47.89 0.90 15.35
C ARG C 118 48.89 1.96 15.79
N SER C 119 50.19 1.62 15.76
CA SER C 119 51.21 2.60 16.11
C SER C 119 51.18 3.79 15.14
N SER C 120 51.08 3.52 13.85
CA SER C 120 51.08 4.61 12.86
C SER C 120 49.87 5.51 13.03
N LEU C 121 48.68 4.92 13.20
CA LEU C 121 47.48 5.73 13.37
C LEU C 121 47.50 6.49 14.69
N ASN C 122 48.09 5.91 15.74
CA ASN C 122 48.24 6.64 16.99
C ASN C 122 49.15 7.85 16.83
N SER C 123 50.25 7.68 16.09
CA SER C 123 51.12 8.82 15.81
C SER C 123 50.38 9.90 15.02
N LEU C 124 49.61 9.48 14.01
CA LEU C 124 48.86 10.45 13.22
C LEU C 124 47.83 11.20 14.06
N ILE C 125 47.13 10.47 14.95
CA ILE C 125 46.13 11.12 15.80
C ILE C 125 46.79 12.07 16.78
N MET C 126 47.92 11.66 17.37
CA MET C 126 48.63 12.54 18.30
C MET C 126 49.12 13.79 17.61
N HIS C 127 49.50 13.69 16.32
CA HIS C 127 49.90 14.89 15.59
C HIS C 127 48.70 15.77 15.27
N LEU C 128 47.57 15.16 14.88
CA LEU C 128 46.41 15.94 14.47
C LEU C 128 45.75 16.63 15.65
N GLU C 129 45.83 16.05 16.85
CA GLU C 129 45.17 16.63 18.01
C GLU C 129 45.82 17.91 18.50
N LYS C 130 47.00 18.28 17.98
CA LYS C 130 47.69 19.48 18.42
C LYS C 130 47.44 20.67 17.49
N LEU C 131 46.89 20.46 16.31
CA LEU C 131 46.67 21.54 15.38
C LEU C 131 45.47 22.38 15.81
N PRO C 132 45.43 23.67 15.46
CA PRO C 132 44.30 24.51 15.85
C PRO C 132 43.02 24.05 15.20
N LYS C 133 41.90 24.33 15.86
CA LYS C 133 40.60 23.92 15.37
C LYS C 133 40.29 24.62 14.04
N VAL C 134 39.82 23.83 13.08
CA VAL C 134 39.47 24.34 11.75
C VAL C 134 37.97 24.58 11.70
N ASN C 135 37.58 25.77 11.27
CA ASN C 135 36.17 26.08 11.11
C ASN C 135 35.58 25.29 9.96
N ASP C 136 34.29 25.01 10.07
CA ASP C 136 33.54 24.34 9.01
C ASP C 136 33.18 25.37 7.95
N ASP C 137 32.22 25.05 7.08
CA ASP C 137 31.71 26.03 6.13
C ASP C 137 32.78 26.53 5.17
N THR C 138 33.07 25.71 4.14
CA THR C 138 34.07 25.95 3.10
C THR C 138 35.50 25.66 3.51
N ILE C 139 35.71 24.56 4.22
CA ILE C 139 36.98 23.85 4.26
C ILE C 139 36.80 22.53 3.51
N THR C 140 37.77 22.19 2.65
CA THR C 140 37.64 20.99 1.83
C THR C 140 39.03 20.35 1.67
N PHE C 141 39.07 19.25 0.92
CA PHE C 141 40.27 18.45 0.77
C PHE C 141 40.46 18.05 -0.69
N GLU C 142 41.57 17.36 -0.95
CA GLU C 142 41.94 16.97 -2.30
C GLU C 142 42.80 15.72 -2.21
N ALA C 143 43.23 15.20 -3.36
CA ALA C 143 44.05 13.99 -3.38
C ALA C 143 45.04 14.07 -4.53
N VAL C 144 46.32 13.92 -4.22
CA VAL C 144 47.40 14.02 -5.20
C VAL C 144 48.34 12.84 -5.01
N ILE C 145 48.77 12.26 -6.12
CA ILE C 145 49.72 11.15 -6.11
C ILE C 145 50.94 11.54 -6.93
N ASN C 146 52.07 10.91 -6.61
CA ASN C 146 53.32 11.09 -7.33
C ASN C 146 53.74 9.74 -7.90
N ALA C 147 53.65 9.59 -9.22
CA ALA C 147 53.92 8.33 -9.89
C ALA C 147 55.36 8.29 -10.38
N ILE C 148 55.81 7.07 -10.70
CA ILE C 148 57.17 6.86 -11.19
C ILE C 148 57.20 7.05 -12.69
N GLU C 149 56.43 6.24 -13.42
CA GLU C 149 56.42 6.31 -14.88
C GLU C 149 55.07 5.82 -15.38
N LEU C 150 54.18 6.76 -15.69
CA LEU C 150 52.90 6.44 -16.31
C LEU C 150 52.32 7.72 -16.91
N GLU C 151 51.38 7.53 -17.84
CA GLU C 151 50.69 8.63 -18.50
C GLU C 151 49.20 8.31 -18.49
N LEU C 152 48.42 9.08 -17.74
CA LEU C 152 47.00 8.87 -17.60
C LEU C 152 46.22 9.81 -18.51
N GLY C 153 44.99 9.40 -18.82
CA GLY C 153 44.13 10.17 -19.70
C GLY C 153 44.31 9.90 -21.17
N HIS C 154 45.18 8.96 -21.54
CA HIS C 154 45.45 8.64 -22.94
C HIS C 154 44.99 7.23 -23.30
N LYS C 155 43.99 6.71 -22.60
CA LYS C 155 43.44 5.39 -22.92
C LYS C 155 42.15 5.48 -23.72
N LEU C 156 41.56 6.66 -23.84
CA LEU C 156 40.33 6.87 -24.58
C LEU C 156 40.56 7.26 -26.04
N ASP C 157 41.75 6.99 -26.58
CA ASP C 157 42.09 7.36 -27.95
C ASP C 157 41.85 6.22 -28.94
N ARG C 158 41.04 5.24 -28.57
CA ARG C 158 40.71 4.14 -29.47
C ARG C 158 39.24 3.74 -29.42
N ASN C 159 38.42 4.46 -28.66
CA ASN C 159 36.98 4.26 -28.51
C ASN C 159 36.66 3.02 -27.68
N ARG C 160 37.68 2.19 -27.41
CA ARG C 160 37.72 1.21 -26.34
C ARG C 160 36.38 0.56 -26.03
N ARG C 161 35.76 -0.11 -27.00
CA ARG C 161 34.48 -0.76 -26.76
C ARG C 161 34.61 -1.74 -25.60
N VAL C 162 33.88 -1.46 -24.52
CA VAL C 162 34.03 -2.22 -23.28
C VAL C 162 33.32 -3.56 -23.42
N ASP C 163 33.84 -4.56 -22.71
CA ASP C 163 33.29 -5.91 -22.73
C ASP C 163 32.79 -6.40 -21.39
N SER C 164 33.36 -5.90 -20.29
CA SER C 164 32.96 -6.32 -18.95
C SER C 164 33.14 -5.15 -18.00
N LEU C 165 33.04 -5.43 -16.70
CA LEU C 165 33.21 -4.38 -15.70
C LEU C 165 34.69 -4.08 -15.41
N GLU C 166 35.58 -5.04 -15.62
CA GLU C 166 37.00 -4.80 -15.39
C GLU C 166 37.54 -3.77 -16.37
N GLU C 167 37.19 -3.89 -17.65
CA GLU C 167 37.68 -2.94 -18.65
C GLU C 167 37.07 -1.56 -18.44
N LYS C 168 35.79 -1.51 -18.07
CA LYS C 168 35.15 -0.23 -17.78
C LYS C 168 35.80 0.43 -16.58
N ALA C 169 36.12 -0.35 -15.54
CA ALA C 169 36.79 0.20 -14.38
C ALA C 169 38.19 0.71 -14.74
N GLU C 170 38.92 -0.05 -15.56
CA GLU C 170 40.24 0.40 -15.99
C GLU C 170 40.14 1.73 -16.75
N ILE C 171 39.16 1.84 -17.63
CA ILE C 171 38.98 3.07 -18.39
C ILE C 171 38.66 4.24 -17.47
N GLU C 172 37.65 4.08 -16.61
CA GLU C 172 37.24 5.17 -15.74
C GLU C 172 38.27 5.50 -14.67
N ARG C 173 39.21 4.59 -14.40
CA ARG C 173 40.30 4.89 -13.49
C ARG C 173 41.48 5.54 -14.18
N ASP C 174 41.68 5.24 -15.47
CA ASP C 174 42.71 5.93 -16.24
C ASP C 174 42.27 7.34 -16.61
N SER C 175 40.97 7.59 -16.70
CA SER C 175 40.46 8.89 -17.11
C SER C 175 40.13 9.82 -15.95
N ASN C 176 40.21 9.35 -14.70
CA ASN C 176 39.79 10.13 -13.55
C ASN C 176 40.90 10.98 -12.96
N TRP C 177 42.08 11.03 -13.58
CA TRP C 177 43.21 11.78 -13.06
C TRP C 177 43.67 12.82 -14.07
N VAL C 178 44.04 14.00 -13.57
CA VAL C 178 44.55 15.08 -14.40
C VAL C 178 45.96 15.40 -13.97
N LYS C 179 46.71 16.01 -14.88
CA LYS C 179 48.10 16.37 -14.62
C LYS C 179 48.18 17.63 -13.76
N CYS C 180 49.24 17.72 -12.97
CA CYS C 180 49.48 18.88 -12.12
C CYS C 180 50.99 19.08 -12.01
N GLN C 181 51.39 19.95 -11.08
CA GLN C 181 52.80 20.25 -10.86
C GLN C 181 53.13 20.14 -9.38
N GLU C 182 54.41 20.02 -9.09
CA GLU C 182 54.89 19.90 -7.72
C GLU C 182 55.45 21.23 -7.22
N PRO C 195 58.33 28.86 0.66
CA PRO C 195 57.65 29.82 1.54
C PRO C 195 57.99 29.59 3.01
N LYS C 196 56.99 29.15 3.79
CA LYS C 196 57.19 28.89 5.20
C LYS C 196 56.73 27.47 5.53
N ILE C 197 57.13 26.50 4.71
CA ILE C 197 56.70 25.12 4.90
C ILE C 197 57.28 24.57 6.20
N LYS C 198 56.52 23.69 6.84
CA LYS C 198 56.93 23.06 8.10
C LYS C 198 56.66 21.56 7.99
N LEU C 199 57.73 20.78 7.79
CA LEU C 199 57.60 19.34 7.64
C LEU C 199 57.74 18.67 9.01
N THR C 200 56.85 17.73 9.30
CA THR C 200 56.87 16.98 10.55
C THR C 200 56.74 15.50 10.22
N SER C 201 57.79 14.74 10.48
CA SER C 201 57.79 13.31 10.20
C SER C 201 57.04 12.56 11.31
N LEU C 202 56.44 11.44 10.93
CA LEU C 202 55.68 10.63 11.86
C LEU C 202 56.16 9.19 11.84
N VAL C 203 55.47 8.30 12.56
CA VAL C 203 55.82 6.89 12.62
C VAL C 203 55.13 6.15 11.50
N GLY C 204 55.88 5.32 10.78
CA GLY C 204 55.36 4.52 9.70
C GLY C 204 55.19 3.06 10.09
N SER C 205 55.08 2.22 9.07
CA SER C 205 54.92 0.78 9.24
C SER C 205 56.20 0.09 8.81
N ASP C 206 56.88 -0.55 9.75
CA ASP C 206 58.14 -1.23 9.49
C ASP C 206 58.00 -2.73 9.38
N VAL C 207 56.78 -3.24 9.19
CA VAL C 207 56.58 -4.67 9.00
C VAL C 207 57.22 -5.08 7.67
N GLY C 208 57.60 -6.36 7.58
CA GLY C 208 58.35 -6.88 6.46
C GLY C 208 57.83 -6.48 5.09
N PRO C 209 56.64 -6.98 4.72
CA PRO C 209 56.14 -6.70 3.37
C PRO C 209 55.70 -5.26 3.17
N LEU C 210 55.31 -4.55 4.22
CA LEU C 210 54.81 -3.18 4.11
C LEU C 210 55.77 -2.24 4.83
N ILE C 211 56.63 -1.58 4.07
CA ILE C 211 57.55 -0.58 4.60
C ILE C 211 57.00 0.78 4.15
N ILE C 212 56.24 1.41 5.03
CA ILE C 212 55.59 2.68 4.74
C ILE C 212 56.17 3.76 5.63
N HIS C 213 56.22 4.98 5.10
CA HIS C 213 56.68 6.14 5.84
C HIS C 213 55.63 7.23 5.81
N GLN C 214 55.63 8.07 6.84
CA GLN C 214 54.63 9.13 6.99
C GLN C 214 55.33 10.49 7.06
N PHE C 215 54.61 11.52 6.61
CA PHE C 215 55.09 12.90 6.67
C PHE C 215 53.90 13.81 6.89
N SER C 216 54.17 15.11 6.97
CA SER C 216 53.13 16.10 7.16
C SER C 216 53.67 17.48 6.77
N GLU C 217 52.77 18.34 6.33
CA GLU C 217 53.14 19.69 5.91
C GLU C 217 52.07 20.67 6.36
N LYS C 218 52.51 21.86 6.79
CA LYS C 218 51.62 22.87 7.32
C LYS C 218 52.04 24.23 6.78
N LEU C 219 51.30 25.26 7.17
CA LEU C 219 51.54 26.64 6.75
C LEU C 219 51.54 26.77 5.23
N LEU D 6 40.93 19.33 48.03
CA LEU D 6 42.30 19.06 47.61
C LEU D 6 42.37 18.79 46.12
N HIS D 7 43.51 19.13 45.51
CA HIS D 7 43.70 18.93 44.08
C HIS D 7 44.06 17.47 43.80
N MET D 8 44.11 17.14 42.51
CA MET D 8 44.40 15.76 42.11
C MET D 8 45.83 15.36 42.45
N ASP D 9 46.78 16.29 42.34
CA ASP D 9 48.17 15.98 42.66
C ASP D 9 48.34 15.73 44.16
N ALA D 10 47.58 16.44 45.00
CA ALA D 10 47.69 16.22 46.44
C ALA D 10 47.18 14.83 46.83
N LEU D 11 46.12 14.37 46.18
CA LEU D 11 45.62 13.02 46.45
C LEU D 11 46.65 11.97 46.08
N LEU D 12 47.28 12.12 44.91
CA LEU D 12 48.32 11.18 44.52
C LEU D 12 49.50 11.22 45.49
N THR D 13 49.95 12.41 45.86
CA THR D 13 51.04 12.52 46.82
C THR D 13 50.68 11.88 48.15
N LYS D 14 49.41 11.97 48.57
CA LYS D 14 49.02 11.39 49.85
C LYS D 14 48.92 9.88 49.77
N PHE D 15 48.44 9.34 48.65
CA PHE D 15 48.18 7.92 48.57
C PHE D 15 49.39 7.11 48.12
N ASN D 16 50.01 7.48 46.99
CA ASN D 16 51.05 6.66 46.41
C ASN D 16 52.38 6.76 47.15
N GLU D 17 52.68 7.90 47.76
CA GLU D 17 53.94 8.04 48.48
C GLU D 17 54.01 7.12 49.69
N ASP D 18 52.86 6.83 50.31
CA ASP D 18 52.78 5.94 51.47
C ASP D 18 52.36 4.53 51.07
N ARG D 19 52.76 4.08 49.89
CA ARG D 19 52.37 2.75 49.43
C ARG D 19 52.99 1.68 50.32
N SER D 20 52.23 0.61 50.56
CA SER D 20 52.68 -0.45 51.45
C SER D 20 53.63 -1.41 50.75
N LEU D 21 53.35 -1.74 49.49
CA LEU D 21 54.13 -2.68 48.68
C LEU D 21 54.49 -3.95 49.45
N GLN D 22 53.62 -4.38 50.36
CA GLN D 22 53.83 -5.56 51.17
C GLN D 22 52.83 -6.64 50.79
N ASP D 23 53.16 -7.87 51.19
CA ASP D 23 52.36 -9.08 50.94
C ASP D 23 52.21 -9.39 49.45
N GLU D 24 52.92 -8.69 48.58
CA GLU D 24 52.90 -8.97 47.15
C GLU D 24 54.12 -9.81 46.78
N ASN D 25 54.09 -11.07 47.25
CA ASN D 25 55.21 -11.97 47.03
C ASN D 25 55.29 -12.41 45.57
N LEU D 26 54.13 -12.68 44.96
CA LEU D 26 54.02 -13.08 43.55
C LEU D 26 54.61 -14.47 43.31
N SER D 27 55.17 -15.08 44.35
CA SER D 27 55.69 -16.44 44.27
C SER D 27 54.75 -17.45 44.93
N GLN D 28 54.03 -17.04 45.97
CA GLN D 28 53.01 -17.87 46.62
C GLN D 28 51.70 -17.09 46.60
N PRO D 29 51.04 -17.03 45.45
CA PRO D 29 49.82 -16.22 45.35
C PRO D 29 48.68 -16.80 46.18
N ARG D 30 47.75 -15.92 46.53
CA ARG D 30 46.61 -16.31 47.35
C ARG D 30 45.66 -17.18 46.53
N THR D 31 45.39 -18.39 47.03
CA THR D 31 44.48 -19.28 46.33
C THR D 31 43.04 -18.81 46.48
N ARG D 32 42.33 -18.73 45.36
CA ARG D 32 40.93 -18.34 45.39
C ARG D 32 40.11 -19.36 46.17
N VAL D 33 39.06 -18.88 46.83
CA VAL D 33 38.19 -19.78 47.59
C VAL D 33 37.48 -20.72 46.63
N ARG D 34 37.33 -21.97 47.04
CA ARG D 34 36.76 -23.00 46.19
C ARG D 34 35.25 -22.96 46.28
N ILE D 35 34.59 -22.82 45.13
CA ILE D 35 33.14 -22.88 45.02
C ILE D 35 32.81 -23.88 43.91
N VAL D 36 32.10 -24.94 44.27
CA VAL D 36 31.83 -26.04 43.35
C VAL D 36 30.39 -25.95 42.87
N ASP D 37 30.13 -26.59 41.73
CA ASP D 37 28.80 -26.70 41.16
C ASP D 37 28.40 -28.17 41.25
N ASP D 38 27.58 -28.50 42.25
CA ASP D 38 27.19 -29.89 42.47
C ASP D 38 26.36 -30.46 41.33
N ASN D 39 25.75 -29.60 40.51
CA ASN D 39 24.95 -30.03 39.37
C ASN D 39 25.77 -30.23 38.11
N LEU D 40 27.08 -30.42 38.23
CA LEU D 40 27.93 -30.55 37.05
C LEU D 40 27.82 -31.94 36.42
N TYR D 41 27.76 -32.99 37.23
CA TYR D 41 27.79 -34.34 36.72
C TYR D 41 26.70 -35.26 37.26
N ASN D 42 25.80 -34.76 38.11
CA ASN D 42 24.88 -35.66 38.80
C ASN D 42 23.95 -36.38 37.84
N LYS D 43 23.02 -35.66 37.22
CA LYS D 43 22.09 -36.20 36.22
C LYS D 43 21.11 -35.12 35.81
N SER D 44 20.43 -35.37 34.70
CA SER D 44 19.12 -34.81 34.37
C SER D 44 19.06 -33.29 34.55
N ASN D 45 19.81 -32.60 33.69
CA ASN D 45 19.60 -31.16 33.54
C ASN D 45 18.23 -30.93 32.94
N PRO D 46 17.28 -30.31 33.65
CA PRO D 46 15.91 -30.25 33.15
C PRO D 46 15.75 -29.40 31.90
N PHE D 47 16.58 -28.38 31.71
CA PHE D 47 16.42 -27.46 30.59
C PHE D 47 17.27 -27.84 29.39
N GLN D 48 17.90 -29.01 29.40
CA GLN D 48 18.71 -29.48 28.28
C GLN D 48 17.83 -30.26 27.33
N LEU D 49 17.53 -29.69 26.17
CA LEU D 49 16.69 -30.30 25.16
C LEU D 49 17.52 -30.73 23.95
N CYS D 50 16.89 -31.51 23.07
CA CYS D 50 17.52 -31.96 21.84
C CYS D 50 17.04 -31.06 20.70
N TYR D 51 17.96 -30.23 20.19
CA TYR D 51 17.60 -29.31 19.12
C TYR D 51 17.21 -30.04 17.84
N LYS D 52 17.81 -31.20 17.58
CA LYS D 52 17.45 -31.98 16.41
C LYS D 52 16.03 -32.53 16.51
N LYS D 53 15.59 -32.89 17.72
CA LYS D 53 14.23 -33.37 17.89
C LYS D 53 13.22 -32.24 17.74
N ARG D 54 13.46 -31.13 18.43
CA ARG D 54 12.60 -29.93 18.35
C ARG D 54 11.14 -30.25 18.64
N SER D 58 -0.63 -27.32 16.64
CA SER D 58 0.33 -26.66 17.51
C SER D 58 0.65 -27.52 18.73
N GLN D 59 1.93 -27.57 19.10
CA GLN D 59 2.36 -28.34 20.25
C GLN D 59 2.11 -27.62 21.57
N TYR D 60 1.70 -26.35 21.53
CA TYR D 60 1.44 -25.61 22.76
C TYR D 60 0.24 -26.13 23.52
N TYR D 61 -0.67 -26.85 22.86
CA TYR D 61 -1.90 -27.28 23.52
C TYR D 61 -1.62 -28.35 24.57
N HIS D 62 -0.68 -29.25 24.30
CA HIS D 62 -0.33 -30.25 25.31
C HIS D 62 0.28 -29.60 26.53
N ILE D 63 1.14 -28.59 26.33
CA ILE D 63 1.73 -27.87 27.45
C ILE D 63 0.64 -27.14 28.23
N TYR D 64 -0.31 -26.54 27.52
CA TYR D 64 -1.42 -25.87 28.19
C TYR D 64 -2.22 -26.84 29.05
N GLN D 65 -2.54 -28.01 28.51
CA GLN D 65 -3.30 -29.00 29.25
C GLN D 65 -2.53 -29.49 30.47
N TYR D 66 -1.25 -29.78 30.31
CA TYR D 66 -0.45 -30.26 31.43
C TYR D 66 -0.35 -29.21 32.52
N ARG D 67 -0.08 -27.95 32.14
CA ARG D 67 -0.03 -26.87 33.12
C ARG D 67 -1.36 -26.74 33.85
N LEU D 68 -2.47 -26.76 33.11
CA LEU D 68 -3.78 -26.63 33.73
C LEU D 68 -4.03 -27.74 34.72
N LYS D 69 -3.76 -28.99 34.33
CA LYS D 69 -4.03 -30.12 35.21
C LYS D 69 -3.17 -30.04 36.48
N THR D 70 -1.85 -29.84 36.31
CA THR D 70 -0.96 -29.82 37.46
C THR D 70 -1.29 -28.68 38.41
N PHE D 71 -1.50 -27.48 37.86
CA PHE D 71 -1.78 -26.32 38.71
C PHE D 71 -3.13 -26.47 39.40
N ARG D 72 -4.13 -27.05 38.72
CA ARG D 72 -5.41 -27.28 39.35
C ARG D 72 -5.28 -28.28 40.50
N GLU D 73 -4.51 -29.35 40.30
CA GLU D 73 -4.29 -30.31 41.38
C GLU D 73 -3.62 -29.65 42.58
N ARG D 74 -2.58 -28.84 42.33
CA ARG D 74 -1.87 -28.20 43.43
C ARG D 74 -2.76 -27.19 44.17
N VAL D 75 -3.52 -26.39 43.43
CA VAL D 75 -4.38 -25.40 44.06
C VAL D 75 -5.51 -26.10 44.83
N LEU D 76 -6.01 -27.22 44.31
CA LEU D 76 -7.04 -27.96 45.04
C LEU D 76 -6.48 -28.55 46.32
N LYS D 77 -5.24 -29.05 46.28
CA LYS D 77 -4.60 -29.53 47.51
C LYS D 77 -4.48 -28.41 48.53
N GLU D 78 -4.00 -27.23 48.10
CA GLU D 78 -3.85 -26.11 49.01
C GLU D 78 -5.19 -25.67 49.58
N CYS D 79 -6.24 -25.67 48.76
CA CYS D 79 -7.56 -25.26 49.24
C CYS D 79 -8.11 -26.26 50.25
N ASP D 80 -8.10 -27.55 49.91
CA ASP D 80 -8.54 -28.57 50.86
C ASP D 80 -7.70 -28.58 52.13
N LYS D 81 -6.47 -28.08 52.08
CA LYS D 81 -5.67 -27.97 53.29
C LYS D 81 -6.05 -26.73 54.10
N ARG D 82 -6.42 -25.64 53.43
CA ARG D 82 -6.77 -24.39 54.11
C ARG D 82 -8.27 -24.20 54.29
N TRP D 83 -9.08 -24.51 53.27
CA TRP D 83 -10.53 -24.39 53.35
C TRP D 83 -11.19 -25.71 53.70
N ASP D 84 -10.54 -26.51 54.56
CA ASP D 84 -11.08 -27.79 54.96
C ASP D 84 -12.51 -27.66 55.48
N ALA D 85 -13.27 -28.74 55.35
CA ALA D 85 -14.67 -28.74 55.74
C ALA D 85 -14.83 -28.34 57.20
N GLY D 86 -15.78 -27.45 57.47
CA GLY D 86 -16.01 -26.90 58.79
C GLY D 86 -15.54 -25.48 58.96
N PHE D 87 -14.81 -24.93 57.99
CA PHE D 87 -14.31 -23.55 58.06
C PHE D 87 -15.48 -22.61 57.79
N THR D 88 -16.16 -22.24 58.87
CA THR D 88 -17.28 -21.32 58.76
C THR D 88 -16.80 -19.88 58.72
N LEU D 89 -17.54 -19.04 57.99
CA LEU D 89 -17.24 -17.62 57.91
C LEU D 89 -17.83 -16.92 59.13
N ASN D 90 -17.89 -15.58 59.09
CA ASN D 90 -18.43 -14.83 60.21
C ASN D 90 -19.88 -15.21 60.50
N GLY D 91 -20.71 -15.22 59.47
CA GLY D 91 -22.12 -15.51 59.67
C GLY D 91 -22.53 -16.94 59.39
N GLN D 92 -22.13 -17.49 58.26
CA GLN D 92 -22.55 -18.81 57.81
C GLN D 92 -21.34 -19.67 57.45
N LEU D 93 -21.62 -20.89 57.01
CA LEU D 93 -20.59 -21.84 56.65
C LEU D 93 -20.14 -21.61 55.20
N VAL D 94 -18.87 -21.94 54.95
CA VAL D 94 -18.30 -21.83 53.61
C VAL D 94 -18.50 -23.16 52.89
N LEU D 95 -19.03 -23.09 51.67
CA LEU D 95 -19.32 -24.26 50.86
C LEU D 95 -18.26 -24.46 49.80
N LYS D 96 -18.22 -25.67 49.24
CA LYS D 96 -17.33 -26.01 48.14
C LYS D 96 -18.13 -26.20 46.87
N LYS D 97 -17.62 -25.65 45.78
CA LYS D 97 -18.29 -25.72 44.48
C LYS D 97 -17.32 -26.24 43.43
N ASP D 98 -17.81 -27.13 42.57
CA ASP D 98 -16.99 -27.76 41.55
C ASP D 98 -16.93 -26.93 40.27
N LYS D 99 -18.06 -26.38 39.84
CA LYS D 99 -18.13 -25.57 38.64
C LYS D 99 -18.38 -24.11 39.00
N VAL D 100 -18.14 -23.23 38.02
CA VAL D 100 -18.36 -21.80 38.25
C VAL D 100 -19.81 -21.40 38.10
N LEU D 101 -20.66 -22.29 37.60
CA LEU D 101 -22.10 -22.00 37.56
C LEU D 101 -22.80 -22.47 38.83
N ASP D 102 -22.12 -23.16 39.72
CA ASP D 102 -22.69 -23.59 40.98
C ASP D 102 -22.55 -22.54 42.08
N ILE D 103 -21.75 -21.49 41.85
CA ILE D 103 -21.58 -20.43 42.85
C ILE D 103 -22.70 -19.43 42.61
N GLN D 104 -23.87 -19.73 43.20
CA GLN D 104 -25.04 -18.89 43.04
C GLN D 104 -25.90 -19.06 44.29
N GLY D 105 -25.81 -18.10 45.20
CA GLY D 105 -26.59 -18.15 46.43
C GLY D 105 -25.96 -17.28 47.49
N ASN D 106 -26.80 -16.88 48.45
CA ASN D 106 -26.38 -16.01 49.54
C ASN D 106 -25.63 -16.84 50.60
N GLN D 107 -24.47 -17.34 50.19
CA GLN D 107 -23.63 -18.16 51.05
C GLN D 107 -22.22 -18.15 50.50
N PRO D 108 -21.20 -18.18 51.36
CA PRO D 108 -19.82 -18.22 50.86
C PRO D 108 -19.54 -19.51 50.11
N CYS D 109 -18.57 -19.45 49.21
CA CYS D 109 -18.23 -20.58 48.36
C CYS D 109 -16.90 -20.33 47.69
N TRP D 110 -16.08 -21.37 47.58
CA TRP D 110 -14.78 -21.28 46.93
C TRP D 110 -14.69 -22.32 45.82
N CYS D 111 -13.97 -21.97 44.75
CA CYS D 111 -13.81 -22.87 43.61
C CYS D 111 -12.46 -22.59 42.96
N VAL D 112 -12.00 -23.55 42.16
CA VAL D 112 -10.72 -23.48 41.48
C VAL D 112 -10.97 -23.18 40.01
N GLY D 113 -10.19 -22.25 39.46
CA GLY D 113 -10.33 -21.89 38.06
C GLY D 113 -9.22 -20.96 37.64
N SER D 114 -9.02 -20.89 36.33
CA SER D 114 -7.97 -20.03 35.77
C SER D 114 -8.42 -18.56 35.80
N ILE D 115 -7.51 -17.68 35.41
CA ILE D 115 -7.74 -16.24 35.39
C ILE D 115 -7.72 -15.76 33.95
N TYR D 116 -8.67 -14.90 33.60
CA TYR D 116 -8.77 -14.33 32.26
C TYR D 116 -8.67 -12.81 32.35
N CYS D 117 -7.63 -12.26 31.75
CA CYS D 117 -7.42 -10.82 31.68
C CYS D 117 -7.40 -10.37 30.21
N GLU D 118 -7.15 -9.08 30.00
CA GLU D 118 -7.12 -8.53 28.65
C GLU D 118 -5.75 -8.76 28.01
N MET D 119 -4.70 -8.17 28.59
CA MET D 119 -3.33 -8.35 28.15
C MET D 119 -3.16 -7.94 26.67
N LYS D 120 -3.36 -6.65 26.41
CA LYS D 120 -3.10 -6.12 25.09
C LYS D 120 -1.62 -5.77 24.93
N TYR D 121 -1.17 -5.70 23.68
CA TYR D 121 0.23 -5.41 23.41
C TYR D 121 0.50 -3.91 23.48
N LYS D 122 1.78 -3.57 23.64
CA LYS D 122 2.20 -2.18 23.67
C LYS D 122 2.34 -1.64 22.25
N PRO D 123 2.23 -0.32 22.07
CA PRO D 123 2.29 0.22 20.70
C PRO D 123 3.63 0.03 20.02
N ASN D 124 4.74 0.11 20.77
CA ASN D 124 6.05 -0.03 20.14
C ASN D 124 6.28 -1.44 19.61
N VAL D 125 5.84 -2.45 20.37
CA VAL D 125 5.95 -3.83 19.90
C VAL D 125 5.13 -4.05 18.64
N LEU D 126 3.93 -3.48 18.60
CA LEU D 126 3.09 -3.58 17.41
C LEU D 126 3.74 -2.91 16.22
N ASP D 127 4.30 -1.71 16.43
CA ASP D 127 4.98 -1.03 15.34
C ASP D 127 6.16 -1.84 14.83
N GLU D 128 6.91 -2.47 15.73
CA GLU D 128 8.05 -3.29 15.32
C GLU D 128 7.59 -4.48 14.49
N VAL D 129 6.63 -5.25 14.99
CA VAL D 129 6.20 -6.44 14.27
C VAL D 129 5.48 -6.08 12.98
N ILE D 130 4.91 -4.88 12.88
CA ILE D 130 4.32 -4.45 11.62
C ILE D 130 5.41 -4.07 10.62
N ASN D 131 6.43 -3.35 11.07
CA ASN D 131 7.51 -2.95 10.17
C ASN D 131 8.38 -4.12 9.75
N ASP D 132 8.33 -5.24 10.47
CA ASP D 132 9.16 -6.40 10.15
C ASP D 132 8.34 -7.60 9.68
N THR D 133 7.30 -7.36 8.87
CA THR D 133 6.46 -8.45 8.42
C THR D 133 6.19 -8.40 6.91
N TYR D 134 6.20 -7.20 6.33
CA TYR D 134 5.88 -7.00 4.91
C TYR D 134 4.48 -7.54 4.59
N GLY D 135 3.50 -6.84 5.14
CA GLY D 135 2.11 -7.18 4.89
C GLY D 135 1.28 -7.31 6.15
N ALA D 136 1.83 -6.85 7.26
CA ALA D 136 1.10 -6.91 8.52
C ALA D 136 -0.05 -5.92 8.49
N PRO D 137 -1.25 -6.31 8.91
CA PRO D 137 -2.38 -5.38 8.91
C PRO D 137 -2.24 -4.29 9.96
N ASP D 138 -3.21 -3.39 10.03
CA ASP D 138 -3.24 -2.36 11.07
C ASP D 138 -3.65 -3.03 12.38
N LEU D 139 -2.66 -3.60 13.07
CA LEU D 139 -2.92 -4.38 14.27
C LEU D 139 -3.55 -3.56 15.39
N THR D 140 -3.42 -2.22 15.33
CA THR D 140 -4.08 -1.39 16.32
C THR D 140 -5.60 -1.44 16.20
N LYS D 141 -6.11 -1.73 15.00
CA LYS D 141 -7.56 -1.81 14.82
C LYS D 141 -8.17 -2.96 15.60
N SER D 142 -7.42 -4.04 15.81
CA SER D 142 -7.94 -5.16 16.58
C SER D 142 -8.19 -4.80 18.04
N TYR D 143 -7.46 -3.80 18.56
CA TYR D 143 -7.63 -3.37 19.93
C TYR D 143 -8.60 -2.21 20.09
N THR D 144 -8.85 -1.45 19.02
CA THR D 144 -9.73 -0.29 19.10
C THR D 144 -11.14 -0.60 18.62
N ASP D 145 -11.30 -1.55 17.71
CA ASP D 145 -12.63 -1.88 17.21
C ASP D 145 -13.49 -2.53 18.29
N LYS D 146 -12.88 -3.25 19.21
CA LYS D 146 -13.62 -3.91 20.28
C LYS D 146 -14.10 -2.90 21.31
N SER D 150 -13.07 -5.65 28.76
CA SER D 150 -12.11 -4.57 28.61
C SER D 150 -11.22 -4.45 29.84
N ASP D 151 -11.81 -4.02 30.95
CA ASP D 151 -11.10 -3.85 32.22
C ASP D 151 -11.86 -4.65 33.29
N GLU D 152 -11.52 -5.94 33.40
CA GLU D 152 -12.14 -6.81 34.39
C GLU D 152 -11.38 -8.12 34.44
N ILE D 153 -11.31 -8.70 35.63
CA ILE D 153 -10.69 -10.00 35.86
C ILE D 153 -11.80 -11.04 36.04
N MET D 154 -11.67 -12.17 35.35
CA MET D 154 -12.69 -13.21 35.39
C MET D 154 -12.04 -14.55 35.70
N LEU D 155 -12.88 -15.52 36.04
CA LEU D 155 -12.44 -16.83 36.50
C LEU D 155 -13.11 -17.91 35.67
N GLU D 156 -12.33 -18.61 34.85
CA GLU D 156 -12.83 -19.68 33.99
C GLU D 156 -12.39 -21.03 34.54
N ASP D 157 -13.32 -21.98 34.62
CA ASP D 157 -13.02 -23.31 35.15
C ASP D 157 -13.70 -24.38 34.31
N GLU D 158 -13.60 -24.25 32.98
CA GLU D 158 -14.14 -25.20 32.01
C GLU D 158 -15.66 -25.22 31.97
N SER D 159 -16.33 -24.30 32.67
CA SER D 159 -17.79 -24.26 32.66
C SER D 159 -18.34 -22.84 32.62
N GLY D 160 -17.55 -21.84 32.30
CA GLY D 160 -18.01 -20.47 32.21
C GLY D 160 -17.07 -19.55 32.95
N ARG D 161 -17.49 -18.29 33.07
CA ARG D 161 -16.68 -17.26 33.71
C ARG D 161 -17.58 -16.39 34.59
N VAL D 162 -16.98 -15.83 35.63
CA VAL D 162 -17.66 -14.88 36.51
C VAL D 162 -16.75 -13.68 36.73
N LEU D 163 -17.36 -12.53 36.98
CA LEU D 163 -16.63 -11.29 37.19
C LEU D 163 -16.11 -11.25 38.63
N LEU D 164 -14.80 -11.14 38.79
CA LEU D 164 -14.18 -11.08 40.11
C LEU D 164 -14.18 -9.64 40.59
N VAL D 165 -15.27 -9.24 41.24
CA VAL D 165 -15.42 -7.89 41.78
C VAL D 165 -14.88 -7.89 43.21
N GLY D 166 -14.65 -6.69 43.75
CA GLY D 166 -14.22 -6.52 45.11
C GLY D 166 -13.00 -5.64 45.20
N ASP D 167 -12.26 -5.78 46.29
CA ASP D 167 -11.05 -5.02 46.53
C ASP D 167 -9.81 -5.87 46.70
N PHE D 168 -9.94 -7.10 47.22
CA PHE D 168 -8.78 -7.97 47.35
C PHE D 168 -8.26 -8.40 45.98
N ILE D 169 -9.12 -8.43 44.97
CA ILE D 169 -8.69 -8.87 43.65
C ILE D 169 -7.95 -7.76 42.90
N ARG D 170 -8.20 -6.50 43.26
CA ARG D 170 -7.60 -5.40 42.53
C ARG D 170 -6.16 -5.16 42.97
N SER D 171 -5.86 -5.32 44.26
CA SER D 171 -4.52 -5.08 44.78
C SER D 171 -3.65 -6.33 44.67
N THR D 172 -3.58 -6.91 43.47
CA THR D 172 -2.75 -8.08 43.21
C THR D 172 -2.52 -8.19 41.71
N PRO D 173 -1.26 -8.34 41.27
CA PRO D 173 -1.00 -8.48 39.83
C PRO D 173 -1.34 -9.88 39.35
N PHE D 174 -1.97 -9.95 38.18
CA PHE D 174 -2.39 -11.21 37.60
C PHE D 174 -2.00 -11.26 36.13
N ILE D 175 -1.87 -12.49 35.62
CA ILE D 175 -1.62 -12.77 34.22
C ILE D 175 -2.59 -13.86 33.79
N THR D 176 -3.17 -13.70 32.61
CA THR D 176 -4.16 -14.66 32.13
C THR D 176 -3.55 -16.05 32.03
N GLY D 177 -4.33 -17.07 32.40
CA GLY D 177 -3.89 -18.45 32.43
C GLY D 177 -3.61 -18.98 33.82
N VAL D 178 -3.26 -18.09 34.75
CA VAL D 178 -2.95 -18.51 36.11
C VAL D 178 -4.22 -18.97 36.82
N VAL D 179 -4.10 -20.07 37.57
CA VAL D 179 -5.22 -20.59 38.35
C VAL D 179 -5.08 -20.12 39.78
N VAL D 180 -6.22 -19.94 40.45
CA VAL D 180 -6.28 -19.48 41.83
C VAL D 180 -7.42 -20.19 42.54
N GLY D 181 -7.56 -19.93 43.83
CA GLY D 181 -8.55 -20.58 44.67
C GLY D 181 -9.55 -19.60 45.26
N ILE D 182 -10.06 -18.70 44.41
CA ILE D 182 -10.92 -17.60 44.86
C ILE D 182 -11.99 -18.09 45.83
N LEU D 183 -12.14 -17.38 46.94
CA LEU D 183 -13.19 -17.63 47.92
C LEU D 183 -13.93 -16.31 48.12
N GLY D 184 -15.15 -16.22 47.60
CA GLY D 184 -15.89 -14.98 47.68
C GLY D 184 -17.36 -15.17 48.00
N MET D 185 -18.21 -14.34 47.39
CA MET D 185 -19.64 -14.36 47.67
C MET D 185 -20.37 -13.60 46.57
N GLU D 186 -21.36 -14.26 45.96
CA GLU D 186 -22.21 -13.59 44.99
C GLU D 186 -23.12 -12.59 45.68
N ALA D 187 -23.17 -11.36 45.18
CA ALA D 187 -23.83 -10.27 45.88
C ALA D 187 -25.11 -9.81 45.20
N GLU D 188 -25.05 -9.35 43.95
CA GLU D 188 -26.24 -8.81 43.30
C GLU D 188 -26.38 -9.18 41.83
N ALA D 189 -25.48 -9.96 41.27
CA ALA D 189 -25.53 -10.34 39.85
C ALA D 189 -24.55 -11.49 39.65
N GLY D 190 -24.30 -11.83 38.39
CA GLY D 190 -23.31 -12.84 38.07
C GLY D 190 -21.90 -12.31 38.21
N THR D 191 -21.61 -11.67 39.34
CA THR D 191 -20.31 -11.08 39.61
C THR D 191 -19.86 -11.57 40.98
N PHE D 192 -18.71 -12.24 41.02
CA PHE D 192 -18.24 -12.90 42.22
C PHE D 192 -17.31 -11.96 43.00
N GLN D 193 -17.61 -11.78 44.28
CA GLN D 193 -16.71 -11.03 45.14
C GLN D 193 -15.49 -11.87 45.48
N VAL D 194 -14.50 -11.24 46.10
CA VAL D 194 -13.26 -11.90 46.49
C VAL D 194 -12.95 -11.54 47.93
N LEU D 195 -12.71 -12.57 48.75
CA LEU D 195 -12.29 -12.38 50.13
C LEU D 195 -10.90 -12.92 50.41
N ASP D 196 -10.55 -14.08 49.87
CA ASP D 196 -9.21 -14.63 50.01
C ASP D 196 -8.87 -15.38 48.72
N ILE D 197 -7.56 -15.49 48.47
CA ILE D 197 -7.05 -16.14 47.28
C ILE D 197 -6.06 -17.23 47.69
N CYS D 198 -6.14 -18.38 47.05
CA CYS D 198 -5.23 -19.48 47.30
C CYS D 198 -4.30 -19.67 46.12
N TYR D 199 -3.07 -20.05 46.42
CA TYR D 199 -2.05 -20.32 45.41
C TYR D 199 -1.67 -21.80 45.49
N PRO D 200 -0.93 -22.34 44.52
CA PRO D 200 -0.52 -23.74 44.63
C PRO D 200 0.19 -24.04 45.95
N THR D 201 0.08 -25.29 46.39
CA THR D 201 0.63 -25.69 47.66
C THR D 201 2.14 -25.44 47.68
N PRO D 202 2.70 -25.08 48.84
CA PRO D 202 4.14 -24.81 48.92
C PRO D 202 4.97 -26.03 48.54
N LEU D 203 6.00 -25.80 47.73
CA LEU D 203 6.90 -26.82 47.22
C LEU D 203 8.02 -27.10 48.21
N PRO D 204 8.66 -28.26 48.13
CA PRO D 204 9.79 -28.54 49.02
C PRO D 204 11.00 -27.69 48.67
N GLN D 205 11.84 -27.47 49.67
CA GLN D 205 13.06 -26.68 49.51
C GLN D 205 14.20 -27.35 50.26
N ASN D 206 15.37 -27.38 49.64
CA ASN D 206 16.52 -28.01 50.26
C ASN D 206 16.92 -27.25 51.52
N PRO D 207 17.41 -27.94 52.54
CA PRO D 207 17.80 -27.25 53.77
C PRO D 207 19.00 -26.34 53.54
N PHE D 208 18.94 -25.17 54.15
CA PHE D 208 20.02 -24.19 54.02
C PHE D 208 21.28 -24.72 54.72
N PRO D 209 22.40 -24.84 54.02
CA PRO D 209 23.61 -25.39 54.65
C PRO D 209 24.13 -24.49 55.75
N ALA D 210 24.95 -25.09 56.61
CA ALA D 210 25.53 -24.38 57.74
C ALA D 210 27.00 -24.06 57.49
N THR D 217 36.24 -20.24 54.77
CA THR D 217 35.14 -21.13 55.09
C THR D 217 34.06 -21.09 54.01
N ARG D 218 33.68 -19.89 53.59
CA ARG D 218 32.69 -19.71 52.55
C ARG D 218 33.01 -18.43 51.78
N GLY D 219 32.63 -18.43 50.51
CA GLY D 219 32.92 -17.30 49.65
C GLY D 219 31.71 -16.65 49.02
N LYS D 220 31.93 -15.84 47.99
CA LYS D 220 30.87 -15.14 47.28
C LYS D 220 30.96 -15.46 45.80
N ILE D 221 29.97 -15.00 45.05
CA ILE D 221 29.94 -15.15 43.60
C ILE D 221 29.65 -13.79 42.98
N ALA D 222 30.22 -13.55 41.81
CA ALA D 222 30.03 -12.30 41.10
C ALA D 222 28.97 -12.48 40.01
N LEU D 223 27.99 -11.58 40.00
CA LEU D 223 26.88 -11.63 39.05
C LEU D 223 27.01 -10.47 38.08
N VAL D 224 27.25 -10.80 36.81
CA VAL D 224 27.36 -9.81 35.75
C VAL D 224 26.39 -10.18 34.64
N SER D 225 25.80 -9.18 34.00
CA SER D 225 24.85 -9.43 32.94
C SER D 225 24.80 -8.22 32.01
N GLY D 226 24.61 -8.48 30.72
CA GLY D 226 24.45 -7.42 29.75
C GLY D 226 25.76 -6.72 29.39
N LEU D 227 26.76 -7.51 29.01
CA LEU D 227 28.01 -6.90 28.54
C LEU D 227 27.79 -6.15 27.24
N ASN D 228 27.07 -6.76 26.29
CA ASN D 228 26.70 -6.13 25.03
C ASN D 228 27.93 -5.62 24.28
N LEU D 229 28.91 -6.50 24.11
CA LEU D 229 30.14 -6.16 23.40
C LEU D 229 29.81 -5.92 21.93
N ASN D 230 29.85 -4.67 21.50
CA ASN D 230 29.53 -4.28 20.15
C ASN D 230 30.77 -3.76 19.44
N ASN D 231 30.66 -3.55 18.13
CA ASN D 231 31.72 -2.99 17.32
C ASN D 231 31.62 -1.48 17.16
N THR D 232 30.64 -0.85 17.80
CA THR D 232 30.44 0.59 17.70
C THR D 232 30.72 1.33 18.99
N SER D 233 30.43 0.73 20.15
CA SER D 233 30.64 1.39 21.42
C SER D 233 31.97 0.98 22.01
N PRO D 234 32.96 1.88 22.09
CA PRO D 234 34.25 1.52 22.69
C PRO D 234 34.28 1.62 24.20
N ASP D 235 33.26 2.23 24.82
CA ASP D 235 33.26 2.37 26.27
C ASP D 235 32.95 1.04 26.96
N ARG D 236 32.15 0.18 26.32
CA ARG D 236 31.78 -1.09 26.93
C ARG D 236 32.95 -2.06 27.05
N LEU D 237 34.09 -1.76 26.41
CA LEU D 237 35.28 -2.58 26.58
C LEU D 237 36.15 -2.11 27.73
N LEU D 238 36.16 -0.81 28.01
CA LEU D 238 36.96 -0.31 29.12
C LEU D 238 36.37 -0.72 30.46
N ARG D 239 35.04 -0.70 30.58
CA ARG D 239 34.40 -1.20 31.80
C ARG D 239 34.69 -2.67 31.99
N LEU D 240 34.67 -3.45 30.90
CA LEU D 240 34.99 -4.86 30.98
C LEU D 240 36.44 -5.08 31.39
N GLU D 241 37.35 -4.25 30.91
CA GLU D 241 38.75 -4.37 31.31
C GLU D 241 38.94 -4.02 32.78
N ILE D 242 38.24 -2.99 33.26
CA ILE D 242 38.33 -2.63 34.67
C ILE D 242 37.75 -3.75 35.54
N LEU D 243 36.68 -4.39 35.06
CA LEU D 243 36.13 -5.54 35.78
C LEU D 243 37.12 -6.71 35.80
N ARG D 244 37.81 -6.92 34.68
CA ARG D 244 38.83 -7.96 34.63
C ARG D 244 39.95 -7.69 35.62
N GLU D 245 40.38 -6.43 35.73
CA GLU D 245 41.46 -6.11 36.65
C GLU D 245 41.00 -6.12 38.10
N PHE D 246 39.72 -5.85 38.35
CA PHE D 246 39.23 -5.81 39.72
C PHE D 246 39.06 -7.20 40.30
N LEU D 247 38.60 -8.16 39.49
CA LEU D 247 38.41 -9.51 40.00
C LEU D 247 39.74 -10.23 40.22
N MET D 248 40.78 -9.83 39.50
CA MET D 248 42.10 -10.44 39.69
C MET D 248 42.83 -9.90 40.91
N GLY D 249 42.33 -8.84 41.53
CA GLY D 249 42.98 -8.27 42.69
C GLY D 249 44.01 -7.21 42.39
N ARG D 250 43.94 -6.57 41.23
CA ARG D 250 44.89 -5.54 40.86
C ARG D 250 44.45 -4.14 41.27
N ILE D 251 43.14 -3.89 41.28
CA ILE D 251 42.63 -2.55 41.56
C ILE D 251 42.37 -2.36 43.05
N ASN D 252 41.62 -3.26 43.68
CA ASN D 252 41.27 -3.08 45.07
C ASN D 252 42.45 -3.33 46.00
N ASN D 253 43.33 -4.25 45.63
CA ASN D 253 44.54 -4.64 46.37
C ASN D 253 44.23 -5.26 47.73
N LYS D 254 42.96 -5.53 48.04
CA LYS D 254 42.60 -6.19 49.30
C LYS D 254 42.39 -7.68 49.00
N ILE D 255 43.51 -8.40 48.88
CA ILE D 255 43.47 -9.81 48.54
C ILE D 255 42.80 -10.64 49.62
N ASP D 256 42.65 -10.10 50.83
CA ASP D 256 41.93 -10.81 51.88
C ASP D 256 40.43 -10.85 51.63
N ASP D 257 39.90 -9.93 50.83
CA ASP D 257 38.49 -9.89 50.51
C ASP D 257 38.18 -10.20 49.05
N ILE D 258 39.10 -9.94 48.14
CA ILE D 258 38.85 -10.26 46.74
C ILE D 258 38.97 -11.76 46.50
N SER D 259 39.80 -12.45 47.28
CA SER D 259 39.93 -13.90 47.14
C SER D 259 38.70 -14.66 47.63
N LEU D 260 37.65 -13.96 48.06
CA LEU D 260 36.42 -14.60 48.47
C LEU D 260 35.38 -14.69 47.35
N ILE D 261 35.72 -14.21 46.16
CA ILE D 261 34.81 -14.29 45.01
C ILE D 261 35.20 -15.56 44.26
N GLY D 262 34.51 -16.66 44.59
CA GLY D 262 34.90 -17.95 44.07
C GLY D 262 34.61 -18.16 42.59
N ARG D 263 33.53 -17.57 42.08
CA ARG D 263 33.11 -17.80 40.71
C ARG D 263 32.57 -16.52 40.10
N LEU D 264 32.49 -16.52 38.78
CA LEU D 264 31.88 -15.44 38.01
C LEU D 264 30.77 -16.02 37.16
N LEU D 265 29.64 -15.30 37.09
CA LEU D 265 28.45 -15.78 36.39
C LEU D 265 27.94 -14.68 35.46
N ILE D 266 28.26 -14.81 34.18
CA ILE D 266 27.69 -13.93 33.17
C ILE D 266 26.29 -14.43 32.83
N CYS D 267 25.28 -13.61 33.11
CA CYS D 267 23.89 -14.03 33.02
C CYS D 267 23.24 -13.67 31.69
N GLY D 268 24.01 -13.54 30.63
CA GLY D 268 23.46 -13.34 29.30
C GLY D 268 23.85 -11.99 28.71
N ASN D 269 23.49 -11.83 27.44
CA ASN D 269 23.72 -10.60 26.69
C ASN D 269 25.20 -10.23 26.68
N SER D 270 26.01 -11.14 26.12
CA SER D 270 27.45 -10.90 26.01
C SER D 270 27.83 -10.10 24.77
N VAL D 271 27.02 -10.14 23.72
CA VAL D 271 27.27 -9.40 22.50
C VAL D 271 25.94 -8.81 22.01
N ASP D 272 25.98 -7.58 21.52
CA ASP D 272 24.79 -6.86 21.08
C ASP D 272 24.86 -6.67 19.58
N PHE D 273 23.90 -7.26 18.86
CA PHE D 273 23.83 -7.13 17.42
C PHE D 273 22.39 -7.35 16.98
N ASP D 274 22.15 -7.10 15.69
CA ASP D 274 20.85 -7.31 15.06
C ASP D 274 21.03 -8.34 13.95
N ILE D 275 20.32 -9.47 14.07
CA ILE D 275 20.47 -10.56 13.13
C ILE D 275 19.78 -10.24 11.81
N LYS D 276 19.07 -9.10 11.77
CA LYS D 276 18.48 -8.65 10.52
C LYS D 276 19.57 -8.28 9.51
N SER D 277 20.58 -7.54 9.96
CA SER D 277 21.71 -7.13 9.11
C SER D 277 23.00 -7.40 9.87
N VAL D 278 23.58 -8.57 9.66
CA VAL D 278 24.82 -8.96 10.32
C VAL D 278 25.48 -10.05 9.48
N ASN D 279 26.80 -10.10 9.53
CA ASN D 279 27.58 -11.14 8.88
C ASN D 279 28.47 -11.82 9.91
N LYS D 280 29.31 -12.74 9.41
CA LYS D 280 30.15 -13.52 10.32
C LYS D 280 31.38 -12.75 10.77
N ASP D 281 31.70 -11.63 10.12
CA ASP D 281 32.95 -10.94 10.43
C ASP D 281 32.87 -10.16 11.73
N GLU D 282 31.91 -9.23 11.83
CA GLU D 282 31.83 -8.38 13.02
C GLU D 282 31.43 -9.18 14.26
N LEU D 283 30.54 -10.16 14.09
CA LEU D 283 30.25 -11.07 15.18
C LEU D 283 31.51 -11.80 15.64
N MET D 284 32.36 -12.19 14.69
CA MET D 284 33.62 -12.83 15.07
C MET D 284 34.54 -11.86 15.80
N ILE D 285 34.53 -10.58 15.42
CA ILE D 285 35.35 -9.60 16.12
C ILE D 285 34.91 -9.49 17.57
N SER D 286 33.60 -9.36 17.80
CA SER D 286 33.10 -9.27 19.17
C SER D 286 33.39 -10.55 19.95
N LEU D 287 33.26 -11.71 19.30
CA LEU D 287 33.53 -12.97 19.97
C LEU D 287 35.01 -13.13 20.31
N THR D 288 35.91 -12.61 19.46
CA THR D 288 37.33 -12.64 19.80
C THR D 288 37.66 -11.70 20.95
N GLU D 289 36.97 -10.55 21.02
CA GLU D 289 37.14 -9.68 22.19
C GLU D 289 36.70 -10.39 23.46
N PHE D 290 35.53 -11.02 23.42
CA PHE D 290 35.05 -11.78 24.57
C PHE D 290 36.00 -12.92 24.91
N SER D 291 36.58 -13.56 23.89
CA SER D 291 37.50 -14.67 24.13
C SER D 291 38.81 -14.18 24.73
N LYS D 292 39.27 -12.99 24.33
CA LYS D 292 40.42 -12.39 24.99
C LYS D 292 40.14 -12.14 26.47
N PHE D 293 38.97 -11.57 26.77
CA PHE D 293 38.60 -11.37 28.16
C PHE D 293 38.60 -12.69 28.94
N LEU D 294 38.00 -13.73 28.35
CA LEU D 294 37.92 -15.02 29.02
C LEU D 294 39.30 -15.62 29.25
N HIS D 295 40.15 -15.59 28.22
CA HIS D 295 41.49 -16.16 28.36
C HIS D 295 42.32 -15.40 29.39
N ASN D 296 42.09 -14.09 29.51
CA ASN D 296 42.86 -13.33 30.48
C ASN D 296 42.33 -13.47 31.90
N ILE D 297 41.04 -13.72 32.07
CA ILE D 297 40.47 -13.81 33.41
C ILE D 297 40.39 -15.24 33.96
N LEU D 298 40.48 -16.25 33.09
CA LEU D 298 40.32 -17.63 33.56
C LEU D 298 41.45 -18.11 34.47
N PRO D 299 42.72 -17.78 34.26
CA PRO D 299 43.76 -18.27 35.19
C PRO D 299 43.61 -17.75 36.61
N SER D 300 42.69 -16.83 36.88
CA SER D 300 42.51 -16.26 38.21
C SER D 300 41.15 -16.55 38.83
N ILE D 301 40.12 -16.78 38.02
CA ILE D 301 38.77 -17.01 38.54
C ILE D 301 38.02 -17.91 37.57
N SER D 302 37.03 -18.63 38.10
CA SER D 302 36.20 -19.50 37.29
C SER D 302 35.02 -18.73 36.73
N VAL D 303 34.57 -19.16 35.53
CA VAL D 303 33.54 -18.44 34.78
C VAL D 303 32.43 -19.42 34.41
N ASP D 304 31.19 -18.97 34.54
CA ASP D 304 30.01 -19.74 34.12
C ASP D 304 29.22 -18.86 33.14
N ILE D 305 29.32 -19.16 31.86
CA ILE D 305 28.69 -18.35 30.82
C ILE D 305 27.29 -18.87 30.56
N MET D 306 26.36 -17.94 30.36
CA MET D 306 24.95 -18.25 30.16
C MET D 306 24.42 -17.44 28.98
N PRO D 307 23.63 -18.06 28.11
CA PRO D 307 23.11 -17.34 26.93
C PRO D 307 22.15 -16.24 27.34
N GLY D 308 21.89 -15.35 26.39
CA GLY D 308 21.02 -14.21 26.62
C GLY D 308 19.96 -14.06 25.56
N THR D 309 19.31 -12.90 25.51
CA THR D 309 18.24 -12.64 24.56
C THR D 309 18.75 -12.20 23.19
N ASN D 310 19.93 -11.57 23.13
CA ASN D 310 20.46 -11.04 21.89
C ASN D 310 21.84 -11.62 21.59
N ASP D 311 22.09 -12.83 22.03
CA ASP D 311 23.32 -13.56 21.76
C ASP D 311 23.11 -14.56 20.64
N PRO D 312 24.19 -15.06 20.02
CA PRO D 312 24.01 -16.06 18.96
C PRO D 312 23.53 -17.40 19.50
N SER D 313 22.26 -17.44 19.93
CA SER D 313 21.66 -18.67 20.42
C SER D 313 20.16 -18.61 20.10
N ASP D 314 19.46 -19.68 20.46
CA ASP D 314 18.05 -19.79 20.14
C ASP D 314 17.25 -18.67 20.78
N LYS D 315 16.20 -18.22 20.09
CA LYS D 315 15.38 -17.13 20.58
C LYS D 315 14.39 -17.57 21.65
N SER D 316 14.16 -18.88 21.78
CA SER D 316 13.24 -19.38 22.80
C SER D 316 13.86 -19.21 24.19
N LEU D 317 13.12 -19.62 25.22
CA LEU D 317 13.61 -19.41 26.57
C LEU D 317 14.62 -20.49 26.99
N PRO D 318 14.34 -21.80 26.81
CA PRO D 318 15.36 -22.80 27.14
C PRO D 318 16.49 -22.82 26.12
N GLN D 319 17.38 -21.83 26.18
CA GLN D 319 18.48 -21.74 25.23
C GLN D 319 19.60 -22.70 25.63
N GLN D 320 20.04 -23.52 24.69
CA GLN D 320 21.17 -24.41 24.93
C GLN D 320 22.45 -23.60 25.09
N PRO D 321 23.53 -24.22 25.62
CA PRO D 321 24.82 -23.53 25.68
C PRO D 321 25.25 -22.99 24.33
N PHE D 322 26.16 -22.01 24.32
CA PHE D 322 26.49 -21.30 23.09
C PHE D 322 26.97 -22.25 21.99
N HIS D 323 28.16 -22.81 22.17
CA HIS D 323 28.83 -23.79 21.32
C HIS D 323 30.21 -24.01 21.91
N LYS D 324 30.85 -25.11 21.50
CA LYS D 324 32.28 -25.22 21.72
C LYS D 324 33.06 -24.33 20.76
N SER D 325 32.46 -23.97 19.62
CA SER D 325 32.99 -22.96 18.72
C SER D 325 32.58 -21.58 19.23
N LEU D 326 32.70 -20.56 18.36
CA LEU D 326 32.40 -19.17 18.65
C LEU D 326 33.41 -18.52 19.59
N PHE D 327 34.48 -19.23 19.94
CA PHE D 327 35.54 -18.69 20.77
C PHE D 327 36.87 -18.87 20.07
N ASP D 328 37.86 -18.08 20.48
CA ASP D 328 39.17 -18.15 19.87
C ASP D 328 39.81 -19.51 20.13
N LYS D 329 40.78 -19.86 19.27
CA LYS D 329 41.49 -21.13 19.42
C LYS D 329 42.40 -21.15 20.63
N SER D 330 42.59 -20.02 21.31
CA SER D 330 43.40 -20.00 22.51
C SER D 330 42.72 -20.66 23.70
N LEU D 331 41.39 -20.84 23.63
CA LEU D 331 40.63 -21.46 24.69
C LEU D 331 40.39 -22.94 24.45
N GLU D 332 41.15 -23.55 23.53
CA GLU D 332 40.96 -24.97 23.23
C GLU D 332 41.35 -25.87 24.39
N SER D 333 42.17 -25.38 25.32
CA SER D 333 42.54 -26.18 26.49
C SER D 333 41.44 -26.25 27.53
N TYR D 334 40.53 -25.27 27.56
CA TYR D 334 39.43 -25.28 28.51
C TYR D 334 38.24 -26.09 28.03
N PHE D 335 38.11 -26.29 26.71
CA PHE D 335 36.99 -27.01 26.14
C PHE D 335 37.33 -28.46 25.81
N ASN D 336 38.39 -29.00 26.41
CA ASN D 336 38.77 -30.38 26.14
C ASN D 336 37.92 -31.39 26.92
N GLY D 337 37.06 -30.93 27.82
CA GLY D 337 36.16 -31.82 28.53
C GLY D 337 36.50 -32.00 29.99
N SER D 338 37.79 -32.10 30.31
CA SER D 338 38.22 -32.30 31.69
C SER D 338 38.23 -31.01 32.50
N ASN D 339 38.35 -29.86 31.83
CA ASN D 339 38.39 -28.56 32.51
C ASN D 339 37.01 -27.92 32.40
N LYS D 340 36.10 -28.34 33.30
CA LYS D 340 34.75 -27.81 33.35
C LYS D 340 34.48 -27.00 34.61
N GLU D 341 35.25 -27.22 35.68
CA GLU D 341 35.05 -26.46 36.91
C GLU D 341 35.54 -25.03 36.79
N ILE D 342 36.36 -24.73 35.78
CA ILE D 342 36.90 -23.38 35.62
C ILE D 342 36.13 -22.63 34.54
N LEU D 343 35.57 -23.37 33.59
CA LEU D 343 34.74 -22.77 32.55
C LEU D 343 33.61 -23.75 32.22
N ASN D 344 32.37 -23.26 32.29
CA ASN D 344 31.21 -24.11 32.11
C ASN D 344 30.16 -23.34 31.33
N LEU D 345 30.00 -23.69 30.05
CA LEU D 345 28.91 -23.15 29.26
C LEU D 345 27.62 -23.84 29.65
N VAL D 346 26.63 -23.06 30.08
CA VAL D 346 25.47 -23.61 30.76
C VAL D 346 24.20 -23.21 30.00
N THR D 347 23.12 -23.96 30.27
CA THR D 347 21.82 -23.67 29.68
C THR D 347 21.30 -22.34 30.21
N ASN D 348 20.34 -21.75 29.48
CA ASN D 348 19.85 -20.42 29.85
C ASN D 348 19.15 -20.42 31.21
N PRO D 349 18.15 -21.26 31.48
CA PRO D 349 17.76 -21.47 32.87
C PRO D 349 18.59 -22.58 33.49
N TYR D 350 19.04 -22.34 34.72
CA TYR D 350 19.85 -23.36 35.39
C TYR D 350 19.77 -23.15 36.89
N GLU D 351 19.92 -24.25 37.62
CA GLU D 351 19.92 -24.25 39.08
C GLU D 351 21.32 -24.64 39.55
N PHE D 352 22.17 -23.63 39.76
CA PHE D 352 23.51 -23.88 40.27
C PHE D 352 23.43 -24.28 41.74
N SER D 353 24.05 -25.41 42.07
CA SER D 353 24.14 -25.85 43.46
C SER D 353 25.50 -25.45 44.05
N TYR D 354 25.64 -24.14 44.28
CA TYR D 354 26.89 -23.56 44.76
C TYR D 354 27.04 -23.87 46.25
N ASN D 355 27.75 -24.96 46.54
CA ASN D 355 28.03 -25.40 47.91
C ASN D 355 26.75 -25.56 48.72
N GLY D 356 25.70 -26.06 48.07
CA GLY D 356 24.43 -26.31 48.70
C GLY D 356 23.41 -25.20 48.50
N VAL D 357 23.84 -24.00 48.15
CA VAL D 357 22.92 -22.89 47.93
C VAL D 357 22.36 -22.99 46.52
N ASP D 358 21.21 -23.66 46.39
CA ASP D 358 20.58 -23.85 45.09
C ASP D 358 20.04 -22.51 44.59
N VAL D 359 20.67 -21.97 43.55
CA VAL D 359 20.28 -20.70 42.96
C VAL D 359 19.77 -20.94 41.55
N LEU D 360 18.55 -20.49 41.29
CA LEU D 360 17.93 -20.60 39.98
C LEU D 360 18.13 -19.30 39.22
N ALA D 361 18.82 -19.38 38.08
CA ALA D 361 19.19 -18.19 37.31
C ALA D 361 18.50 -18.21 35.96
N VAL D 362 17.94 -17.07 35.59
CA VAL D 362 17.31 -16.88 34.29
C VAL D 362 17.89 -15.61 33.67
N SER D 363 18.08 -15.63 32.35
CA SER D 363 18.64 -14.47 31.66
C SER D 363 17.71 -13.26 31.73
N GLY D 364 16.43 -13.47 31.91
CA GLY D 364 15.48 -12.39 32.06
C GLY D 364 14.51 -12.17 30.91
N LYS D 365 14.20 -13.21 30.14
CA LYS D 365 13.26 -13.04 29.04
C LYS D 365 11.82 -13.21 29.48
N ASN D 366 11.59 -13.97 30.55
CA ASN D 366 10.21 -14.17 31.04
C ASN D 366 9.62 -12.86 31.52
N ILE D 367 10.34 -12.14 32.39
CA ILE D 367 9.83 -10.86 32.89
C ILE D 367 9.80 -9.83 31.77
N ASN D 368 10.81 -9.83 30.90
CA ASN D 368 10.83 -8.91 29.78
C ASN D 368 9.73 -9.20 28.76
N ASP D 369 9.23 -10.43 28.73
CA ASP D 369 8.08 -10.75 27.88
C ASP D 369 6.76 -10.47 28.56
N ILE D 370 6.72 -10.51 29.89
CA ILE D 370 5.51 -10.10 30.60
C ILE D 370 5.35 -8.58 30.52
N CYS D 371 6.45 -7.84 30.60
CA CYS D 371 6.39 -6.38 30.61
C CYS D 371 6.14 -5.77 29.24
N LYS D 372 6.17 -6.57 28.17
CA LYS D 372 5.82 -6.04 26.85
C LYS D 372 4.32 -6.00 26.61
N TYR D 373 3.52 -6.35 27.61
CA TYR D 373 2.07 -6.23 27.55
C TYR D 373 1.61 -5.02 28.35
N VAL D 374 0.39 -4.58 28.07
CA VAL D 374 -0.26 -3.52 28.82
C VAL D 374 -1.61 -4.08 29.30
N ILE D 375 -1.66 -4.49 30.56
CA ILE D 375 -2.87 -5.04 31.16
C ILE D 375 -3.67 -3.88 31.72
N PRO D 376 -4.88 -3.62 31.22
CA PRO D 376 -5.73 -2.55 31.77
C PRO D 376 -6.36 -2.92 33.11
N SER D 377 -5.52 -3.41 34.02
CA SER D 377 -5.94 -3.77 35.36
C SER D 377 -4.82 -3.34 36.33
N ASN D 378 -4.89 -3.85 37.55
CA ASN D 378 -3.89 -3.59 38.59
C ASN D 378 -3.81 -2.14 38.98
N ASP D 379 -4.76 -1.31 38.53
CA ASP D 379 -4.73 0.11 38.88
C ASP D 379 -5.05 0.33 40.35
N ASN D 380 -6.08 -0.34 40.85
CA ASN D 380 -6.45 -0.23 42.25
C ASN D 380 -5.68 -1.26 43.09
N LYS D 396 4.50 1.75 37.44
CA LYS D 396 4.69 1.85 35.99
C LYS D 396 6.16 1.69 35.62
N ASP D 397 6.55 0.47 35.27
CA ASP D 397 7.92 0.14 34.87
C ASP D 397 8.93 0.47 35.97
N ASP D 398 8.50 0.40 37.22
CA ASP D 398 9.36 0.69 38.36
C ASP D 398 10.08 -0.60 38.80
N ILE D 399 11.09 -0.42 39.64
CA ILE D 399 11.82 -1.58 40.17
C ILE D 399 10.92 -2.40 41.09
N GLU D 400 10.01 -1.75 41.82
CA GLU D 400 9.11 -2.49 42.69
C GLU D 400 8.10 -3.29 41.88
N HIS D 401 7.70 -2.80 40.71
CA HIS D 401 6.75 -3.54 39.88
C HIS D 401 7.37 -4.82 39.32
N ARG D 402 8.61 -4.73 38.84
CA ARG D 402 9.28 -5.92 38.34
C ARG D 402 9.60 -6.90 39.46
N LEU D 403 9.93 -6.38 40.65
CA LEU D 403 10.13 -7.27 41.80
C LEU D 403 8.83 -7.97 42.18
N ASP D 404 7.70 -7.26 42.09
CA ASP D 404 6.41 -7.91 42.33
C ASP D 404 6.11 -8.96 41.28
N LEU D 405 6.49 -8.68 40.02
CA LEU D 405 6.29 -9.67 38.96
C LEU D 405 7.11 -10.93 39.21
N MET D 406 8.36 -10.75 39.66
CA MET D 406 9.19 -11.91 39.97
C MET D 406 8.65 -12.67 41.18
N GLU D 407 8.17 -11.94 42.19
CA GLU D 407 7.56 -12.59 43.35
C GLU D 407 6.33 -13.38 42.97
N CYS D 408 5.55 -12.87 42.01
CA CYS D 408 4.36 -13.60 41.56
C CYS D 408 4.74 -14.80 40.71
N THR D 409 5.79 -14.66 39.89
CA THR D 409 6.31 -15.81 39.15
C THR D 409 6.73 -16.91 40.11
N MET D 410 7.36 -16.55 41.23
CA MET D 410 7.73 -17.54 42.23
C MET D 410 6.50 -18.07 42.97
N LYS D 411 5.47 -17.24 43.13
CA LYS D 411 4.26 -17.68 43.84
C LYS D 411 3.45 -18.65 42.99
N TRP D 412 3.24 -18.32 41.71
CA TRP D 412 2.48 -19.18 40.82
C TRP D 412 3.20 -20.47 40.48
N GLN D 413 4.47 -20.61 40.87
CA GLN D 413 5.28 -21.79 40.56
C GLN D 413 5.40 -22.02 39.06
N ASN D 414 5.41 -20.95 38.29
CA ASN D 414 5.57 -21.01 36.84
C ASN D 414 6.57 -19.94 36.43
N ILE D 415 7.71 -20.37 35.89
CA ILE D 415 8.76 -19.42 35.53
C ILE D 415 8.33 -18.56 34.35
N ALA D 416 7.59 -19.14 33.40
CA ALA D 416 7.15 -18.44 32.20
C ALA D 416 5.64 -18.45 32.12
N PRO D 417 4.97 -17.43 32.68
CA PRO D 417 3.50 -17.36 32.55
C PRO D 417 3.04 -17.11 31.12
N THR D 418 3.79 -16.36 30.34
CA THR D 418 3.44 -16.09 28.93
C THR D 418 4.14 -17.12 28.05
N ALA D 419 3.51 -18.28 27.94
CA ALA D 419 4.08 -19.37 27.15
C ALA D 419 4.23 -19.04 25.67
N PRO D 420 3.23 -18.48 24.98
CA PRO D 420 3.39 -18.24 23.53
C PRO D 420 4.48 -17.25 23.18
N ASP D 421 4.97 -16.47 24.14
CA ASP D 421 6.02 -15.49 23.87
C ASP D 421 7.41 -15.99 24.24
N THR D 422 7.55 -16.70 25.36
CA THR D 422 8.86 -17.19 25.79
C THR D 422 9.13 -18.61 25.32
N LEU D 423 8.16 -19.50 25.46
CA LEU D 423 8.37 -20.91 25.18
C LEU D 423 8.36 -21.18 23.68
N TRP D 424 8.80 -22.38 23.33
CA TRP D 424 8.86 -22.84 21.95
C TRP D 424 8.13 -24.16 21.83
N CYS D 425 7.88 -24.58 20.59
CA CYS D 425 7.29 -25.88 20.34
C CYS D 425 8.15 -26.98 20.94
N TYR D 426 7.49 -27.97 21.55
CA TYR D 426 8.14 -29.08 22.24
C TYR D 426 9.14 -28.59 23.27
N PRO D 427 8.69 -28.05 24.40
CA PRO D 427 9.62 -27.81 25.52
C PRO D 427 9.88 -29.10 26.29
N TYR D 428 8.90 -29.99 26.27
CA TYR D 428 8.97 -31.29 26.93
C TYR D 428 7.69 -32.04 26.59
N THR D 429 7.61 -33.29 27.03
CA THR D 429 6.44 -34.14 26.81
C THR D 429 6.00 -34.71 28.16
N ASP D 430 4.83 -34.31 28.61
CA ASP D 430 4.15 -34.77 29.83
C ASP D 430 4.85 -34.34 31.11
N LYS D 431 6.00 -33.67 31.03
CA LYS D 431 6.69 -33.17 32.22
C LYS D 431 7.37 -31.86 31.82
N ASP D 432 6.66 -30.75 32.01
CA ASP D 432 7.19 -29.45 31.60
C ASP D 432 8.29 -29.00 32.56
N PRO D 433 9.39 -28.44 32.05
CA PRO D 433 10.48 -28.01 32.94
C PRO D 433 10.25 -26.67 33.60
N PHE D 434 9.44 -25.78 33.01
CA PHE D 434 9.24 -24.46 33.58
C PHE D 434 8.30 -24.49 34.78
N VAL D 435 7.45 -25.51 34.90
CA VAL D 435 6.63 -25.68 36.08
C VAL D 435 7.53 -26.10 37.23
N LEU D 436 7.73 -25.20 38.19
CA LEU D 436 8.66 -25.44 39.28
C LEU D 436 8.24 -26.65 40.09
N ASP D 437 9.19 -27.57 40.31
CA ASP D 437 9.00 -28.71 41.20
C ASP D 437 9.75 -28.56 42.51
N LYS D 438 10.55 -27.50 42.66
CA LYS D 438 11.33 -27.29 43.86
C LYS D 438 11.74 -25.82 43.92
N TRP D 439 11.53 -25.20 45.07
CA TRP D 439 11.89 -23.79 45.24
C TRP D 439 13.39 -23.65 45.47
N PRO D 440 14.01 -22.67 44.82
CA PRO D 440 15.44 -22.41 45.06
C PRO D 440 15.67 -21.53 46.27
N HIS D 441 16.93 -21.23 46.57
CA HIS D 441 17.25 -20.29 47.64
C HIS D 441 17.38 -18.86 47.11
N VAL D 442 17.96 -18.70 45.93
CA VAL D 442 18.13 -17.40 45.30
C VAL D 442 17.57 -17.48 43.89
N TYR D 443 16.76 -16.49 43.52
CA TYR D 443 16.14 -16.41 42.21
C TYR D 443 16.67 -15.18 41.50
N ILE D 444 17.40 -15.39 40.40
CA ILE D 444 18.09 -14.32 39.70
C ILE D 444 17.44 -14.11 38.34
N VAL D 445 16.96 -12.90 38.09
CA VAL D 445 16.46 -12.49 36.78
C VAL D 445 17.29 -11.29 36.33
N ALA D 446 18.07 -11.48 35.27
CA ALA D 446 19.05 -10.51 34.84
C ALA D 446 18.54 -9.71 33.64
N ASN D 447 19.42 -8.87 33.11
CA ASN D 447 19.12 -8.01 31.95
C ASN D 447 17.90 -7.12 32.23
N GLN D 448 17.83 -6.59 33.45
CA GLN D 448 16.76 -5.71 33.87
C GLN D 448 17.24 -4.27 33.86
N PRO D 449 16.31 -3.30 33.72
CA PRO D 449 16.75 -1.89 33.72
C PRO D 449 17.35 -1.44 35.03
N TYR D 450 16.72 -1.79 36.15
CA TYR D 450 17.16 -1.36 37.48
C TYR D 450 17.65 -2.56 38.28
N PHE D 451 18.23 -2.26 39.44
CA PHE D 451 18.71 -3.27 40.37
C PHE D 451 17.88 -3.23 41.65
N GLY D 452 17.55 -4.41 42.15
CA GLY D 452 16.79 -4.50 43.39
C GLY D 452 16.71 -5.92 43.93
N THR D 453 16.70 -6.05 45.25
CA THR D 453 16.60 -7.34 45.91
C THR D 453 15.39 -7.35 46.82
N ARG D 454 14.87 -8.55 47.07
CA ARG D 454 13.70 -8.71 47.93
C ARG D 454 13.62 -10.16 48.39
N VAL D 455 13.48 -10.36 49.69
CA VAL D 455 13.25 -11.68 50.27
C VAL D 455 11.76 -11.83 50.53
N VAL D 456 11.18 -12.93 50.05
CA VAL D 456 9.75 -13.17 50.15
C VAL D 456 9.52 -14.43 50.95
N GLU D 457 8.46 -14.43 51.75
CA GLU D 457 8.08 -15.57 52.59
C GLU D 457 6.84 -16.21 51.99
N ILE D 458 7.01 -17.38 51.39
CA ILE D 458 5.92 -18.10 50.73
C ILE D 458 5.75 -19.43 51.44
N GLY D 459 4.73 -19.52 52.29
CA GLY D 459 4.41 -20.77 52.97
C GLY D 459 5.51 -21.28 53.87
N GLY D 460 6.00 -20.42 54.77
CA GLY D 460 7.05 -20.79 55.69
C GLY D 460 8.45 -20.84 55.10
N LYS D 461 8.59 -20.70 53.80
CA LYS D 461 9.89 -20.70 53.15
C LYS D 461 10.36 -19.26 52.93
N ASN D 462 11.56 -19.13 52.38
CA ASN D 462 12.14 -17.82 52.11
C ASN D 462 12.98 -17.89 50.85
N ILE D 463 12.63 -17.09 49.85
CA ILE D 463 13.36 -17.01 48.59
C ILE D 463 13.84 -15.58 48.42
N LYS D 464 15.11 -15.43 48.05
CA LYS D 464 15.70 -14.11 47.82
C LYS D 464 15.75 -13.86 46.32
N ILE D 465 15.02 -12.85 45.87
CA ILE D 465 14.96 -12.48 44.47
C ILE D 465 15.96 -11.36 44.22
N ILE D 466 16.70 -11.46 43.11
CA ILE D 466 17.72 -10.49 42.76
C ILE D 466 17.51 -10.07 41.31
N SER D 467 17.46 -8.76 41.08
CA SER D 467 17.30 -8.19 39.74
C SER D 467 18.64 -7.60 39.31
N VAL D 468 19.31 -8.28 38.39
CA VAL D 468 20.64 -7.87 37.94
C VAL D 468 20.51 -6.89 36.77
N PRO D 469 21.06 -5.69 36.88
CA PRO D 469 20.99 -4.73 35.78
C PRO D 469 22.03 -5.03 34.72
N GLU D 470 21.83 -4.40 33.56
CA GLU D 470 22.76 -4.57 32.45
C GLU D 470 24.10 -3.92 32.78
N PHE D 471 25.16 -4.47 32.20
CA PHE D 471 26.51 -3.93 32.41
C PHE D 471 26.90 -2.90 31.37
N SER D 472 26.20 -2.85 30.23
CA SER D 472 26.48 -1.83 29.22
C SER D 472 26.23 -0.44 29.78
N SER D 473 25.02 -0.18 30.26
CA SER D 473 24.68 1.05 30.95
C SER D 473 24.52 0.75 32.44
N THR D 474 25.06 1.63 33.28
CA THR D 474 25.09 1.44 34.73
C THR D 474 25.78 0.11 35.08
N GLY D 475 27.08 0.09 34.81
CA GLY D 475 27.87 -1.12 34.92
C GLY D 475 28.13 -1.56 36.35
N MET D 476 27.09 -2.01 37.03
CA MET D 476 27.20 -2.51 38.39
C MET D 476 27.44 -4.01 38.39
N ILE D 477 28.18 -4.48 39.39
CA ILE D 477 28.48 -5.89 39.57
C ILE D 477 27.98 -6.31 40.94
N ILE D 478 27.10 -7.31 40.98
CA ILE D 478 26.51 -7.77 42.22
C ILE D 478 27.40 -8.85 42.83
N LEU D 479 27.73 -8.70 44.10
CA LEU D 479 28.48 -9.69 44.86
C LEU D 479 27.53 -10.34 45.85
N LEU D 480 27.21 -11.61 45.62
CA LEU D 480 26.25 -12.35 46.42
C LEU D 480 26.99 -13.30 47.34
N ASP D 481 26.81 -13.11 48.65
CA ASP D 481 27.43 -14.00 49.62
C ASP D 481 26.63 -15.29 49.75
N LEU D 482 27.32 -16.35 50.17
CA LEU D 482 26.70 -17.66 50.33
C LEU D 482 26.57 -18.07 51.79
N GLU D 483 27.08 -17.28 52.73
CA GLU D 483 26.93 -17.58 54.14
C GLU D 483 25.71 -16.92 54.74
N THR D 484 25.28 -15.77 54.20
CA THR D 484 24.11 -15.08 54.71
C THR D 484 23.19 -14.57 53.60
N LEU D 485 23.54 -14.76 52.33
CA LEU D 485 22.74 -14.31 51.19
C LEU D 485 22.49 -12.80 51.27
N GLU D 486 23.58 -12.03 51.24
CA GLU D 486 23.53 -10.58 51.24
C GLU D 486 24.20 -10.07 49.97
N ALA D 487 23.44 -9.37 49.14
CA ALA D 487 23.92 -8.90 47.85
C ALA D 487 24.39 -7.46 47.96
N GLU D 488 25.64 -7.22 47.55
CA GLU D 488 26.22 -5.89 47.49
C GLU D 488 26.64 -5.60 46.06
N THR D 489 26.64 -4.32 45.70
CA THR D 489 26.92 -3.89 44.34
C THR D 489 28.26 -3.17 44.26
N VAL D 490 28.86 -3.24 43.08
CA VAL D 490 30.14 -2.60 42.79
C VAL D 490 29.97 -1.84 41.48
N LYS D 491 29.97 -0.52 41.55
CA LYS D 491 29.81 0.31 40.36
C LYS D 491 31.16 0.60 39.74
N ILE D 492 31.17 0.71 38.41
CA ILE D 492 32.39 0.99 37.64
C ILE D 492 32.08 2.13 36.69
N ASP D 493 32.82 3.23 36.82
CA ASP D 493 32.63 4.39 35.96
C ASP D 493 33.90 4.69 35.16
N MET E 1 62.50 -1.18 39.86
CA MET E 1 63.90 -0.78 39.77
C MET E 1 64.03 0.70 39.43
N ASP E 2 62.94 1.26 38.90
CA ASP E 2 62.80 2.67 38.51
C ASP E 2 63.67 3.04 37.32
N GLN E 3 64.49 2.13 36.81
CA GLN E 3 65.31 2.36 35.63
C GLN E 3 64.80 1.61 34.41
N LYS E 4 64.50 0.32 34.56
CA LYS E 4 63.90 -0.43 33.47
C LYS E 4 62.47 0.04 33.21
N ALA E 5 61.73 0.36 34.28
CA ALA E 5 60.35 0.80 34.13
C ALA E 5 60.28 2.14 33.39
N SER E 6 61.15 3.08 33.73
CA SER E 6 61.15 4.37 33.06
C SER E 6 61.47 4.23 31.58
N TYR E 7 62.47 3.42 31.24
CA TYR E 7 62.82 3.20 29.85
C TYR E 7 61.68 2.52 29.09
N PHE E 8 61.06 1.51 29.70
CA PHE E 8 59.95 0.83 29.06
C PHE E 8 58.78 1.77 28.81
N ILE E 9 58.46 2.62 29.79
CA ILE E 9 57.34 3.55 29.64
C ILE E 9 57.66 4.59 28.57
N ASN E 10 58.89 5.12 28.57
CA ASN E 10 59.28 6.08 27.55
C ASN E 10 59.17 5.46 26.16
N GLU E 11 59.64 4.23 26.00
CA GLU E 11 59.55 3.55 24.71
C GLU E 11 58.10 3.39 24.28
N LYS E 12 57.29 2.74 25.12
CA LYS E 12 55.90 2.47 24.77
C LYS E 12 55.04 3.73 24.73
N LEU E 13 55.56 4.88 25.13
CA LEU E 13 54.82 6.12 25.02
C LEU E 13 55.24 6.97 23.83
N PHE E 14 56.51 6.92 23.44
CA PHE E 14 57.00 7.81 22.39
C PHE E 14 57.44 7.10 21.12
N THR E 15 58.13 5.96 21.22
CA THR E 15 58.54 5.26 20.01
C THR E 15 57.39 4.44 19.44
N GLU E 16 56.88 3.49 20.22
CA GLU E 16 55.67 2.75 19.87
C GLU E 16 54.51 3.43 20.58
N VAL E 17 53.93 4.42 19.89
CA VAL E 17 52.94 5.30 20.51
C VAL E 17 51.68 4.51 20.85
N LYS E 18 51.49 4.26 22.14
CA LYS E 18 50.37 3.46 22.64
C LYS E 18 50.16 3.80 24.10
N PRO E 19 48.92 3.75 24.58
CA PRO E 19 48.68 4.00 26.02
C PRO E 19 49.19 2.84 26.86
N VAL E 20 50.03 3.15 27.84
CA VAL E 20 50.63 2.15 28.70
C VAL E 20 49.88 2.11 30.03
N LEU E 21 49.46 0.91 30.43
CA LEU E 21 48.78 0.69 31.70
C LEU E 21 49.76 0.19 32.74
N PHE E 22 49.32 0.21 34.00
CA PHE E 22 50.17 -0.32 35.06
C PHE E 22 50.21 -1.85 35.04
N THR E 23 49.16 -2.49 34.51
CA THR E 23 49.20 -3.94 34.33
C THR E 23 50.26 -4.34 33.30
N ASP E 24 50.55 -3.46 32.34
CA ASP E 24 51.66 -3.71 31.43
C ASP E 24 52.98 -3.75 32.18
N LEU E 25 53.16 -2.85 33.14
CA LEU E 25 54.36 -2.91 33.99
C LEU E 25 54.36 -4.17 34.84
N ILE E 26 53.19 -4.58 35.34
CA ILE E 26 53.10 -5.83 36.09
C ILE E 26 53.59 -7.00 35.25
N HIS E 27 53.15 -7.07 34.00
CA HIS E 27 53.50 -8.20 33.15
C HIS E 27 54.94 -8.11 32.64
N HIS E 28 55.49 -6.91 32.49
CA HIS E 28 56.83 -6.77 31.93
C HIS E 28 57.91 -6.91 32.99
N LEU E 29 57.65 -6.44 34.21
CA LEU E 29 58.65 -6.46 35.27
C LEU E 29 58.42 -7.56 36.29
N LYS E 30 57.30 -8.28 36.20
CA LYS E 30 56.95 -9.35 37.14
C LYS E 30 56.94 -8.82 38.58
N ILE E 31 56.06 -7.84 38.81
CA ILE E 31 55.93 -7.20 40.10
C ILE E 31 54.47 -7.19 40.50
N GLY E 32 54.22 -6.82 41.76
CA GLY E 32 52.87 -6.76 42.28
C GLY E 32 52.14 -5.52 41.82
N PRO E 33 50.83 -5.49 42.09
CA PRO E 33 50.03 -4.33 41.67
C PRO E 33 50.39 -3.06 42.41
N SER E 34 50.69 -3.14 43.71
CA SER E 34 51.04 -1.94 44.47
C SER E 34 52.38 -1.38 44.00
N MET E 35 53.37 -2.25 43.76
CA MET E 35 54.65 -1.78 43.27
C MET E 35 54.51 -1.15 41.88
N ALA E 36 53.60 -1.67 41.05
CA ALA E 36 53.37 -1.07 39.76
C ALA E 36 52.79 0.33 39.89
N LYS E 37 51.85 0.52 40.82
CA LYS E 37 51.30 1.86 41.06
C LYS E 37 52.37 2.80 41.59
N LYS E 38 53.25 2.30 42.46
CA LYS E 38 54.34 3.14 42.97
C LYS E 38 55.28 3.56 41.84
N LEU E 39 55.61 2.63 40.93
CA LEU E 39 56.47 2.97 39.81
C LEU E 39 55.79 3.95 38.86
N MET E 40 54.48 3.77 38.63
CA MET E 40 53.76 4.72 37.79
C MET E 40 53.75 6.11 38.39
N PHE E 41 53.57 6.21 39.71
CA PHE E 41 53.62 7.52 40.35
C PHE E 41 55.02 8.11 40.30
N ASP E 42 56.05 7.28 40.47
CA ASP E 42 57.42 7.78 40.39
C ASP E 42 57.73 8.30 39.00
N TYR E 43 57.21 7.64 37.96
CA TYR E 43 57.39 8.16 36.61
C TYR E 43 56.56 9.41 36.38
N TYR E 44 55.41 9.52 37.05
CA TYR E 44 54.65 10.77 36.99
C TYR E 44 55.42 11.91 37.62
N LYS E 45 56.21 11.63 38.64
CA LYS E 45 57.17 12.61 39.13
C LYS E 45 58.32 12.74 38.13
N GLN E 46 59.25 13.64 38.43
CA GLN E 46 60.41 13.95 37.58
C GLN E 46 60.03 13.96 36.10
N THR E 47 59.09 14.86 35.77
CA THR E 47 58.47 14.88 34.46
C THR E 47 58.60 16.26 33.79
N THR E 48 59.81 16.83 33.82
CA THR E 48 60.04 18.14 33.22
C THR E 48 59.57 18.18 31.76
N ASN E 49 59.70 17.08 31.04
CA ASN E 49 59.20 16.94 29.67
C ASN E 49 57.89 16.15 29.74
N ALA E 50 56.80 16.84 30.05
CA ALA E 50 55.50 16.20 30.20
C ALA E 50 54.73 16.30 28.89
N LYS E 51 54.62 15.18 28.19
CA LYS E 51 53.93 15.11 26.91
C LYS E 51 52.95 13.94 26.88
N TYR E 52 52.21 13.77 27.97
CA TYR E 52 51.20 12.71 28.06
C TYR E 52 50.05 13.19 28.93
N ASN E 53 48.95 12.44 28.89
CA ASN E 53 47.76 12.71 29.69
C ASN E 53 47.57 11.54 30.65
N CYS E 54 47.78 11.79 31.93
CA CYS E 54 47.63 10.75 32.93
C CYS E 54 46.15 10.42 33.14
N VAL E 55 45.85 9.13 33.30
CA VAL E 55 44.51 8.65 33.55
C VAL E 55 44.46 8.16 34.99
N VAL E 56 43.80 8.93 35.85
CA VAL E 56 43.77 8.67 37.28
C VAL E 56 42.41 8.10 37.65
N ILE E 57 42.41 6.99 38.37
CA ILE E 57 41.18 6.41 38.90
C ILE E 57 41.31 6.31 40.42
N CYS E 58 40.17 6.39 41.10
CA CYS E 58 40.14 6.34 42.55
C CYS E 58 39.01 5.43 43.01
N CYS E 59 39.26 4.70 44.09
CA CYS E 59 38.29 3.76 44.65
C CYS E 59 37.71 4.36 45.92
N TYR E 60 36.41 4.66 45.88
CA TYR E 60 35.72 5.17 47.06
C TYR E 60 35.30 4.02 47.95
N LYS E 61 34.64 4.36 49.07
CA LYS E 61 34.02 3.34 49.89
C LYS E 61 32.78 2.79 49.20
N ASP E 62 32.16 1.79 49.81
CA ASP E 62 31.03 1.06 49.22
C ASP E 62 31.39 0.41 47.90
N GLN E 63 32.69 0.21 47.65
CA GLN E 63 33.18 -0.48 46.46
C GLN E 63 32.72 0.19 45.17
N THR E 64 33.18 1.43 44.99
CA THR E 64 32.92 2.19 43.77
C THR E 64 34.24 2.55 43.10
N ILE E 65 34.26 2.45 41.77
CA ILE E 65 35.45 2.74 40.97
C ILE E 65 35.08 3.78 39.95
N LYS E 66 35.83 4.89 39.93
CA LYS E 66 35.57 6.00 39.02
C LYS E 66 36.85 6.39 38.30
N ILE E 67 36.68 6.93 37.09
CA ILE E 67 37.77 7.49 36.31
C ILE E 67 37.60 8.99 36.29
N ILE E 68 38.56 9.71 36.86
CA ILE E 68 38.45 11.16 37.01
C ILE E 68 38.67 11.82 35.66
N HIS E 69 37.73 12.69 35.27
CA HIS E 69 37.81 13.43 34.02
C HIS E 69 38.05 14.92 34.21
N ASP E 70 37.35 15.56 35.15
CA ASP E 70 37.49 17.00 35.33
C ASP E 70 38.74 17.36 36.11
N LEU E 71 39.16 16.50 37.06
CA LEU E 71 40.33 16.72 37.92
C LEU E 71 40.23 18.00 38.74
N SER E 72 39.03 18.56 38.88
CA SER E 72 38.83 19.76 39.68
C SER E 72 37.75 19.62 40.74
N ASN E 73 36.73 18.80 40.49
CA ASN E 73 35.65 18.55 41.45
C ASN E 73 35.56 17.04 41.66
N ILE E 74 36.34 16.54 42.62
CA ILE E 74 36.36 15.12 42.94
C ILE E 74 35.28 14.87 44.00
N PRO E 75 34.22 14.11 43.69
CA PRO E 75 33.13 13.96 44.65
C PRO E 75 33.51 13.05 45.81
N GLN E 76 33.14 13.47 47.02
CA GLN E 76 33.33 12.70 48.24
C GLN E 76 34.81 12.32 48.43
N GLN E 77 35.63 13.36 48.60
CA GLN E 77 37.06 13.13 48.82
C GLN E 77 37.34 12.46 50.16
N ASP E 78 36.40 12.50 51.09
CA ASP E 78 36.60 11.85 52.38
C ASP E 78 36.39 10.34 52.31
N SER E 79 35.58 9.88 51.36
CA SER E 79 35.30 8.45 51.21
C SER E 79 36.31 7.74 50.32
N ILE E 80 37.32 8.43 49.82
CA ILE E 80 38.31 7.80 48.96
C ILE E 80 39.23 6.94 49.79
N ILE E 81 39.30 5.65 49.46
CA ILE E 81 40.20 4.73 50.14
C ILE E 81 41.48 4.47 49.33
N ASP E 82 41.49 4.82 48.05
CA ASP E 82 42.67 4.65 47.21
C ASP E 82 42.51 5.50 45.96
N CYS E 83 43.64 6.01 45.47
CA CYS E 83 43.64 6.83 44.26
C CYS E 83 45.02 6.73 43.62
N PHE E 84 45.10 6.02 42.49
CA PHE E 84 46.36 5.76 41.82
C PHE E 84 46.23 6.11 40.35
N ILE E 85 47.36 6.05 39.65
CA ILE E 85 47.42 6.35 38.23
C ILE E 85 47.19 5.06 37.45
N TYR E 86 46.21 5.07 36.55
CA TYR E 86 45.86 3.87 35.80
C TYR E 86 46.66 3.73 34.51
N ALA E 87 46.90 4.82 33.80
CA ALA E 87 47.58 4.74 32.51
C ALA E 87 48.11 6.11 32.12
N PHE E 88 49.06 6.10 31.20
CA PHE E 88 49.60 7.31 30.58
C PHE E 88 49.18 7.32 29.12
N ASN E 89 48.37 8.30 28.74
CA ASN E 89 47.83 8.38 27.39
C ASN E 89 48.49 9.52 26.65
N PRO E 90 49.16 9.26 25.53
CA PRO E 90 49.76 10.36 24.75
C PRO E 90 48.72 11.15 23.98
N MET E 91 47.64 10.49 23.59
CA MET E 91 46.56 11.13 22.84
C MET E 91 45.49 11.66 23.78
N ASP E 92 44.39 12.14 23.21
CA ASP E 92 43.26 12.62 23.99
C ASP E 92 42.22 11.52 24.21
N SER E 93 41.86 10.80 23.16
CA SER E 93 40.92 9.69 23.29
C SER E 93 41.66 8.47 23.84
N PHE E 94 41.21 7.98 25.00
CA PHE E 94 41.91 6.90 25.68
C PHE E 94 41.91 5.63 24.84
N ILE E 95 40.74 5.00 24.68
CA ILE E 95 40.48 3.89 23.75
C ILE E 95 41.66 2.94 23.67
N PRO E 96 41.95 2.16 24.71
CA PRO E 96 43.10 1.24 24.63
C PRO E 96 42.82 0.03 23.77
N TYR E 97 43.81 -0.86 23.67
CA TYR E 97 43.65 -2.14 22.98
C TYR E 97 44.10 -3.26 23.90
N TYR E 98 43.36 -4.36 23.86
CA TYR E 98 43.59 -5.49 24.75
C TYR E 98 43.90 -6.72 23.91
N ASP E 99 44.99 -7.41 24.25
CA ASP E 99 45.45 -8.57 23.51
C ASP E 99 45.63 -9.74 24.48
N ILE E 100 46.04 -10.88 23.92
CA ILE E 100 46.27 -12.07 24.73
C ILE E 100 47.48 -11.85 25.63
N ILE E 101 47.34 -12.22 26.90
CA ILE E 101 48.40 -12.10 27.89
C ILE E 101 48.66 -13.47 28.50
N ASP E 102 49.92 -13.87 28.55
CA ASP E 102 50.32 -15.14 29.13
C ASP E 102 50.69 -14.90 30.59
N GLN E 103 49.70 -15.00 31.48
CA GLN E 103 49.89 -14.75 32.90
C GLN E 103 50.37 -16.04 33.58
N LYS E 104 51.61 -16.40 33.28
CA LYS E 104 52.17 -17.65 33.79
C LYS E 104 52.67 -17.49 35.23
N ASP E 105 53.29 -16.35 35.56
CA ASP E 105 53.80 -16.15 36.90
C ASP E 105 53.52 -14.75 37.44
N CYS E 106 52.73 -13.94 36.73
CA CYS E 106 52.38 -12.60 37.19
C CYS E 106 51.05 -12.55 37.91
N LEU E 107 50.54 -13.70 38.37
CA LEU E 107 49.24 -13.77 39.03
C LEU E 107 49.40 -13.62 40.53
N THR E 108 48.54 -12.80 41.13
CA THR E 108 48.48 -12.66 42.58
C THR E 108 47.40 -13.51 43.22
N ILE E 109 46.42 -13.97 42.45
CA ILE E 109 45.35 -14.84 42.94
C ILE E 109 45.12 -15.94 41.90
N LYS E 110 45.21 -17.19 42.33
CA LYS E 110 44.96 -18.34 41.48
C LYS E 110 43.66 -19.02 41.88
N ASN E 111 42.95 -19.55 40.89
CA ASN E 111 41.74 -20.31 41.18
C ASN E 111 42.09 -21.64 41.83
N SER E 112 41.13 -22.18 42.59
CA SER E 112 41.38 -23.41 43.35
C SER E 112 41.67 -24.60 42.45
N TYR E 113 41.20 -24.58 41.21
CA TYR E 113 41.41 -25.67 40.28
C TYR E 113 42.60 -25.36 39.37
N GLU E 114 43.25 -26.43 38.91
CA GLU E 114 44.38 -26.33 37.99
C GLU E 114 43.95 -26.80 36.61
N LEU E 115 44.53 -26.20 35.59
CA LEU E 115 44.22 -26.58 34.21
C LEU E 115 44.72 -27.99 33.94
N LYS E 116 43.80 -28.87 33.55
CA LYS E 116 44.11 -30.27 33.25
C LYS E 116 44.27 -30.43 31.75
N VAL E 117 45.46 -30.84 31.33
CA VAL E 117 45.75 -31.03 29.91
C VAL E 117 46.09 -32.48 29.62
#